data_2P0X
#
_entry.id   2P0X
#
_cell.length_a   1.000
_cell.length_b   1.000
_cell.length_c   1.000
_cell.angle_alpha   90.00
_cell.angle_beta   90.00
_cell.angle_gamma   90.00
#
_symmetry.space_group_name_H-M   'P 1'
#
loop_
_entity.id
_entity.type
_entity.pdbx_description
1 polymer 'abiotic ATP-binding, folding optimized protein'
2 non-polymer 'ZINC ION'
3 non-polymer "ADENOSINE-5'-TRIPHOSPHATE"
#
_entity_poly.entity_id   1
_entity_poly.type   'polypeptide(L)'
_entity_poly.pdbx_seq_one_letter_code
;GSFRVKPCVVCKVAPRDWRVKNRHLRIYNMCKTCFNNSIKSGDDTYHGHVDWLMYTDAKEFSST
;
_entity_poly.pdbx_strand_id   A
#
loop_
_chem_comp.id
_chem_comp.type
_chem_comp.name
_chem_comp.formula
ATP non-polymer ADENOSINE-5'-TRIPHOSPHATE 'C10 H16 N5 O13 P3'
ZN non-polymer 'ZINC ION' 'Zn 2'
#
# COMPACT_ATOMS: atom_id res chain seq x y z
N GLY A 1 20.41 -4.41 4.85
CA GLY A 1 19.28 -5.13 4.20
C GLY A 1 18.04 -4.24 4.20
N SER A 2 17.24 -4.35 5.26
CA SER A 2 16.03 -3.54 5.37
C SER A 2 16.38 -2.09 5.68
N PHE A 3 15.40 -1.21 5.54
CA PHE A 3 15.61 0.21 5.82
C PHE A 3 14.51 0.74 6.72
N ARG A 4 13.89 1.84 6.29
CA ARG A 4 12.81 2.44 7.07
C ARG A 4 11.47 2.19 6.40
N VAL A 5 11.51 1.46 5.28
CA VAL A 5 10.29 1.14 4.55
C VAL A 5 9.33 0.34 5.41
N LYS A 6 8.13 0.09 4.89
CA LYS A 6 7.12 -0.67 5.62
C LYS A 6 6.40 -1.64 4.69
N PRO A 7 6.79 -2.90 4.69
CA PRO A 7 6.16 -3.93 3.82
C PRO A 7 4.83 -4.43 4.40
N CYS A 8 4.08 -5.18 3.59
CA CYS A 8 2.80 -5.71 4.02
C CYS A 8 2.97 -6.52 5.30
N VAL A 9 1.84 -6.85 5.94
CA VAL A 9 1.89 -7.63 7.17
C VAL A 9 0.97 -8.83 7.07
N VAL A 10 -0.13 -8.68 6.34
CA VAL A 10 -1.08 -9.76 6.17
C VAL A 10 -0.43 -10.94 5.44
N CYS A 11 0.68 -10.65 4.75
CA CYS A 11 1.42 -11.68 4.04
C CYS A 11 2.87 -11.70 4.48
N LYS A 12 3.37 -10.54 4.89
CA LYS A 12 4.74 -10.41 5.37
C LYS A 12 5.70 -11.03 4.36
N VAL A 13 5.14 -11.47 3.26
CA VAL A 13 5.94 -12.08 2.21
C VAL A 13 6.04 -11.18 1.00
N ALA A 14 5.39 -10.01 1.10
CA ALA A 14 5.40 -9.06 0.01
C ALA A 14 5.55 -7.63 0.51
N PRO A 15 6.09 -6.76 -0.30
CA PRO A 15 6.29 -5.33 0.07
C PRO A 15 4.99 -4.55 0.07
N ARG A 16 4.41 -4.35 -1.12
CA ARG A 16 3.15 -3.62 -1.23
C ARG A 16 2.95 -3.12 -2.66
N ASP A 17 1.96 -3.68 -3.34
CA ASP A 17 1.67 -3.27 -4.71
C ASP A 17 1.97 -1.78 -4.90
N TRP A 18 2.33 -1.42 -6.12
CA TRP A 18 2.64 -0.02 -6.43
C TRP A 18 2.11 0.38 -7.80
N ARG A 19 1.92 1.54 -8.03
CA ARG A 19 1.42 2.07 -9.30
C ARG A 19 2.14 3.38 -9.63
N VAL A 20 2.10 3.92 -10.84
CA VAL A 20 2.76 5.15 -11.25
C VAL A 20 1.73 6.24 -11.54
N LYS A 21 1.90 7.39 -10.89
CA LYS A 21 0.97 8.50 -11.06
C LYS A 21 1.69 9.73 -11.62
N ASN A 22 1.59 9.91 -12.92
CA ASN A 22 2.21 11.06 -13.59
C ASN A 22 3.44 11.57 -12.85
N ARG A 23 4.61 11.06 -13.21
CA ARG A 23 5.87 11.49 -12.60
C ARG A 23 5.96 11.07 -11.14
N HIS A 24 4.83 10.65 -10.56
CA HIS A 24 4.83 10.25 -9.17
C HIS A 24 4.64 8.73 -9.04
N LEU A 25 5.11 8.19 -7.93
CA LEU A 25 4.97 6.76 -7.68
C LEU A 25 3.97 6.53 -6.57
N ARG A 26 2.99 5.54 -6.86
CA ARG A 26 1.99 5.28 -5.84
C ARG A 26 2.16 3.88 -5.26
N ILE A 27 2.27 3.82 -3.94
CA ILE A 27 2.40 2.54 -3.26
C ILE A 27 1.13 2.23 -2.49
N TYR A 28 0.94 1.10 -2.10
CA TYR A 28 -0.24 0.68 -1.37
C TYR A 28 0.14 0.12 -0.01
N ASN A 29 -0.81 0.08 0.91
CA ASN A 29 -0.54 -0.44 2.25
C ASN A 29 -0.69 -1.96 2.29
N MET A 30 -1.30 -2.51 1.26
CA MET A 30 -1.49 -3.96 1.18
C MET A 30 -1.27 -4.47 -0.23
N CYS A 31 -0.59 -5.59 -0.36
CA CYS A 31 -0.32 -6.17 -1.67
C CYS A 31 -1.62 -6.42 -2.42
N LYS A 32 -1.50 -6.76 -3.70
CA LYS A 32 -2.68 -7.02 -4.52
C LYS A 32 -3.54 -8.12 -3.91
N THR A 33 -2.89 -9.16 -3.42
CA THR A 33 -3.61 -10.27 -2.80
C THR A 33 -4.32 -9.82 -1.54
N CYS A 34 -3.54 -9.46 -0.53
CA CYS A 34 -4.11 -9.01 0.73
C CYS A 34 -5.02 -7.81 0.49
N PHE A 35 -4.74 -7.05 -0.56
CA PHE A 35 -5.54 -5.88 -0.89
C PHE A 35 -6.98 -6.31 -1.15
N ASN A 36 -7.12 -7.31 -2.02
CA ASN A 36 -8.43 -7.84 -2.34
C ASN A 36 -9.01 -8.49 -1.10
N ASN A 37 -8.15 -9.18 -0.37
CA ASN A 37 -8.55 -9.84 0.86
C ASN A 37 -8.91 -8.78 1.90
N SER A 38 -8.20 -7.66 1.84
CA SER A 38 -8.47 -6.57 2.77
C SER A 38 -9.92 -6.17 2.63
N ILE A 39 -10.43 -6.32 1.42
CA ILE A 39 -11.83 -6.00 1.17
C ILE A 39 -12.67 -6.96 1.96
N LYS A 40 -12.17 -8.18 2.06
CA LYS A 40 -12.84 -9.22 2.81
C LYS A 40 -12.62 -9.03 4.30
N SER A 41 -11.37 -9.25 4.70
CA SER A 41 -10.97 -9.11 6.09
C SER A 41 -11.01 -7.65 6.51
N GLY A 42 -10.34 -6.80 5.74
CA GLY A 42 -10.26 -5.38 6.04
C GLY A 42 -11.63 -4.74 5.93
N ASP A 43 -12.31 -5.01 4.82
CA ASP A 43 -13.63 -4.43 4.59
C ASP A 43 -13.56 -2.91 4.59
N ASP A 44 -12.95 -2.35 5.62
CA ASP A 44 -12.81 -0.90 5.74
C ASP A 44 -11.66 -0.55 6.69
N THR A 45 -10.46 -1.04 6.36
CA THR A 45 -9.29 -0.77 7.20
C THR A 45 -8.00 -0.94 6.41
N TYR A 46 -6.89 -0.55 7.03
CA TYR A 46 -5.58 -0.67 6.39
C TYR A 46 -5.60 -0.03 5.01
N HIS A 47 -6.73 0.56 4.64
CA HIS A 47 -6.87 1.20 3.33
C HIS A 47 -6.07 2.50 3.31
N GLY A 48 -4.91 2.46 2.65
CA GLY A 48 -4.06 3.65 2.56
C GLY A 48 -3.00 3.47 1.48
N HIS A 49 -2.54 4.58 0.90
CA HIS A 49 -1.52 4.52 -0.14
C HIS A 49 -0.55 5.67 0.00
N VAL A 50 0.66 5.66 -0.55
CA VAL A 50 1.68 6.70 -0.47
C VAL A 50 2.10 7.14 -1.87
N ASP A 51 2.15 8.33 -2.14
CA ASP A 51 2.56 8.85 -3.43
C ASP A 51 3.90 9.56 -3.32
N TRP A 52 4.80 9.24 -4.23
CA TRP A 52 6.12 9.85 -4.24
C TRP A 52 6.24 10.80 -5.43
N LEU A 53 6.77 11.99 -5.18
CA LEU A 53 6.92 12.96 -6.26
C LEU A 53 8.39 13.11 -6.61
N MET A 54 8.66 13.62 -7.80
CA MET A 54 10.02 13.80 -8.24
C MET A 54 10.64 14.94 -7.47
N TYR A 55 10.25 15.06 -6.19
CA TYR A 55 10.77 16.13 -5.35
C TYR A 55 10.38 15.92 -3.89
N THR A 56 9.15 15.47 -3.64
CA THR A 56 8.68 15.26 -2.27
C THR A 56 7.86 13.99 -2.15
N ASP A 57 7.69 13.51 -0.92
CA ASP A 57 6.91 12.31 -0.66
C ASP A 57 5.61 12.69 0.04
N ALA A 58 4.55 11.91 -0.17
CA ALA A 58 3.27 12.22 0.44
C ALA A 58 2.56 10.96 0.92
N LYS A 59 1.62 11.14 1.85
CA LYS A 59 0.85 10.04 2.40
C LYS A 59 -0.63 10.34 2.32
N GLU A 60 -1.44 9.34 2.00
CA GLU A 60 -2.88 9.53 1.93
C GLU A 60 -3.60 8.34 2.51
N PHE A 61 -3.67 8.27 3.84
CA PHE A 61 -4.33 7.17 4.52
C PHE A 61 -5.77 7.55 4.85
N SER A 62 -6.06 7.72 6.14
CA SER A 62 -7.41 8.07 6.58
C SER A 62 -7.95 9.23 5.75
N SER A 63 -8.83 8.92 4.81
CA SER A 63 -9.42 9.95 3.95
C SER A 63 -10.88 10.18 4.34
N THR A 64 -11.62 9.11 4.54
CA THR A 64 -13.02 9.21 4.91
C THR A 64 -13.78 10.08 3.91
ZN ZN B . 0.28 -8.73 1.57
PG ATP C . -7.49 7.78 -9.96
O1G ATP C . -8.60 7.20 -10.75
O2G ATP C . -7.86 9.30 -9.57
O3G ATP C . -6.13 7.75 -10.82
PB ATP C . -6.79 5.45 -9.06
O1B ATP C . -7.34 5.13 -10.41
O2B ATP C . -5.18 5.42 -9.13
O3B ATP C . -7.29 6.92 -8.62
PA ATP C . -6.65 4.75 -6.59
O1A ATP C . -6.80 6.21 -6.35
O2A ATP C . -5.09 4.36 -6.57
O3A ATP C . -7.31 4.36 -8.00
O5' ATP C . -7.43 3.95 -5.41
C5' ATP C . -6.57 3.96 -4.26
C4' ATP C . -7.36 4.40 -3.03
O4' ATP C . -8.02 3.27 -2.39
C3' ATP C . -6.45 5.03 -1.97
O3' ATP C . -7.12 6.08 -1.28
C2' ATP C . -6.09 3.86 -1.05
O2' ATP C . -6.12 4.26 0.32
C1' ATP C . -7.12 2.75 -1.37
N9 ATP C . -6.43 1.55 -1.85
C8 ATP C . -6.51 1.04 -3.12
N7 ATP C . -5.67 0.05 -3.25
C5 ATP C . -5.17 -0.26 -2.04
C6 ATP C . -4.34 -1.29 -1.52
N6 ATP C . -3.96 -2.36 -2.32
N1 ATP C . -3.90 -1.19 -0.24
C2 ATP C . -4.39 -0.29 0.61
N3 ATP C . -5.22 0.67 0.18
C4 ATP C . -5.62 0.72 -1.12
H5'1 ATP C . -6.17 2.95 -4.10
H5'2 ATP C . -5.75 4.66 -4.43
H4' ATP C . -8.09 5.13 -3.39
H3' ATP C . -5.56 5.50 -2.40
HO3' ATP C . -7.22 5.85 -0.35
H2' ATP C . -5.07 3.50 -1.22
HO2' ATP C . -5.23 4.38 0.65
H1' ATP C . -7.67 2.48 -0.47
H8 ATP C . -7.26 1.71 -3.55
HN61 ATP C . -3.71 -3.14 -1.73
HN62 ATP C . -3.17 -2.10 -2.89
H2 ATP C . -4.46 0.13 1.62
N GLY A 1 12.60 1.15 20.10
CA GLY A 1 11.24 0.91 20.66
C GLY A 1 10.22 0.89 19.53
N SER A 2 10.61 0.30 18.40
CA SER A 2 9.72 0.22 17.25
C SER A 2 10.11 -0.95 16.36
N PHE A 3 9.47 -1.03 15.19
CA PHE A 3 9.76 -2.10 14.25
C PHE A 3 10.24 -1.53 12.92
N ARG A 4 10.44 -2.39 11.94
CA ARG A 4 10.90 -1.96 10.63
C ARG A 4 9.86 -2.25 9.56
N VAL A 5 8.89 -3.09 9.91
CA VAL A 5 7.84 -3.45 8.98
C VAL A 5 7.48 -2.26 8.08
N LYS A 6 8.11 -2.18 6.92
CA LYS A 6 7.85 -1.10 5.99
C LYS A 6 6.86 -1.54 4.92
N PRO A 7 7.04 -2.71 4.38
CA PRO A 7 6.14 -3.26 3.33
C PRO A 7 4.88 -3.91 3.92
N CYS A 8 4.16 -4.67 3.10
CA CYS A 8 2.94 -5.32 3.57
C CYS A 8 3.20 -6.01 4.91
N VAL A 9 2.13 -6.45 5.56
CA VAL A 9 2.27 -7.11 6.86
C VAL A 9 1.37 -8.34 6.93
N VAL A 10 0.36 -8.39 6.07
CA VAL A 10 -0.55 -9.52 6.07
C VAL A 10 0.06 -10.68 5.28
N CYS A 11 1.11 -10.38 4.55
CA CYS A 11 1.81 -11.40 3.76
C CYS A 11 3.28 -11.35 4.12
N LYS A 12 3.74 -10.17 4.53
CA LYS A 12 5.13 -9.97 4.94
C LYS A 12 6.06 -10.71 3.99
N VAL A 13 5.50 -11.16 2.89
CA VAL A 13 6.29 -11.86 1.88
C VAL A 13 6.38 -11.00 0.63
N ALA A 14 5.54 -9.97 0.59
CA ALA A 14 5.51 -9.07 -0.54
C ALA A 14 5.86 -7.65 -0.12
N PRO A 15 6.29 -6.85 -1.05
CA PRO A 15 6.65 -5.42 -0.77
C PRO A 15 5.41 -4.57 -0.52
N ARG A 16 4.77 -4.14 -1.60
CA ARG A 16 3.56 -3.33 -1.49
C ARG A 16 3.13 -2.84 -2.87
N ASP A 17 2.03 -3.40 -3.38
CA ASP A 17 1.52 -3.01 -4.69
C ASP A 17 1.82 -1.55 -4.97
N TRP A 18 2.36 -1.27 -6.15
CA TRP A 18 2.68 0.10 -6.53
C TRP A 18 2.34 0.35 -7.99
N ARG A 19 2.16 1.62 -8.31
CA ARG A 19 1.82 2.00 -9.67
C ARG A 19 2.55 3.30 -10.04
N VAL A 20 2.67 3.57 -11.33
CA VAL A 20 3.36 4.78 -11.78
C VAL A 20 2.36 5.76 -12.35
N LYS A 21 2.50 7.02 -11.95
CA LYS A 21 1.60 8.05 -12.43
C LYS A 21 2.36 9.34 -12.75
N ASN A 22 2.20 9.83 -13.97
CA ASN A 22 2.87 11.05 -14.39
C ASN A 22 4.29 11.12 -13.83
N ARG A 23 4.53 12.09 -12.97
CA ARG A 23 5.85 12.26 -12.37
C ARG A 23 5.88 11.75 -10.92
N HIS A 24 4.81 11.07 -10.52
CA HIS A 24 4.73 10.54 -9.16
C HIS A 24 4.59 9.03 -9.16
N LEU A 25 4.98 8.42 -8.06
CA LEU A 25 4.87 6.98 -7.90
C LEU A 25 3.77 6.69 -6.89
N ARG A 26 2.90 5.75 -7.19
CA ARG A 26 1.82 5.45 -6.28
C ARG A 26 2.02 4.09 -5.61
N ILE A 27 2.16 4.12 -4.30
CA ILE A 27 2.34 2.89 -3.53
C ILE A 27 1.07 2.62 -2.72
N TYR A 28 0.86 1.35 -2.41
CA TYR A 28 -0.31 0.95 -1.63
C TYR A 28 0.10 0.47 -0.25
N ASN A 29 -0.84 0.46 0.69
CA ASN A 29 -0.55 0.03 2.04
C ASN A 29 -0.43 -1.48 2.12
N MET A 30 -0.87 -2.16 1.06
CA MET A 30 -0.79 -3.62 1.02
C MET A 30 -0.75 -4.12 -0.43
N CYS A 31 -0.28 -5.34 -0.62
CA CYS A 31 -0.19 -5.92 -1.95
C CYS A 31 -1.59 -6.12 -2.54
N LYS A 32 -1.64 -6.58 -3.78
CA LYS A 32 -2.92 -6.81 -4.44
C LYS A 32 -3.71 -7.93 -3.75
N THR A 33 -3.00 -8.92 -3.22
CA THR A 33 -3.65 -10.03 -2.53
C THR A 33 -4.31 -9.54 -1.25
N CYS A 34 -3.49 -9.18 -0.27
CA CYS A 34 -3.97 -8.69 1.00
C CYS A 34 -5.07 -7.65 0.77
N PHE A 35 -5.02 -6.98 -0.36
CA PHE A 35 -6.03 -5.98 -0.69
C PHE A 35 -7.39 -6.65 -0.79
N ASN A 36 -7.42 -7.76 -1.51
CA ASN A 36 -8.64 -8.52 -1.66
C ASN A 36 -9.04 -9.11 -0.31
N ASN A 37 -8.03 -9.61 0.41
CA ASN A 37 -8.27 -10.18 1.72
C ASN A 37 -8.69 -9.10 2.70
N SER A 38 -8.22 -7.88 2.46
CA SER A 38 -8.57 -6.76 3.31
C SER A 38 -10.06 -6.51 3.21
N ILE A 39 -10.61 -6.86 2.06
CA ILE A 39 -12.04 -6.70 1.86
C ILE A 39 -12.76 -7.61 2.84
N LYS A 40 -12.10 -8.72 3.14
CA LYS A 40 -12.65 -9.66 4.09
C LYS A 40 -12.43 -9.15 5.51
N SER A 41 -11.17 -9.16 5.93
CA SER A 41 -10.80 -8.70 7.26
C SER A 41 -10.96 -7.19 7.37
N GLY A 42 -10.38 -6.47 6.41
CA GLY A 42 -10.42 -5.02 6.41
C GLY A 42 -11.84 -4.52 6.20
N ASP A 43 -12.54 -5.12 5.25
CA ASP A 43 -13.91 -4.73 4.96
C ASP A 43 -13.98 -3.26 4.56
N ASP A 44 -13.61 -2.38 5.48
CA ASP A 44 -13.63 -0.95 5.22
C ASP A 44 -12.76 -0.21 6.23
N THR A 45 -11.48 -0.57 6.28
CA THR A 45 -10.55 0.06 7.20
C THR A 45 -9.12 -0.32 6.85
N TYR A 46 -8.81 -0.33 5.55
CA TYR A 46 -7.48 -0.69 5.10
C TYR A 46 -7.02 0.28 4.02
N HIS A 47 -7.98 0.86 3.31
CA HIS A 47 -7.68 1.81 2.25
C HIS A 47 -6.54 2.74 2.65
N GLY A 48 -5.57 2.90 1.76
CA GLY A 48 -4.43 3.76 2.03
C GLY A 48 -3.32 3.57 1.01
N HIS A 49 -2.89 4.66 0.40
CA HIS A 49 -1.83 4.60 -0.59
C HIS A 49 -0.88 5.78 -0.40
N VAL A 50 0.38 5.56 -0.75
CA VAL A 50 1.40 6.59 -0.63
C VAL A 50 1.85 7.08 -2.01
N ASP A 51 2.19 8.37 -2.09
CA ASP A 51 2.63 8.95 -3.36
C ASP A 51 3.89 9.80 -3.17
N TRP A 52 4.84 9.67 -4.09
CA TRP A 52 6.08 10.42 -4.02
C TRP A 52 6.17 11.40 -5.19
N LEU A 53 6.68 12.61 -4.93
CA LEU A 53 6.80 13.60 -5.98
C LEU A 53 8.26 13.82 -6.37
N MET A 54 8.80 12.88 -7.13
CA MET A 54 10.18 12.94 -7.59
C MET A 54 11.08 13.70 -6.62
N TYR A 55 10.69 13.73 -5.35
CA TYR A 55 11.48 14.44 -4.35
C TYR A 55 10.79 14.46 -3.00
N THR A 56 9.46 14.61 -3.00
CA THR A 56 8.71 14.65 -1.76
C THR A 56 7.88 13.38 -1.60
N ASP A 57 7.56 13.05 -0.35
CA ASP A 57 6.77 11.86 -0.06
C ASP A 57 5.42 12.23 0.52
N ALA A 58 4.38 11.51 0.09
CA ALA A 58 3.03 11.77 0.58
C ALA A 58 2.45 10.52 1.21
N LYS A 59 1.48 10.69 2.10
CA LYS A 59 0.85 9.56 2.77
C LYS A 59 -0.65 9.79 2.92
N GLU A 60 -1.42 8.77 2.62
CA GLU A 60 -2.87 8.87 2.74
C GLU A 60 -3.46 7.58 3.28
N PHE A 61 -3.33 7.38 4.59
CA PHE A 61 -3.86 6.18 5.23
C PHE A 61 -4.97 6.53 6.21
N SER A 62 -4.63 7.37 7.20
CA SER A 62 -5.62 7.78 8.20
C SER A 62 -6.56 8.82 7.61
N SER A 63 -7.39 9.41 8.46
CA SER A 63 -8.35 10.42 8.02
C SER A 63 -7.67 11.78 7.91
N THR A 64 -8.45 12.80 7.58
CA THR A 64 -7.92 14.15 7.45
C THR A 64 -7.78 14.81 8.82
ZN ZN B . 0.49 -8.48 1.33
PG ATP C . -6.24 8.66 -8.58
O1G ATP C . -7.68 8.45 -8.82
O2G ATP C . -6.04 9.91 -7.57
O3G ATP C . -5.49 8.97 -9.98
PB ATP C . -5.81 6.15 -8.98
O1B ATP C . -6.19 6.70 -10.29
O2B ATP C . -4.44 5.31 -9.12
O3B ATP C . -5.59 7.34 -7.92
PA ATP C . -6.62 4.82 -6.92
O1A ATP C . -7.01 5.96 -6.04
O2A ATP C . -5.04 4.55 -6.77
O3A ATP C . -6.97 5.17 -8.45
O5' ATP C . -7.43 3.50 -6.47
C5' ATP C . -6.81 3.01 -5.29
C4' ATP C . -7.46 3.65 -4.06
O4' ATP C . -8.06 2.65 -3.20
C3' ATP C . -6.43 4.42 -3.22
O3' ATP C . -6.93 5.71 -2.85
C2' ATP C . -6.15 3.53 -2.01
O2' ATP C . -6.36 4.26 -0.80
C1' ATP C . -7.13 2.33 -2.12
N9 ATP C . -6.40 1.10 -2.42
C8 ATP C . -6.40 0.43 -3.61
N7 ATP C . -5.54 -0.55 -3.58
C5 ATP C . -5.06 -0.67 -2.31
C6 ATP C . -4.20 -1.58 -1.64
N6 ATP C . -3.69 -2.67 -2.30
N1 ATP C . -3.89 -1.34 -0.34
C2 ATP C . -4.45 -0.35 0.36
N3 ATP C . -5.26 0.53 -0.24
C4 ATP C . -5.60 0.40 -1.55
H5'1 ATP C . -6.94 1.93 -5.24
H5'2 ATP C . -5.75 3.26 -5.31
H4' ATP C . -8.22 4.34 -4.45
H3' ATP C . -5.51 4.62 -3.78
HO3' ATP C . -7.62 5.60 -2.19
H2' ATP C . -5.13 3.19 -1.98
HO2' ATP C . -5.51 4.37 -0.34
H1' ATP C . -7.67 2.19 -1.19
H8 ATP C . -7.16 0.99 -4.14
HN61 ATP C . -3.84 -3.51 -1.74
HN62 ATP C . -2.71 -2.55 -2.46
H2 ATP C . -4.61 0.17 1.31
N GLY A 1 15.17 -6.16 13.06
CA GLY A 1 14.43 -7.33 12.50
C GLY A 1 13.27 -6.83 11.63
N SER A 2 12.15 -7.56 11.67
CA SER A 2 10.98 -7.17 10.90
C SER A 2 10.54 -5.75 11.24
N PHE A 3 9.78 -5.14 10.33
CA PHE A 3 9.31 -3.78 10.55
C PHE A 3 7.82 -3.78 10.87
N ARG A 4 7.04 -4.38 9.98
CA ARG A 4 5.59 -4.46 10.18
C ARG A 4 4.97 -3.06 10.18
N VAL A 5 5.35 -2.25 9.20
CA VAL A 5 4.83 -0.89 9.09
C VAL A 5 4.29 -0.64 7.69
N LYS A 6 5.13 -0.10 6.83
CA LYS A 6 4.72 0.19 5.45
C LYS A 6 4.55 -1.11 4.67
N PRO A 7 5.49 -2.01 4.79
CA PRO A 7 5.46 -3.33 4.10
C PRO A 7 4.27 -4.17 4.56
N CYS A 8 3.67 -4.91 3.63
CA CYS A 8 2.52 -5.75 3.97
C CYS A 8 2.82 -6.56 5.22
N VAL A 9 1.79 -7.20 5.76
CA VAL A 9 1.96 -8.02 6.96
C VAL A 9 1.07 -9.26 6.89
N VAL A 10 -0.02 -9.16 6.12
CA VAL A 10 -0.94 -10.28 5.97
C VAL A 10 -0.29 -11.40 5.17
N CYS A 11 0.84 -11.11 4.56
CA CYS A 11 1.56 -12.10 3.78
C CYS A 11 3.03 -12.11 4.17
N LYS A 12 3.55 -10.94 4.51
CA LYS A 12 4.95 -10.81 4.91
C LYS A 12 5.85 -11.43 3.86
N VAL A 13 5.22 -11.91 2.79
CA VAL A 13 5.97 -12.51 1.70
C VAL A 13 6.08 -11.53 0.55
N ALA A 14 5.50 -10.36 0.73
CA ALA A 14 5.52 -9.33 -0.29
C ALA A 14 5.71 -7.95 0.33
N PRO A 15 6.27 -7.04 -0.41
CA PRO A 15 6.51 -5.64 0.07
C PRO A 15 5.21 -4.85 0.17
N ARG A 16 4.67 -4.47 -0.98
CA ARG A 16 3.44 -3.70 -1.02
C ARG A 16 3.15 -3.22 -2.43
N ASP A 17 2.12 -3.78 -3.05
CA ASP A 17 1.75 -3.39 -4.40
C ASP A 17 1.96 -1.90 -4.60
N TRP A 18 2.41 -1.51 -5.78
CA TRP A 18 2.66 -0.11 -6.07
C TRP A 18 2.21 0.24 -7.48
N ARG A 19 2.00 1.52 -7.69
CA ARG A 19 1.55 2.00 -8.98
C ARG A 19 2.22 3.34 -9.30
N VAL A 20 2.27 3.71 -10.59
CA VAL A 20 2.90 4.97 -10.97
C VAL A 20 1.86 5.99 -11.37
N LYS A 21 2.00 7.20 -10.85
CA LYS A 21 1.04 8.27 -11.14
C LYS A 21 1.77 9.55 -11.55
N ASN A 22 1.50 9.98 -12.77
CA ASN A 22 2.09 11.20 -13.30
C ASN A 22 3.39 11.56 -12.58
N ARG A 23 4.50 11.02 -13.08
CA ARG A 23 5.82 11.29 -12.51
C ARG A 23 5.88 10.90 -11.03
N HIS A 24 4.76 10.49 -10.47
CA HIS A 24 4.72 10.11 -9.06
C HIS A 24 4.54 8.61 -8.93
N LEU A 25 5.01 8.08 -7.79
CA LEU A 25 4.88 6.66 -7.52
C LEU A 25 3.88 6.45 -6.40
N ARG A 26 2.87 5.67 -6.74
CA ARG A 26 1.87 5.42 -5.72
C ARG A 26 2.06 4.04 -5.12
N ILE A 27 2.24 3.91 -3.69
CA ILE A 27 2.44 2.64 -3.00
C ILE A 27 1.18 2.31 -2.21
N TYR A 28 1.06 0.94 -1.78
CA TYR A 28 -0.12 0.49 -1.03
C TYR A 28 0.29 -0.14 0.29
N ASN A 29 -0.69 -0.13 1.12
CA ASN A 29 -0.40 -0.72 2.42
C ASN A 29 -0.51 -2.24 2.37
N MET A 30 -1.00 -2.77 1.26
CA MET A 30 -1.15 -4.21 1.12
C MET A 30 -0.94 -4.66 -0.33
N CYS A 31 -0.42 -5.87 -0.49
CA CYS A 31 -0.17 -6.43 -1.82
C CYS A 31 -1.48 -6.67 -2.55
N LYS A 32 -1.38 -6.97 -3.84
CA LYS A 32 -2.57 -7.23 -4.66
C LYS A 32 -3.42 -8.33 -4.02
N THR A 33 -2.75 -9.36 -3.52
CA THR A 33 -3.43 -10.47 -2.89
C THR A 33 -4.16 -10.00 -1.63
N CYS A 34 -3.38 -9.65 -0.60
CA CYS A 34 -3.97 -9.18 0.64
C CYS A 34 -4.89 -7.99 0.37
N PHE A 35 -4.59 -7.26 -0.70
CA PHE A 35 -5.41 -6.11 -1.05
C PHE A 35 -6.85 -6.55 -1.25
N ASN A 36 -7.01 -7.64 -2.00
CA ASN A 36 -8.33 -8.19 -2.24
C ASN A 36 -8.89 -8.70 -0.93
N ASN A 37 -8.00 -9.34 -0.15
CA ASN A 37 -8.37 -9.88 1.14
C ASN A 37 -8.71 -8.73 2.07
N SER A 38 -7.98 -7.63 1.91
CA SER A 38 -8.20 -6.44 2.72
C SER A 38 -9.64 -6.03 2.56
N ILE A 39 -10.21 -6.33 1.41
CA ILE A 39 -11.60 -6.01 1.14
C ILE A 39 -12.44 -6.81 2.10
N LYS A 40 -11.92 -7.98 2.46
CA LYS A 40 -12.59 -8.85 3.40
C LYS A 40 -12.39 -8.33 4.81
N SER A 41 -11.15 -8.46 5.28
CA SER A 41 -10.78 -8.02 6.60
C SER A 41 -10.81 -6.50 6.70
N GLY A 42 -10.13 -5.84 5.76
CA GLY A 42 -10.08 -4.39 5.73
C GLY A 42 -11.44 -3.79 5.47
N ASP A 43 -12.10 -4.31 4.44
CA ASP A 43 -13.43 -3.83 4.08
C ASP A 43 -13.43 -2.34 3.82
N ASP A 44 -13.16 -1.57 4.86
CA ASP A 44 -13.12 -0.11 4.73
C ASP A 44 -12.36 0.50 5.90
N THR A 45 -11.11 0.09 6.08
CA THR A 45 -10.28 0.61 7.15
C THR A 45 -8.79 0.48 6.81
N TYR A 46 -8.35 -0.75 6.60
CA TYR A 46 -6.94 -1.00 6.28
C TYR A 46 -6.62 -0.47 4.89
N HIS A 47 -7.11 0.73 4.59
CA HIS A 47 -6.87 1.35 3.29
C HIS A 47 -5.94 2.55 3.43
N GLY A 48 -5.10 2.75 2.42
CA GLY A 48 -4.16 3.87 2.43
C GLY A 48 -3.03 3.63 1.43
N HIS A 49 -2.57 4.70 0.79
CA HIS A 49 -1.50 4.58 -0.19
C HIS A 49 -0.53 5.75 -0.06
N VAL A 50 0.72 5.53 -0.47
CA VAL A 50 1.74 6.58 -0.39
C VAL A 50 2.13 7.04 -1.79
N ASP A 51 2.21 8.36 -1.98
CA ASP A 51 2.58 8.90 -3.28
C ASP A 51 3.90 9.68 -3.17
N TRP A 52 4.80 9.41 -4.10
CA TRP A 52 6.09 10.08 -4.12
C TRP A 52 6.16 11.01 -5.32
N LEU A 53 6.65 12.06 -5.28
CA LEU A 53 6.76 13.02 -6.38
C LEU A 53 8.21 13.16 -6.80
N MET A 54 8.47 13.80 -7.87
CA MET A 54 9.82 13.97 -8.39
C MET A 54 10.66 14.85 -7.48
N TYR A 55 10.06 15.25 -6.35
CA TYR A 55 10.77 16.10 -5.40
C TYR A 55 9.92 16.29 -4.13
N THR A 56 8.88 15.71 -3.90
CA THR A 56 7.99 15.82 -2.75
C THR A 56 7.45 14.45 -2.35
N ASP A 57 6.90 14.18 -1.27
CA ASP A 57 6.36 12.92 -0.78
C ASP A 57 4.99 13.13 -0.15
N ALA A 58 4.03 12.30 -0.53
CA ALA A 58 2.68 12.41 0.02
C ALA A 58 2.29 11.13 0.75
N LYS A 59 1.30 11.23 1.62
CA LYS A 59 0.83 10.08 2.38
C LYS A 59 -0.68 10.11 2.49
N GLU A 60 -1.30 8.95 2.37
CA GLU A 60 -2.75 8.86 2.47
C GLU A 60 -3.16 7.63 3.26
N PHE A 61 -3.05 7.73 4.57
CA PHE A 61 -3.41 6.62 5.45
C PHE A 61 -4.87 6.75 5.85
N SER A 62 -5.32 7.99 6.03
CA SER A 62 -6.70 8.24 6.42
C SER A 62 -7.18 9.57 5.85
N SER A 63 -6.54 10.66 6.29
CA SER A 63 -6.91 12.00 5.82
C SER A 63 -8.42 12.19 5.90
N THR A 64 -8.86 12.88 6.93
CA THR A 64 -10.29 13.14 7.11
C THR A 64 -10.82 14.03 5.99
ZN ZN B . 0.43 -9.00 1.44
PG ATP C . -4.72 8.07 -6.52
O1G ATP C . -6.14 8.33 -6.20
O2G ATP C . -3.80 8.43 -5.24
O3G ATP C . -4.26 8.98 -7.79
PB ATP C . -5.70 6.14 -7.93
O1B ATP C . -5.91 7.26 -8.88
O2B ATP C . -5.30 4.82 -8.75
O3B ATP C . -4.54 6.52 -6.89
PA ATP C . -6.68 5.02 -5.82
O1A ATP C . -6.07 5.90 -4.80
O2A ATP C . -5.64 3.86 -6.23
O3A ATP C . -7.07 5.88 -7.12
O5' ATP C . -8.01 4.34 -5.21
C5' ATP C . -7.59 3.33 -4.28
C4' ATP C . -8.19 3.66 -2.91
O4' ATP C . -8.32 2.45 -2.11
C3' ATP C . -7.30 4.61 -2.12
O3' ATP C . -8.09 5.49 -1.31
C2' ATP C . -6.41 3.69 -1.29
O2' ATP C . -6.18 4.23 0.01
C1' ATP C . -7.15 2.34 -1.24
N9 ATP C . -6.28 1.26 -1.72
C8 ATP C . -6.11 0.88 -3.02
N7 ATP C . -5.41 -0.23 -3.08
C5 ATP C . -4.98 -0.55 -1.83
C6 ATP C . -4.21 -1.58 -1.25
N6 ATP C . -3.80 -2.66 -2.03
N1 ATP C . -3.87 -1.52 0.06
C2 ATP C . -4.38 -0.57 0.87
N3 ATP C . -5.13 0.42 0.36
C4 ATP C . -5.48 0.45 -0.94
H5'1 ATP C . -7.94 2.36 -4.62
H5'2 ATP C . -6.51 3.33 -4.21
H4' ATP C . -9.17 4.11 -3.11
H3' ATP C . -6.71 5.28 -2.75
HO3' ATP C . -7.98 5.25 -0.38
H2' ATP C . -5.42 3.57 -1.73
HO2' ATP C . -5.27 4.53 0.08
H1' ATP C . -7.45 2.10 -0.22
H8 ATP C . -6.64 1.68 -3.52
HN61 ATP C . -3.64 -3.45 -1.44
HN62 ATP C . -2.95 -2.42 -2.52
H2 ATP C . -4.50 -0.15 1.86
N GLY A 1 21.65 -4.40 3.39
CA GLY A 1 22.38 -4.07 4.65
C GLY A 1 21.44 -3.35 5.61
N SER A 2 21.06 -2.13 5.26
CA SER A 2 20.16 -1.35 6.09
C SER A 2 18.71 -1.77 5.86
N PHE A 3 17.90 -1.65 6.91
CA PHE A 3 16.49 -2.01 6.82
C PHE A 3 15.63 -0.75 6.70
N ARG A 4 14.87 -0.47 7.74
CA ARG A 4 14.01 0.71 7.74
C ARG A 4 12.84 0.51 6.79
N VAL A 5 12.77 -0.65 6.18
CA VAL A 5 11.69 -0.96 5.25
C VAL A 5 10.41 -1.31 5.99
N LYS A 6 9.28 -1.20 5.30
CA LYS A 6 7.99 -1.51 5.91
C LYS A 6 7.07 -2.16 4.89
N PRO A 7 7.22 -3.44 4.67
CA PRO A 7 6.39 -4.21 3.70
C PRO A 7 5.02 -4.58 4.26
N CYS A 8 4.22 -5.24 3.44
CA CYS A 8 2.88 -5.67 3.86
C CYS A 8 2.95 -6.37 5.21
N VAL A 9 1.79 -6.73 5.76
CA VAL A 9 1.76 -7.41 7.05
C VAL A 9 0.93 -8.68 6.97
N VAL A 10 -0.04 -8.70 6.06
CA VAL A 10 -0.89 -9.87 5.89
C VAL A 10 -0.15 -10.95 5.12
N CYS A 11 0.99 -10.57 4.54
CA CYS A 11 1.78 -11.51 3.77
C CYS A 11 3.26 -11.39 4.17
N LYS A 12 3.66 -10.19 4.55
CA LYS A 12 5.04 -9.95 4.96
C LYS A 12 6.00 -10.59 3.98
N VAL A 13 5.43 -11.05 2.87
CA VAL A 13 6.22 -11.69 1.83
C VAL A 13 6.24 -10.80 0.60
N ALA A 14 5.50 -9.69 0.67
CA ALA A 14 5.43 -8.76 -0.46
C ALA A 14 5.67 -7.33 0.01
N PRO A 15 6.15 -6.50 -0.87
CA PRO A 15 6.43 -5.06 -0.57
C PRO A 15 5.13 -4.27 -0.35
N ARG A 16 4.41 -4.03 -1.44
CA ARG A 16 3.16 -3.28 -1.37
C ARG A 16 2.77 -2.74 -2.73
N ASP A 17 1.74 -3.33 -3.34
CA ASP A 17 1.29 -2.91 -4.66
C ASP A 17 1.65 -1.45 -4.91
N TRP A 18 2.16 -1.16 -6.10
CA TRP A 18 2.54 0.20 -6.45
C TRP A 18 2.17 0.50 -7.89
N ARG A 19 2.03 1.78 -8.20
CA ARG A 19 1.66 2.20 -9.54
C ARG A 19 2.44 3.46 -9.94
N VAL A 20 2.50 3.73 -11.24
CA VAL A 20 3.20 4.91 -11.74
C VAL A 20 2.20 5.94 -12.25
N LYS A 21 2.32 7.15 -11.74
CA LYS A 21 1.41 8.22 -12.16
C LYS A 21 2.19 9.50 -12.46
N ASN A 22 1.79 10.19 -13.51
CA ASN A 22 2.47 11.42 -13.90
C ASN A 22 3.96 11.31 -13.61
N ARG A 23 4.41 12.04 -12.59
CA ARG A 23 5.82 12.01 -12.21
C ARG A 23 5.95 11.51 -10.78
N HIS A 24 4.84 11.06 -10.21
CA HIS A 24 4.83 10.55 -8.86
C HIS A 24 4.61 9.04 -8.86
N LEU A 25 5.02 8.39 -7.78
CA LEU A 25 4.84 6.95 -7.65
C LEU A 25 3.78 6.69 -6.60
N ARG A 26 2.84 5.73 -7.04
CA ARG A 26 1.78 5.43 -6.08
C ARG A 26 1.97 4.06 -5.47
N ILE A 27 2.10 3.93 -4.08
CA ILE A 27 2.26 2.68 -3.36
C ILE A 27 0.99 2.37 -2.60
N TYR A 28 0.77 1.25 -2.22
CA TYR A 28 -0.43 0.84 -1.49
C TYR A 28 -0.06 0.25 -0.14
N ASN A 29 -1.01 0.26 0.79
CA ASN A 29 -0.77 -0.26 2.13
C ASN A 29 -0.82 -1.78 2.13
N MET A 30 -1.43 -2.36 1.11
CA MET A 30 -1.54 -3.80 1.02
C MET A 30 -1.31 -4.28 -0.41
N CYS A 31 -0.72 -5.46 -0.55
CA CYS A 31 -0.47 -6.02 -1.88
C CYS A 31 -1.79 -6.31 -2.58
N LYS A 32 -1.71 -6.62 -3.87
CA LYS A 32 -2.91 -6.92 -4.65
C LYS A 32 -3.75 -8.00 -3.99
N THR A 33 -3.09 -9.06 -3.55
CA THR A 33 -3.78 -10.17 -2.90
C THR A 33 -4.40 -9.72 -1.59
N CYS A 34 -3.54 -9.45 -0.60
CA CYS A 34 -4.03 -9.01 0.70
C CYS A 34 -5.00 -7.85 0.56
N PHE A 35 -4.83 -7.08 -0.50
CA PHE A 35 -5.72 -5.94 -0.74
C PHE A 35 -7.15 -6.44 -0.85
N ASN A 36 -7.34 -7.46 -1.67
CA ASN A 36 -8.64 -8.06 -1.85
C ASN A 36 -9.06 -8.72 -0.55
N ASN A 37 -8.09 -9.38 0.08
CA ASN A 37 -8.31 -10.05 1.34
C ASN A 37 -8.59 -9.03 2.43
N SER A 38 -7.93 -7.89 2.33
CA SER A 38 -8.13 -6.82 3.29
C SER A 38 -9.60 -6.53 3.38
N ILE A 39 -10.29 -6.73 2.27
CA ILE A 39 -11.72 -6.53 2.23
C ILE A 39 -12.35 -7.57 3.13
N LYS A 40 -11.69 -8.71 3.19
CA LYS A 40 -12.13 -9.81 4.03
C LYS A 40 -11.75 -9.54 5.47
N SER A 41 -10.44 -9.61 5.72
CA SER A 41 -9.90 -9.38 7.03
C SER A 41 -10.06 -7.92 7.44
N GLY A 42 -9.60 -7.03 6.58
CA GLY A 42 -9.69 -5.60 6.84
C GLY A 42 -11.14 -5.15 6.87
N ASP A 43 -11.87 -5.52 5.83
CA ASP A 43 -13.28 -5.17 5.72
C ASP A 43 -13.50 -3.66 5.95
N ASP A 44 -13.30 -3.23 7.18
CA ASP A 44 -13.47 -1.82 7.52
C ASP A 44 -13.18 -0.95 6.30
N THR A 45 -11.89 -0.77 6.01
CA THR A 45 -11.48 0.03 4.87
C THR A 45 -10.03 -0.28 4.53
N TYR A 46 -9.19 -0.36 5.55
CA TYR A 46 -7.78 -0.66 5.35
C TYR A 46 -7.26 0.09 4.13
N HIS A 47 -8.05 1.06 3.67
CA HIS A 47 -7.66 1.85 2.50
C HIS A 47 -6.55 2.82 2.86
N GLY A 48 -5.84 3.29 1.83
CA GLY A 48 -4.74 4.22 2.04
C GLY A 48 -3.57 3.89 1.13
N HIS A 49 -2.97 4.92 0.53
CA HIS A 49 -1.84 4.71 -0.36
C HIS A 49 -0.78 5.78 -0.15
N VAL A 50 0.44 5.63 -0.52
CA VAL A 50 1.55 6.57 -0.39
C VAL A 50 1.96 7.11 -1.76
N ASP A 51 2.18 8.28 -1.92
CA ASP A 51 2.59 8.90 -3.18
C ASP A 51 3.96 9.53 -3.01
N TRP A 52 4.85 9.24 -3.96
CA TRP A 52 6.20 9.78 -3.90
C TRP A 52 6.39 10.82 -4.98
N LEU A 53 7.08 11.75 -4.82
CA LEU A 53 7.33 12.80 -5.80
C LEU A 53 8.78 12.71 -6.28
N MET A 54 9.13 13.42 -7.27
CA MET A 54 10.47 13.39 -7.82
C MET A 54 11.39 14.23 -6.96
N TYR A 55 11.04 14.33 -5.67
CA TYR A 55 11.83 15.12 -4.75
C TYR A 55 11.26 15.05 -3.33
N THR A 56 10.08 14.73 -3.06
CA THR A 56 9.44 14.65 -1.75
C THR A 56 8.57 13.40 -1.61
N ASP A 57 8.16 12.94 -0.52
CA ASP A 57 7.32 11.78 -0.24
C ASP A 57 5.98 12.25 0.33
N ALA A 58 4.89 11.56 -0.03
CA ALA A 58 3.58 11.96 0.46
C ALA A 58 2.73 10.74 0.85
N LYS A 59 1.72 10.99 1.68
CA LYS A 59 0.83 9.93 2.14
C LYS A 59 -0.62 10.40 2.08
N GLU A 60 -1.50 9.55 1.84
CA GLU A 60 -2.90 9.92 1.76
C GLU A 60 -3.79 8.78 2.28
N PHE A 61 -3.90 8.60 3.45
CA PHE A 61 -4.72 7.55 4.05
C PHE A 61 -6.11 7.55 3.42
N SER A 62 -6.61 8.74 3.10
CA SER A 62 -7.94 8.87 2.50
C SER A 62 -9.02 8.92 3.57
N SER A 63 -9.23 10.10 4.13
CA SER A 63 -10.23 10.27 5.17
C SER A 63 -11.64 10.03 4.61
N THR A 64 -12.28 11.09 4.15
CA THR A 64 -13.62 10.98 3.60
C THR A 64 -13.96 12.22 2.78
ZN ZN B . 0.40 -8.56 1.32
PG ATP C . -7.60 8.14 -8.96
O1G ATP C . -8.91 7.89 -9.60
O2G ATP C . -7.62 9.60 -8.27
O3G ATP C . -6.44 8.06 -10.07
PB ATP C . -6.76 5.72 -8.58
O1B ATP C . -7.42 5.56 -9.89
O2B ATP C . -5.17 5.91 -8.81
O3B ATP C . -7.34 7.03 -7.83
PA ATP C . -6.43 4.74 -6.22
O1A ATP C . -7.12 5.91 -5.64
O2A ATP C . -4.85 5.06 -6.32
O3A ATP C . -7.02 4.42 -7.68
O5' ATP C . -6.65 3.47 -5.26
C5' ATP C . -8.07 3.29 -5.12
C4' ATP C . -8.54 3.78 -3.74
O4' ATP C . -8.58 2.68 -2.78
C3' ATP C . -7.60 4.84 -3.13
O3' ATP C . -8.32 5.79 -2.34
C2' ATP C . -6.62 4.01 -2.31
O2' ATP C . -6.25 4.71 -1.11
C1' ATP C . -7.34 2.69 -2.01
N9 ATP C . -6.51 1.55 -2.39
C8 ATP C . -6.33 1.06 -3.66
N7 ATP C . -5.62 -0.03 -3.62
C5 ATP C . -5.25 -0.28 -2.35
C6 ATP C . -4.51 -1.30 -1.68
N6 ATP C . -4.15 -2.45 -2.35
N1 ATP C . -4.16 -1.12 -0.38
C2 ATP C . -4.71 -0.14 0.36
N3 ATP C . -5.49 0.78 -0.21
C4 ATP C . -5.77 0.76 -1.53
H5'1 ATP C . -8.57 3.86 -5.90
H5'2 ATP C . -8.30 2.23 -5.22
H4' ATP C . -9.53 4.21 -3.91
H3' ATP C . -7.09 5.43 -3.88
HO3' ATP C . -8.26 5.54 -1.41
H2' ATP C . -5.67 3.83 -2.82
HO2' ATP C . -5.41 5.15 -1.25
H1' ATP C . -7.56 2.61 -0.94
H8 ATP C . -6.88 1.82 -4.21
HN61 ATP C . -4.62 -3.25 -1.93
HN62 ATP C . -3.15 -2.59 -2.29
H2 ATP C . -4.85 0.33 1.33
N GLY A 1 18.54 1.55 6.55
CA GLY A 1 17.76 2.40 7.50
C GLY A 1 17.06 3.52 6.74
N SER A 2 16.23 3.14 5.78
CA SER A 2 15.49 4.12 4.98
C SER A 2 14.20 3.51 4.46
N PHE A 3 13.10 3.71 5.17
CA PHE A 3 11.81 3.19 4.75
C PHE A 3 11.97 1.75 4.24
N ARG A 4 11.13 1.38 3.27
CA ARG A 4 11.20 0.04 2.70
C ARG A 4 11.42 -0.99 3.80
N VAL A 5 11.10 -0.61 5.04
CA VAL A 5 11.27 -1.51 6.16
C VAL A 5 9.91 -1.86 6.79
N LYS A 6 8.84 -1.37 6.16
CA LYS A 6 7.50 -1.63 6.66
C LYS A 6 6.61 -2.15 5.54
N PRO A 7 6.88 -3.33 5.05
CA PRO A 7 6.08 -3.96 3.96
C PRO A 7 4.73 -4.46 4.47
N CYS A 8 3.98 -5.12 3.60
CA CYS A 8 2.67 -5.63 4.00
C CYS A 8 2.75 -6.24 5.39
N VAL A 9 1.60 -6.57 5.96
CA VAL A 9 1.57 -7.16 7.30
C VAL A 9 0.81 -8.48 7.28
N VAL A 10 -0.15 -8.60 6.38
CA VAL A 10 -0.95 -9.82 6.26
C VAL A 10 -0.12 -10.92 5.61
N CYS A 11 1.02 -10.53 5.03
CA CYS A 11 1.90 -11.49 4.38
C CYS A 11 3.34 -11.22 4.77
N LYS A 12 3.66 -9.94 4.98
CA LYS A 12 5.01 -9.55 5.38
C LYS A 12 6.04 -10.23 4.47
N VAL A 13 5.53 -10.93 3.48
CA VAL A 13 6.39 -11.63 2.53
C VAL A 13 6.42 -10.85 1.22
N ALA A 14 5.63 -9.80 1.16
CA ALA A 14 5.56 -8.98 -0.04
C ALA A 14 5.65 -7.50 0.32
N PRO A 15 6.22 -6.72 -0.55
CA PRO A 15 6.36 -5.25 -0.32
C PRO A 15 5.00 -4.55 -0.28
N ARG A 16 4.40 -4.36 -1.45
CA ARG A 16 3.11 -3.70 -1.53
C ARG A 16 2.86 -3.20 -2.94
N ASP A 17 1.89 -3.81 -3.62
CA ASP A 17 1.56 -3.42 -4.98
C ASP A 17 1.79 -1.92 -5.17
N TRP A 18 2.27 -1.54 -6.35
CA TRP A 18 2.54 -0.12 -6.62
C TRP A 18 2.12 0.25 -8.04
N ARG A 19 1.91 1.54 -8.24
CA ARG A 19 1.49 2.05 -9.54
C ARG A 19 2.19 3.37 -9.83
N VAL A 20 2.19 3.77 -11.10
CA VAL A 20 2.83 5.02 -11.50
C VAL A 20 1.78 6.05 -11.86
N LYS A 21 1.78 7.16 -11.12
CA LYS A 21 0.82 8.23 -11.36
C LYS A 21 1.50 9.44 -11.99
N ASN A 22 1.46 9.49 -13.31
CA ASN A 22 2.05 10.59 -14.08
C ASN A 22 2.90 11.52 -13.20
N ARG A 23 4.20 11.25 -13.15
CA ARG A 23 5.13 12.07 -12.38
C ARG A 23 5.38 11.49 -11.00
N HIS A 24 4.33 10.99 -10.37
CA HIS A 24 4.45 10.42 -9.04
C HIS A 24 4.28 8.91 -9.08
N LEU A 25 4.77 8.24 -8.04
CA LEU A 25 4.65 6.79 -7.93
C LEU A 25 3.66 6.48 -6.81
N ARG A 26 2.77 5.56 -7.06
CA ARG A 26 1.79 5.23 -6.05
C ARG A 26 2.02 3.84 -5.48
N ILE A 27 2.17 3.79 -4.16
CA ILE A 27 2.38 2.52 -3.47
C ILE A 27 1.13 2.21 -2.65
N TYR A 28 0.90 0.93 -2.39
CA TYR A 28 -0.27 0.53 -1.62
C TYR A 28 0.14 0.02 -0.24
N ASN A 29 -0.81 -0.01 0.69
CA ASN A 29 -0.52 -0.46 2.04
C ASN A 29 -0.66 -1.96 2.14
N MET A 30 -1.14 -2.60 1.07
CA MET A 30 -1.31 -4.05 1.06
C MET A 30 -1.09 -4.60 -0.34
N CYS A 31 -0.46 -5.78 -0.41
CA CYS A 31 -0.20 -6.42 -1.69
C CYS A 31 -1.52 -6.67 -2.43
N LYS A 32 -1.42 -7.10 -3.68
CA LYS A 32 -2.61 -7.36 -4.47
C LYS A 32 -3.47 -8.44 -3.81
N THR A 33 -2.82 -9.47 -3.28
CA THR A 33 -3.53 -10.55 -2.61
C THR A 33 -4.26 -10.02 -1.38
N CYS A 34 -3.48 -9.62 -0.38
CA CYS A 34 -4.05 -9.09 0.85
C CYS A 34 -4.98 -7.94 0.54
N PHE A 35 -4.71 -7.24 -0.56
CA PHE A 35 -5.54 -6.11 -0.95
C PHE A 35 -6.96 -6.58 -1.18
N ASN A 36 -7.08 -7.68 -1.92
CA ASN A 36 -8.39 -8.26 -2.20
C ASN A 36 -8.99 -8.76 -0.90
N ASN A 37 -8.13 -9.39 -0.10
CA ASN A 37 -8.55 -9.91 1.19
C ASN A 37 -8.90 -8.76 2.11
N SER A 38 -8.17 -7.66 1.96
CA SER A 38 -8.41 -6.48 2.76
C SER A 38 -9.83 -6.01 2.53
N ILE A 39 -10.36 -6.29 1.35
CA ILE A 39 -11.72 -5.90 1.05
C ILE A 39 -12.63 -6.70 1.96
N LYS A 40 -12.16 -7.89 2.31
CA LYS A 40 -12.90 -8.74 3.22
C LYS A 40 -12.70 -8.26 4.64
N SER A 41 -11.47 -8.47 5.12
CA SER A 41 -11.10 -8.07 6.47
C SER A 41 -11.04 -6.55 6.59
N GLY A 42 -10.31 -5.93 5.67
CA GLY A 42 -10.14 -4.47 5.68
C GLY A 42 -11.46 -3.79 5.40
N ASP A 43 -12.17 -4.27 4.39
CA ASP A 43 -13.45 -3.69 4.02
C ASP A 43 -13.30 -2.23 3.65
N ASP A 44 -12.72 -1.44 4.55
CA ASP A 44 -12.51 -0.03 4.29
C ASP A 44 -11.78 0.63 5.46
N THR A 45 -10.77 -0.06 5.99
CA THR A 45 -10.00 0.48 7.10
C THR A 45 -8.52 0.53 6.76
N TYR A 46 -7.93 -0.64 6.48
CA TYR A 46 -6.51 -0.70 6.15
C TYR A 46 -6.29 -0.27 4.71
N HIS A 47 -7.14 0.63 4.22
CA HIS A 47 -7.03 1.13 2.86
C HIS A 47 -6.19 2.40 2.83
N GLY A 48 -4.95 2.27 2.35
CA GLY A 48 -4.06 3.42 2.26
C GLY A 48 -2.99 3.21 1.21
N HIS A 49 -2.46 4.30 0.66
CA HIS A 49 -1.43 4.21 -0.35
C HIS A 49 -0.38 5.30 -0.15
N VAL A 50 0.83 5.04 -0.64
CA VAL A 50 1.92 6.00 -0.50
C VAL A 50 2.28 6.58 -1.86
N ASP A 51 2.26 7.90 -1.97
CA ASP A 51 2.59 8.56 -3.23
C ASP A 51 3.90 9.33 -3.09
N TRP A 52 4.78 9.17 -4.07
CA TRP A 52 6.05 9.85 -4.05
C TRP A 52 6.08 10.93 -5.13
N LEU A 53 6.61 12.09 -4.80
CA LEU A 53 6.68 13.18 -5.75
C LEU A 53 8.11 13.39 -6.22
N MET A 54 8.26 14.05 -7.35
CA MET A 54 9.58 14.31 -7.89
C MET A 54 10.31 15.33 -7.04
N TYR A 55 10.02 15.32 -5.74
CA TYR A 55 10.65 16.26 -4.83
C TYR A 55 10.22 16.01 -3.39
N THR A 56 9.00 15.53 -3.19
CA THR A 56 8.49 15.25 -1.85
C THR A 56 7.70 13.96 -1.82
N ASP A 57 7.52 13.39 -0.64
CA ASP A 57 6.78 12.14 -0.48
C ASP A 57 5.45 12.38 0.23
N ALA A 58 4.43 11.61 -0.16
CA ALA A 58 3.11 11.75 0.43
C ALA A 58 2.65 10.42 1.03
N LYS A 59 1.75 10.48 2.00
CA LYS A 59 1.24 9.28 2.64
C LYS A 59 -0.25 9.39 2.92
N GLU A 60 -0.97 8.31 2.68
CA GLU A 60 -2.40 8.31 2.92
C GLU A 60 -2.81 6.96 3.51
N PHE A 61 -2.53 6.79 4.80
CA PHE A 61 -2.88 5.54 5.50
C PHE A 61 -3.41 5.85 6.89
N SER A 62 -4.56 6.51 6.96
CA SER A 62 -5.17 6.86 8.23
C SER A 62 -4.51 8.11 8.82
N SER A 63 -3.34 8.45 8.30
CA SER A 63 -2.62 9.63 8.79
C SER A 63 -3.48 10.88 8.64
N THR A 64 -2.98 12.00 9.14
CA THR A 64 -3.70 13.26 9.06
C THR A 64 -4.22 13.48 7.63
ZN ZN B . 0.36 -8.87 1.64
PG ATP C . -7.33 6.86 -10.17
O1G ATP C . -8.55 6.04 -10.01
O2G ATP C . -7.64 8.11 -11.14
O3G ATP C . -6.15 5.97 -10.79
PB ATP C . -6.54 6.13 -7.82
O1B ATP C . -7.65 5.15 -7.91
O2B ATP C . -5.18 5.44 -8.34
O3B ATP C . -6.87 7.42 -8.72
PA ATP C . -6.05 5.27 -5.42
O1A ATP C . -5.38 5.66 -4.15
O2A ATP C . -5.08 4.30 -6.25
O3A ATP C . -6.37 6.59 -6.28
O5' ATP C . -7.42 4.49 -5.09
C5' ATP C . -8.09 5.23 -4.07
C4' ATP C . -8.01 4.46 -2.74
O4' ATP C . -7.80 3.05 -2.99
C3' ATP C . -6.81 4.93 -1.89
O3' ATP C . -7.25 5.75 -0.81
C2' ATP C . -6.14 3.64 -1.40
O2' ATP C . -5.95 3.68 0.01
C1' ATP C . -7.11 2.52 -1.83
N9 ATP C . -6.35 1.32 -2.21
C8 ATP C . -6.28 0.78 -3.47
N7 ATP C . -5.60 -0.33 -3.45
C5 ATP C . -5.13 -0.54 -2.19
C6 ATP C . -4.32 -1.53 -1.57
N6 ATP C . -3.90 -2.64 -2.28
N1 ATP C . -3.95 -1.35 -0.28
C2 ATP C . -4.48 -0.37 0.48
N3 ATP C . -5.29 0.53 -0.06
C4 ATP C . -5.61 0.52 -1.38
H5'1 ATP C . -7.63 6.21 -3.95
H5'2 ATP C . -9.15 5.37 -4.34
H4' ATP C . -8.94 4.64 -2.22
H3' ATP C . -6.11 5.56 -2.46
HO3' ATP C . -6.64 5.68 -0.07
H2' ATP C . -5.15 3.49 -1.82
HO2' ATP C . -5.02 3.79 0.21
H1' ATP C . -7.78 2.24 -1.04
H8 ATP C . -6.85 1.53 -4.01
HN61 ATP C . -4.08 -3.47 -1.73
HN62 ATP C . -2.93 -2.57 -2.48
H2 ATP C . -4.58 0.10 1.45
N GLY A 1 12.57 0.77 14.24
CA GLY A 1 11.60 1.24 13.20
C GLY A 1 11.94 2.66 12.78
N SER A 2 12.09 2.87 11.48
CA SER A 2 12.42 4.19 10.96
C SER A 2 11.68 4.44 9.65
N PHE A 3 10.96 5.56 9.58
CA PHE A 3 10.22 5.92 8.39
C PHE A 3 11.05 5.69 7.15
N ARG A 4 10.90 4.53 6.53
CA ARG A 4 11.66 4.21 5.32
C ARG A 4 10.95 3.14 4.50
N VAL A 5 10.86 1.93 5.04
CA VAL A 5 10.21 0.83 4.35
C VAL A 5 9.34 0.02 5.30
N LYS A 6 8.06 -0.07 5.00
CA LYS A 6 7.13 -0.83 5.82
C LYS A 6 6.28 -1.76 4.96
N PRO A 7 6.92 -2.67 4.28
CA PRO A 7 6.24 -3.65 3.39
C PRO A 7 4.92 -4.14 3.97
N CYS A 8 4.09 -4.76 3.13
CA CYS A 8 2.80 -5.26 3.59
C CYS A 8 2.95 -5.93 4.95
N VAL A 9 1.82 -6.29 5.56
CA VAL A 9 1.85 -6.93 6.86
C VAL A 9 1.05 -8.23 6.84
N VAL A 10 -0.01 -8.26 6.05
CA VAL A 10 -0.84 -9.45 5.95
C VAL A 10 -0.09 -10.56 5.24
N CYS A 11 1.03 -10.21 4.61
CA CYS A 11 1.84 -11.19 3.90
C CYS A 11 3.30 -11.04 4.31
N LYS A 12 3.71 -9.79 4.56
CA LYS A 12 5.07 -9.51 4.98
C LYS A 12 6.05 -10.15 4.00
N VAL A 13 5.50 -10.75 2.97
CA VAL A 13 6.31 -11.40 1.95
C VAL A 13 6.33 -10.55 0.68
N ALA A 14 5.59 -9.45 0.72
CA ALA A 14 5.52 -8.56 -0.43
C ALA A 14 5.67 -7.11 -0.01
N PRO A 15 6.07 -6.26 -0.92
CA PRO A 15 6.26 -4.81 -0.63
C PRO A 15 4.93 -4.09 -0.45
N ARG A 16 4.21 -3.91 -1.55
CA ARG A 16 2.91 -3.23 -1.51
C ARG A 16 2.53 -2.74 -2.90
N ASP A 17 1.50 -3.35 -3.48
CA ASP A 17 1.04 -2.96 -4.82
C ASP A 17 1.41 -1.51 -5.08
N TRP A 18 1.90 -1.23 -6.28
CA TRP A 18 2.28 0.13 -6.63
C TRP A 18 1.89 0.47 -8.07
N ARG A 19 1.76 1.76 -8.33
CA ARG A 19 1.39 2.22 -9.66
C ARG A 19 2.20 3.48 -10.01
N VAL A 20 2.27 3.81 -11.29
CA VAL A 20 3.01 4.99 -11.72
C VAL A 20 2.05 6.06 -12.19
N LYS A 21 2.22 7.26 -11.64
CA LYS A 21 1.37 8.38 -12.00
C LYS A 21 2.19 9.63 -12.26
N ASN A 22 2.41 9.94 -13.53
CA ASN A 22 3.18 11.12 -13.90
C ASN A 22 4.61 11.00 -13.38
N ARG A 23 5.10 12.05 -12.74
CA ARG A 23 6.45 12.06 -12.19
C ARG A 23 6.47 11.42 -10.81
N HIS A 24 5.31 11.00 -10.34
CA HIS A 24 5.20 10.39 -9.01
C HIS A 24 4.82 8.92 -9.11
N LEU A 25 5.16 8.17 -8.08
CA LEU A 25 4.83 6.76 -8.01
C LEU A 25 3.81 6.55 -6.91
N ARG A 26 2.86 5.67 -7.13
CA ARG A 26 1.83 5.43 -6.13
C ARG A 26 1.99 4.05 -5.49
N ILE A 27 2.11 3.90 -4.26
CA ILE A 27 2.25 2.66 -3.51
C ILE A 27 0.96 2.41 -2.72
N TYR A 28 0.65 1.29 -2.38
CA TYR A 28 -0.56 0.95 -1.62
C TYR A 28 -0.20 0.41 -0.25
N ASN A 29 -1.18 0.44 0.67
CA ASN A 29 -0.94 -0.05 2.03
C ASN A 29 -0.93 -1.57 2.07
N MET A 30 -1.38 -2.21 0.99
CA MET A 30 -1.42 -3.67 0.94
C MET A 30 -1.28 -4.17 -0.49
N CYS A 31 -0.79 -5.40 -0.65
CA CYS A 31 -0.63 -5.99 -1.96
C CYS A 31 -1.99 -6.23 -2.61
N LYS A 32 -1.98 -6.69 -3.86
CA LYS A 32 -3.23 -6.95 -4.56
C LYS A 32 -3.99 -8.08 -3.87
N THR A 33 -3.26 -9.09 -3.43
CA THR A 33 -3.86 -10.23 -2.74
C THR A 33 -4.46 -9.79 -1.41
N CYS A 34 -3.60 -9.41 -0.48
CA CYS A 34 -4.04 -8.95 0.83
C CYS A 34 -5.05 -7.83 0.68
N PHE A 35 -4.95 -7.09 -0.41
CA PHE A 35 -5.87 -5.98 -0.66
C PHE A 35 -7.28 -6.53 -0.76
N ASN A 36 -7.44 -7.54 -1.60
CA ASN A 36 -8.73 -8.18 -1.77
C ASN A 36 -9.10 -8.88 -0.46
N ASN A 37 -8.09 -9.49 0.13
CA ASN A 37 -8.26 -10.20 1.39
C ASN A 37 -8.60 -9.21 2.49
N SER A 38 -8.00 -8.03 2.42
CA SER A 38 -8.26 -7.00 3.41
C SER A 38 -9.75 -6.73 3.44
N ILE A 39 -10.39 -6.94 2.30
CA ILE A 39 -11.83 -6.76 2.22
C ILE A 39 -12.46 -7.82 3.08
N LYS A 40 -11.77 -8.95 3.15
CA LYS A 40 -12.21 -10.07 3.97
C LYS A 40 -11.86 -9.79 5.42
N SER A 41 -10.56 -9.82 5.68
CA SER A 41 -10.04 -9.58 7.01
C SER A 41 -10.24 -8.13 7.43
N GLY A 42 -9.80 -7.21 6.57
CA GLY A 42 -9.93 -5.79 6.86
C GLY A 42 -11.39 -5.37 6.90
N ASP A 43 -12.13 -5.79 5.89
CA ASP A 43 -13.55 -5.46 5.80
C ASP A 43 -13.76 -3.95 5.86
N ASP A 44 -13.43 -3.36 6.99
CA ASP A 44 -13.58 -1.92 7.17
C ASP A 44 -13.22 -1.19 5.89
N THR A 45 -11.92 -1.13 5.59
CA THR A 45 -11.45 -0.46 4.40
C THR A 45 -9.95 -0.64 4.26
N TYR A 46 -9.24 -0.54 5.38
CA TYR A 46 -7.79 -0.69 5.36
C TYR A 46 -7.22 0.04 4.17
N HIS A 47 -8.05 0.86 3.54
CA HIS A 47 -7.62 1.63 2.37
C HIS A 47 -6.49 2.59 2.75
N GLY A 48 -5.86 3.18 1.73
CA GLY A 48 -4.77 4.11 1.96
C GLY A 48 -3.60 3.83 1.00
N HIS A 49 -3.02 4.90 0.46
CA HIS A 49 -1.90 4.74 -0.47
C HIS A 49 -0.84 5.81 -0.24
N VAL A 50 0.36 5.68 -0.63
CA VAL A 50 1.46 6.62 -0.50
C VAL A 50 1.96 7.06 -1.88
N ASP A 51 2.42 8.17 -2.06
CA ASP A 51 2.93 8.69 -3.32
C ASP A 51 4.33 9.24 -3.15
N TRP A 52 5.16 9.03 -4.16
CA TRP A 52 6.54 9.52 -4.12
C TRP A 52 6.73 10.62 -5.15
N LEU A 53 7.35 11.57 -4.89
CA LEU A 53 7.59 12.69 -5.79
C LEU A 53 9.06 12.74 -6.18
N MET A 54 9.36 13.30 -7.27
CA MET A 54 10.72 13.38 -7.77
C MET A 54 11.66 13.99 -6.73
N TYR A 55 11.09 14.46 -5.61
CA TYR A 55 11.90 15.04 -4.55
C TYR A 55 11.07 15.20 -3.27
N THR A 56 9.90 14.79 -3.14
CA THR A 56 9.02 14.87 -1.97
C THR A 56 8.27 13.56 -1.74
N ASP A 57 7.71 13.27 -0.67
CA ASP A 57 6.95 12.08 -0.32
C ASP A 57 5.60 12.47 0.27
N ALA A 58 4.53 11.86 -0.24
CA ALA A 58 3.19 12.16 0.25
C ALA A 58 2.51 10.91 0.78
N LYS A 59 1.58 11.10 1.71
CA LYS A 59 0.85 9.98 2.30
C LYS A 59 -0.62 10.33 2.49
N GLU A 60 -1.49 9.37 2.26
CA GLU A 60 -2.91 9.62 2.43
C GLU A 60 -3.57 8.47 3.20
N PHE A 61 -3.35 8.47 4.51
CA PHE A 61 -3.92 7.43 5.37
C PHE A 61 -3.32 7.52 6.77
N SER A 62 -2.15 8.15 6.88
CA SER A 62 -1.49 8.29 8.17
C SER A 62 -1.44 9.75 8.59
N SER A 63 -1.70 10.65 7.64
CA SER A 63 -1.68 12.08 7.93
C SER A 63 -2.97 12.52 8.62
N THR A 64 -3.18 13.83 8.68
CA THR A 64 -4.39 14.36 9.31
C THR A 64 -5.39 14.83 8.24
ZN ZN B . 0.41 -8.43 1.28
PG ATP C . -7.14 9.32 -8.46
O1G ATP C . -8.61 9.28 -8.59
O2G ATP C . -6.72 10.62 -7.59
O3G ATP C . -6.45 9.39 -9.91
PB ATP C . -7.04 6.73 -8.60
O1B ATP C . -7.78 7.19 -9.80
O2B ATP C . -5.71 5.96 -9.07
O3B ATP C . -6.63 8.00 -7.68
PA ATP C . -7.12 5.29 -6.46
O1A ATP C . -7.08 6.41 -5.48
O2A ATP C . -5.61 4.93 -6.91
O3A ATP C . -7.97 5.73 -7.75
O5' ATP C . -7.79 3.98 -5.79
C5' ATP C . -8.89 4.43 -4.98
C4' ATP C . -8.52 4.24 -3.50
O4' ATP C . -8.44 2.83 -3.18
C3' ATP C . -7.14 4.83 -3.20
O3' ATP C . -7.26 6.17 -2.72
C2' ATP C . -6.52 3.89 -2.17
O2' ATP C . -6.47 4.52 -0.88
C1' ATP C . -7.41 2.63 -2.17
N9 ATP C . -6.62 1.46 -2.51
C8 ATP C . -6.47 0.92 -3.75
N7 ATP C . -5.74 -0.15 -3.71
C5 ATP C . -5.34 -0.37 -2.44
C6 ATP C . -4.57 -1.34 -1.77
N6 ATP C . -4.13 -2.47 -2.45
N1 ATP C . -4.26 -1.16 -0.46
C2 ATP C . -4.83 -0.19 0.27
N3 ATP C . -5.61 0.72 -0.31
C4 ATP C . -5.88 0.68 -1.64
H5'1 ATP C . -9.09 5.48 -5.17
H5'2 ATP C . -9.78 3.85 -5.21
H4' ATP C . -9.28 4.74 -2.91
H3' ATP C . -6.50 4.90 -4.09
HO3' ATP C . -8.18 6.36 -2.52
H2' ATP C . -5.49 3.64 -2.41
HO2' ATP C . -5.56 4.77 -0.68
H1' ATP C . -7.85 2.48 -1.18
H8 ATP C . -7.05 1.66 -4.33
HN61 ATP C . -4.36 -3.30 -1.91
HN62 ATP C . -3.14 -2.42 -2.58
H2 ATP C . -4.99 0.28 1.23
N GLY A 1 19.96 -3.37 0.08
CA GLY A 1 18.70 -2.95 0.79
C GLY A 1 19.04 -2.41 2.16
N SER A 2 18.19 -1.54 2.68
CA SER A 2 18.41 -0.95 4.00
C SER A 2 17.92 -1.90 5.10
N PHE A 3 18.52 -1.80 6.28
CA PHE A 3 18.14 -2.64 7.40
C PHE A 3 16.62 -2.64 7.57
N ARG A 4 16.14 -3.38 8.55
CA ARG A 4 14.71 -3.45 8.82
C ARG A 4 13.96 -3.99 7.60
N VAL A 5 13.82 -5.30 7.52
CA VAL A 5 13.13 -5.92 6.41
C VAL A 5 11.79 -6.50 6.86
N LYS A 6 10.74 -5.69 6.79
CA LYS A 6 9.42 -6.13 7.20
C LYS A 6 8.40 -5.88 6.10
N PRO A 7 8.26 -6.81 5.19
CA PRO A 7 7.30 -6.70 4.05
C PRO A 7 5.87 -6.50 4.54
N CYS A 8 4.90 -6.95 3.75
CA CYS A 8 3.49 -6.81 4.12
C CYS A 8 3.25 -7.45 5.48
N VAL A 9 2.04 -7.29 6.01
CA VAL A 9 1.72 -7.85 7.32
C VAL A 9 0.72 -9.00 7.21
N VAL A 10 -0.09 -8.97 6.15
CA VAL A 10 -1.07 -10.03 5.95
C VAL A 10 -0.48 -11.16 5.12
N CYS A 11 0.73 -10.95 4.62
CA CYS A 11 1.39 -11.97 3.83
C CYS A 11 2.87 -12.04 4.19
N LYS A 12 3.42 -10.90 4.60
CA LYS A 12 4.83 -10.84 4.99
C LYS A 12 5.68 -11.47 3.91
N VAL A 13 5.05 -11.86 2.82
CA VAL A 13 5.75 -12.47 1.70
C VAL A 13 5.87 -11.46 0.57
N ALA A 14 5.33 -10.27 0.78
CA ALA A 14 5.38 -9.22 -0.24
C ALA A 14 5.67 -7.86 0.39
N PRO A 15 6.22 -6.95 -0.37
CA PRO A 15 6.55 -5.58 0.11
C PRO A 15 5.31 -4.69 0.21
N ARG A 16 4.81 -4.27 -0.95
CA ARG A 16 3.63 -3.40 -0.98
C ARG A 16 3.34 -2.96 -2.41
N ASP A 17 2.29 -3.53 -3.00
CA ASP A 17 1.92 -3.17 -4.36
C ASP A 17 2.20 -1.69 -4.64
N TRP A 18 2.64 -1.40 -5.85
CA TRP A 18 2.93 -0.02 -6.23
C TRP A 18 2.48 0.26 -7.66
N ARG A 19 2.22 1.53 -7.95
CA ARG A 19 1.77 1.92 -9.28
C ARG A 19 2.41 3.23 -9.69
N VAL A 20 2.41 3.51 -11.00
CA VAL A 20 2.99 4.73 -11.51
C VAL A 20 1.88 5.66 -12.00
N LYS A 21 1.79 6.83 -11.38
CA LYS A 21 0.77 7.80 -11.75
C LYS A 21 1.39 9.15 -12.08
N ASN A 22 1.53 9.43 -13.37
CA ASN A 22 2.10 10.69 -13.82
C ASN A 22 3.53 10.85 -13.30
N ARG A 23 3.83 12.05 -12.80
CA ARG A 23 5.15 12.34 -12.27
C ARG A 23 5.31 11.79 -10.85
N HIS A 24 4.24 11.19 -10.34
CA HIS A 24 4.26 10.63 -9.00
C HIS A 24 4.09 9.12 -9.01
N LEU A 25 4.51 8.49 -7.92
CA LEU A 25 4.38 7.05 -7.78
C LEU A 25 3.30 6.77 -6.75
N ARG A 26 2.76 5.56 -6.75
CA ARG A 26 1.72 5.24 -5.80
C ARG A 26 1.98 3.89 -5.12
N ILE A 27 2.12 3.93 -3.79
CA ILE A 27 2.37 2.71 -3.03
C ILE A 27 1.12 2.37 -2.21
N TYR A 28 0.88 1.08 -2.05
CA TYR A 28 -0.27 0.60 -1.30
C TYR A 28 0.20 -0.01 0.02
N ASN A 29 -0.62 0.11 1.06
CA ASN A 29 -0.26 -0.43 2.37
C ASN A 29 -0.30 -1.95 2.36
N MET A 30 -1.02 -2.51 1.40
CA MET A 30 -1.13 -3.97 1.29
C MET A 30 -0.88 -4.41 -0.15
N CYS A 31 -0.29 -5.60 -0.31
CA CYS A 31 0.00 -6.13 -1.65
C CYS A 31 -1.29 -6.40 -2.43
N LYS A 32 -1.13 -6.66 -3.72
CA LYS A 32 -2.26 -6.94 -4.59
C LYS A 32 -3.13 -8.07 -4.02
N THR A 33 -2.48 -9.09 -3.49
CA THR A 33 -3.19 -10.22 -2.91
C THR A 33 -4.00 -9.77 -1.70
N CYS A 34 -3.30 -9.35 -0.66
CA CYS A 34 -3.94 -8.88 0.55
C CYS A 34 -4.82 -7.68 0.25
N PHE A 35 -4.47 -6.94 -0.80
CA PHE A 35 -5.24 -5.76 -1.18
C PHE A 35 -6.69 -6.15 -1.39
N ASN A 36 -6.89 -7.20 -2.16
CA ASN A 36 -8.23 -7.71 -2.42
C ASN A 36 -8.81 -8.26 -1.12
N ASN A 37 -7.96 -8.96 -0.39
CA ASN A 37 -8.36 -9.55 0.88
C ASN A 37 -8.62 -8.44 1.89
N SER A 38 -7.90 -7.35 1.74
CA SER A 38 -8.06 -6.21 2.63
C SER A 38 -9.48 -5.71 2.52
N ILE A 39 -10.06 -5.90 1.35
CA ILE A 39 -11.44 -5.50 1.15
C ILE A 39 -12.31 -6.36 2.02
N LYS A 40 -11.83 -7.59 2.20
CA LYS A 40 -12.53 -8.55 3.04
C LYS A 40 -12.23 -8.24 4.51
N SER A 41 -10.99 -8.51 4.87
CA SER A 41 -10.52 -8.28 6.22
C SER A 41 -10.46 -6.79 6.54
N GLY A 42 -9.78 -6.05 5.66
CA GLY A 42 -9.63 -4.61 5.85
C GLY A 42 -10.96 -3.90 5.76
N ASP A 43 -11.74 -4.26 4.74
CA ASP A 43 -13.05 -3.63 4.54
C ASP A 43 -12.90 -2.13 4.35
N ASP A 44 -12.30 -1.48 5.34
CA ASP A 44 -12.08 -0.04 5.30
C ASP A 44 -11.27 0.41 6.49
N THR A 45 -10.23 -0.35 6.83
CA THR A 45 -9.37 -0.02 7.95
C THR A 45 -7.93 0.22 7.52
N TYR A 46 -7.24 -0.86 7.18
CA TYR A 46 -5.85 -0.76 6.74
C TYR A 46 -5.74 -0.12 5.35
N HIS A 47 -6.81 0.54 4.93
CA HIS A 47 -6.82 1.19 3.62
C HIS A 47 -5.87 2.39 3.62
N GLY A 48 -5.51 2.86 2.44
CA GLY A 48 -4.63 4.00 2.32
C GLY A 48 -3.41 3.69 1.45
N HIS A 49 -2.98 4.66 0.66
CA HIS A 49 -1.83 4.48 -0.21
C HIS A 49 -0.90 5.68 -0.09
N VAL A 50 0.36 5.48 -0.48
CA VAL A 50 1.34 6.55 -0.40
C VAL A 50 1.72 7.03 -1.80
N ASP A 51 2.05 8.30 -1.92
CA ASP A 51 2.44 8.87 -3.21
C ASP A 51 3.70 9.72 -3.07
N TRP A 52 4.60 9.59 -4.03
CA TRP A 52 5.85 10.35 -4.01
C TRP A 52 5.86 11.36 -5.14
N LEU A 53 6.43 12.54 -4.90
CA LEU A 53 6.48 13.56 -5.94
C LEU A 53 7.91 13.75 -6.43
N MET A 54 8.36 12.82 -7.26
CA MET A 54 9.70 12.85 -7.84
C MET A 54 10.75 13.36 -6.84
N TYR A 55 10.35 13.51 -5.57
CA TYR A 55 11.28 13.99 -4.56
C TYR A 55 10.60 14.13 -3.19
N THR A 56 9.29 14.32 -3.21
CA THR A 56 8.55 14.46 -1.96
C THR A 56 7.68 13.24 -1.69
N ASP A 57 7.28 13.08 -0.44
CA ASP A 57 6.44 11.94 -0.06
C ASP A 57 5.05 12.44 0.33
N ALA A 58 4.03 11.73 -0.15
CA ALA A 58 2.65 12.10 0.15
C ALA A 58 1.89 10.93 0.75
N LYS A 59 0.78 11.21 1.43
CA LYS A 59 -0.02 10.18 2.04
C LYS A 59 -1.50 10.43 1.80
N GLU A 60 -2.24 9.37 1.51
CA GLU A 60 -3.67 9.48 1.26
C GLU A 60 -4.40 8.31 1.89
N PHE A 61 -4.61 8.38 3.20
CA PHE A 61 -5.28 7.30 3.92
C PHE A 61 -6.73 7.16 3.46
N SER A 62 -7.62 7.96 4.03
CA SER A 62 -9.03 7.90 3.68
C SER A 62 -9.35 8.85 2.53
N SER A 63 -10.40 8.52 1.77
CA SER A 63 -10.81 9.35 0.64
C SER A 63 -12.20 9.92 0.89
N THR A 64 -12.27 10.94 1.75
CA THR A 64 -13.54 11.57 2.07
C THR A 64 -13.82 12.74 1.11
ZN ZN B . 0.42 -8.89 1.44
PG ATP C . -7.67 7.25 -8.53
O1G ATP C . -9.02 7.12 -9.14
O2G ATP C . -7.48 8.74 -7.96
O3G ATP C . -6.54 6.93 -9.64
PB ATP C . -7.43 4.73 -7.98
O1B ATP C . -8.43 4.59 -9.06
O2B ATP C . -5.96 4.51 -8.58
O3B ATP C . -7.54 6.19 -7.31
PA ATP C . -6.83 4.03 -5.57
O1A ATP C . -7.28 5.36 -5.08
O2A ATP C . -5.28 4.10 -5.97
O3A ATP C . -7.71 3.61 -6.85
O5' ATP C . -7.03 2.95 -4.40
C5' ATP C . -8.45 2.79 -4.21
C4' ATP C . -8.85 3.23 -2.79
O4' ATP C . -8.72 2.12 -1.85
C3' ATP C . -7.98 4.37 -2.27
O3' ATP C . -8.74 5.27 -1.46
C2' ATP C . -6.88 3.66 -1.46
O2' ATP C . -6.56 4.40 -0.28
C1' ATP C . -7.45 2.26 -1.14
N9 ATP C . -6.52 1.22 -1.59
C8 ATP C . -6.36 0.77 -2.86
N7 ATP C . -5.59 -0.28 -2.87
C5 ATP C . -5.11 -0.48 -1.63
C6 ATP C . -4.23 -1.42 -1.03
N6 ATP C . -3.83 -2.54 -1.72
N1 ATP C . -3.81 -1.21 0.25
C2 ATP C . -4.36 -0.26 1.02
N3 ATP C . -5.24 0.61 0.50
C4 ATP C . -5.63 0.52 -0.79
H5'1 ATP C . -8.97 3.40 -4.94
H5'2 ATP C . -8.71 1.74 -4.35
H4' ATP C . -9.89 3.54 -2.88
H3' ATP C . -7.55 4.98 -3.06
HO3' ATP C . -8.66 5.02 -0.54
H2' ATP C . -5.95 3.59 -2.02
HO2' ATP C . -5.72 4.84 -0.40
H1' ATP C . -7.60 2.15 -0.07
H8 ATP C . -6.97 1.50 -3.39
HN61 ATP C . -4.01 -3.37 -1.18
HN62 ATP C . -2.83 -2.47 -1.90
H2 ATP C . -4.45 0.23 1.99
N GLY A 1 -0.61 -8.77 17.77
CA GLY A 1 0.02 -7.61 17.06
C GLY A 1 -0.66 -7.39 15.72
N SER A 2 -1.21 -6.20 15.54
CA SER A 2 -1.90 -5.86 14.29
C SER A 2 -2.34 -4.40 14.30
N PHE A 3 -1.60 -3.58 15.04
CA PHE A 3 -1.91 -2.16 15.12
C PHE A 3 -0.63 -1.33 15.13
N ARG A 4 0.40 -1.84 14.45
CA ARG A 4 1.68 -1.14 14.38
C ARG A 4 2.06 -0.88 12.93
N VAL A 5 1.88 -1.88 12.08
CA VAL A 5 2.21 -1.75 10.67
C VAL A 5 0.94 -1.57 9.83
N LYS A 6 0.92 -0.53 9.01
CA LYS A 6 -0.24 -0.27 8.16
C LYS A 6 -0.04 -0.90 6.78
N PRO A 7 1.17 -0.94 6.31
CA PRO A 7 1.50 -1.54 4.98
C PRO A 7 1.12 -3.02 4.95
N CYS A 8 1.28 -3.65 3.79
CA CYS A 8 0.95 -5.06 3.68
C CYS A 8 1.32 -5.79 4.97
N VAL A 9 0.55 -6.80 5.33
CA VAL A 9 0.83 -7.54 6.56
C VAL A 9 0.36 -8.99 6.42
N VAL A 10 -0.52 -9.23 5.46
CA VAL A 10 -1.03 -10.57 5.24
C VAL A 10 -0.05 -11.36 4.38
N CYS A 11 1.00 -10.69 3.93
CA CYS A 11 2.01 -11.34 3.11
C CYS A 11 3.40 -10.94 3.60
N LYS A 12 3.55 -9.68 3.99
CA LYS A 12 4.83 -9.19 4.49
C LYS A 12 5.94 -9.72 3.62
N VAL A 13 5.54 -10.27 2.48
CA VAL A 13 6.48 -10.82 1.52
C VAL A 13 6.49 -9.97 0.28
N ALA A 14 5.54 -9.04 0.20
CA ALA A 14 5.43 -8.17 -0.96
C ALA A 14 5.75 -6.72 -0.57
N PRO A 15 6.50 -6.03 -1.39
CA PRO A 15 6.88 -4.60 -1.13
C PRO A 15 5.68 -3.68 -1.25
N ARG A 16 4.49 -4.22 -0.99
CA ARG A 16 3.27 -3.43 -1.07
C ARG A 16 3.04 -2.98 -2.52
N ASP A 17 2.12 -3.65 -3.21
CA ASP A 17 1.82 -3.30 -4.59
C ASP A 17 2.07 -1.82 -4.83
N TRP A 18 2.72 -1.50 -5.95
CA TRP A 18 3.01 -0.11 -6.28
C TRP A 18 2.81 0.15 -7.75
N ARG A 19 2.66 1.42 -8.09
CA ARG A 19 2.46 1.83 -9.47
C ARG A 19 3.25 3.08 -9.77
N VAL A 20 3.50 3.34 -11.06
CA VAL A 20 4.26 4.53 -11.44
C VAL A 20 3.32 5.53 -12.12
N LYS A 21 3.13 6.66 -11.46
CA LYS A 21 2.25 7.69 -12.00
C LYS A 21 3.05 8.91 -12.47
N ASN A 22 2.94 9.21 -13.75
CA ASN A 22 3.64 10.34 -14.33
C ASN A 22 5.08 10.43 -13.82
N ARG A 23 5.28 11.17 -12.72
CA ARG A 23 6.61 11.33 -12.15
C ARG A 23 6.65 10.89 -10.69
N HIS A 24 5.51 10.43 -10.17
CA HIS A 24 5.43 9.99 -8.79
C HIS A 24 5.28 8.48 -8.71
N LEU A 25 5.62 7.92 -7.56
CA LEU A 25 5.48 6.48 -7.36
C LEU A 25 4.35 6.24 -6.39
N ARG A 26 3.43 5.36 -6.75
CA ARG A 26 2.30 5.09 -5.89
C ARG A 26 2.40 3.70 -5.27
N ILE A 27 2.25 3.67 -3.95
CA ILE A 27 2.30 2.41 -3.22
C ILE A 27 0.90 2.07 -2.71
N TYR A 28 0.69 0.80 -2.40
CA TYR A 28 -0.61 0.37 -1.89
C TYR A 28 -0.46 -0.29 -0.53
N ASN A 29 -1.13 0.26 0.48
CA ASN A 29 -1.05 -0.26 1.83
C ASN A 29 -1.26 -1.77 1.86
N MET A 30 -1.65 -2.34 0.72
CA MET A 30 -1.87 -3.78 0.63
C MET A 30 -1.72 -4.27 -0.81
N CYS A 31 -1.09 -5.42 -0.98
CA CYS A 31 -0.90 -5.99 -2.31
C CYS A 31 -2.25 -6.34 -2.93
N LYS A 32 -2.22 -6.71 -4.20
CA LYS A 32 -3.44 -7.08 -4.90
C LYS A 32 -4.21 -8.16 -4.13
N THR A 33 -3.47 -9.15 -3.64
CA THR A 33 -4.06 -10.24 -2.89
C THR A 33 -4.65 -9.74 -1.57
N CYS A 34 -3.77 -9.36 -0.66
CA CYS A 34 -4.19 -8.85 0.65
C CYS A 34 -5.16 -7.68 0.49
N PHE A 35 -5.05 -6.96 -0.62
CA PHE A 35 -5.93 -5.82 -0.86
C PHE A 35 -7.37 -6.28 -0.81
N ASN A 36 -7.66 -7.35 -1.55
CA ASN A 36 -8.99 -7.92 -1.56
C ASN A 36 -9.30 -8.50 -0.19
N ASN A 37 -8.30 -9.17 0.36
CA ASN A 37 -8.43 -9.80 1.67
C ASN A 37 -8.57 -8.74 2.76
N SER A 38 -7.88 -7.63 2.56
CA SER A 38 -7.94 -6.53 3.51
C SER A 38 -9.37 -6.11 3.68
N ILE A 39 -10.15 -6.29 2.63
CA ILE A 39 -11.55 -5.96 2.70
C ILE A 39 -12.19 -6.90 3.69
N LYS A 40 -11.64 -8.10 3.75
CA LYS A 40 -12.11 -9.12 4.67
C LYS A 40 -11.53 -8.84 6.06
N SER A 41 -10.21 -9.01 6.14
CA SER A 41 -9.49 -8.80 7.38
C SER A 41 -9.48 -7.33 7.76
N GLY A 42 -9.08 -6.48 6.82
CA GLY A 42 -9.03 -5.05 7.07
C GLY A 42 -10.42 -4.51 7.34
N ASP A 43 -11.35 -4.87 6.46
CA ASP A 43 -12.74 -4.45 6.61
C ASP A 43 -12.85 -2.94 6.80
N ASP A 44 -12.36 -2.46 7.94
CA ASP A 44 -12.41 -1.03 8.26
C ASP A 44 -12.57 -0.20 7.01
N THR A 45 -11.52 -0.11 6.21
CA THR A 45 -11.56 0.66 4.97
C THR A 45 -10.67 0.01 3.92
N TYR A 46 -9.90 -0.98 4.34
CA TYR A 46 -9.01 -1.69 3.44
C TYR A 46 -8.47 -0.74 2.37
N HIS A 47 -8.42 0.55 2.69
CA HIS A 47 -7.93 1.55 1.75
C HIS A 47 -6.74 2.32 2.33
N GLY A 48 -5.85 2.80 1.46
CA GLY A 48 -4.68 3.55 1.91
C GLY A 48 -3.50 3.36 0.95
N HIS A 49 -2.94 4.45 0.45
CA HIS A 49 -1.81 4.37 -0.46
C HIS A 49 -0.80 5.48 -0.19
N VAL A 50 0.43 5.27 -0.66
CA VAL A 50 1.50 6.24 -0.49
C VAL A 50 2.02 6.70 -1.84
N ASP A 51 2.21 8.02 -1.99
CA ASP A 51 2.71 8.56 -3.24
C ASP A 51 3.98 9.37 -3.02
N TRP A 52 5.02 9.04 -3.78
CA TRP A 52 6.28 9.74 -3.67
C TRP A 52 6.51 10.59 -4.91
N LEU A 53 6.84 11.87 -4.72
CA LEU A 53 7.06 12.76 -5.84
C LEU A 53 8.55 13.07 -5.97
N MET A 54 8.94 13.54 -7.15
CA MET A 54 10.33 13.86 -7.39
C MET A 54 10.69 15.12 -6.63
N TYR A 55 9.93 15.42 -5.58
CA TYR A 55 10.16 16.62 -4.80
C TYR A 55 9.39 16.59 -3.48
N THR A 56 8.28 15.87 -3.44
CA THR A 56 7.48 15.81 -2.22
C THR A 56 7.01 14.38 -1.93
N ASP A 57 6.63 14.13 -0.68
CA ASP A 57 6.16 12.81 -0.26
C ASP A 57 4.70 12.88 0.16
N ALA A 58 3.88 11.96 -0.36
CA ALA A 58 2.47 11.94 -0.02
C ALA A 58 2.11 10.66 0.74
N LYS A 59 1.22 10.79 1.71
CA LYS A 59 0.79 9.64 2.50
C LYS A 59 -0.70 9.71 2.77
N GLU A 60 -1.38 8.59 2.64
CA GLU A 60 -2.81 8.55 2.90
C GLU A 60 -3.15 7.26 3.64
N PHE A 61 -2.87 7.24 4.93
CA PHE A 61 -3.13 6.08 5.77
C PHE A 61 -1.91 5.16 5.79
N SER A 62 -0.77 5.71 6.23
CA SER A 62 0.46 4.93 6.30
C SER A 62 1.17 5.16 7.63
N SER A 63 0.79 6.24 8.31
CA SER A 63 1.39 6.56 9.59
C SER A 63 1.58 5.29 10.43
N THR A 64 2.83 4.96 10.72
CA THR A 64 3.12 3.77 11.51
C THR A 64 2.18 3.66 12.70
ZN ZN B . 0.26 -8.37 0.88
PG ATP C . -5.96 7.61 -11.56
O1G ATP C . -5.07 6.70 -12.32
O2G ATP C . -7.31 7.86 -12.40
O3G ATP C . -5.21 9.01 -11.30
PB ATP C . -6.09 5.34 -10.33
O1B ATP C . -6.52 4.91 -11.68
O2B ATP C . -4.52 5.01 -10.15
O3B ATP C . -6.33 6.92 -10.15
PA ATP C . -6.22 4.80 -7.80
O1A ATP C . -6.27 6.25 -7.48
O2A ATP C . -4.68 4.33 -7.86
O3A ATP C . -6.93 4.54 -9.22
O5' ATP C . -6.97 3.98 -6.64
C5' ATP C . -6.23 4.18 -5.44
C4' ATP C . -7.17 4.66 -4.34
O4' ATP C . -7.91 3.55 -3.75
C3' ATP C . -6.41 5.31 -3.18
O3' ATP C . -7.17 6.38 -2.60
C2' ATP C . -6.16 4.17 -2.19
O2' ATP C . -6.37 4.61 -0.85
C1' ATP C . -7.16 3.06 -2.60
N9 ATP C . -6.43 1.83 -2.96
C8 ATP C . -6.29 1.30 -4.21
N7 ATP C . -5.71 0.14 -4.16
C5 ATP C . -5.38 -0.13 -2.88
C6 ATP C . -4.76 -1.20 -2.18
N6 ATP C . -4.57 -2.43 -2.80
N1 ATP C . -4.35 -1.01 -0.91
C2 ATP C . -4.81 0.01 -0.18
N3 ATP C . -5.51 1.00 -0.77
C4 ATP C . -5.79 0.98 -2.09
H5'1 ATP C . -5.75 3.25 -5.14
H5'2 ATP C . -5.46 4.94 -5.61
H4' ATP C . -7.84 5.38 -4.81
H3' ATP C . -5.47 5.77 -3.49
HO3' ATP C . -7.43 6.13 -1.71
H2' ATP C . -5.13 3.80 -2.23
HO2' ATP C . -5.53 4.66 -0.40
H1' ATP C . -7.83 2.82 -1.78
H8 ATP C . -6.73 2.11 -4.79
HN61 ATP C . -5.47 -2.80 -3.08
HN62 ATP C . -4.13 -3.07 -2.16
H2 ATP C . -4.95 0.50 0.78
N GLY A 1 14.36 -4.09 0.87
CA GLY A 1 14.73 -5.39 1.52
C GLY A 1 15.71 -5.13 2.66
N SER A 2 16.28 -3.92 2.69
CA SER A 2 17.23 -3.56 3.73
C SER A 2 16.50 -3.20 5.01
N PHE A 3 15.82 -2.05 5.01
CA PHE A 3 15.09 -1.61 6.18
C PHE A 3 14.07 -0.54 5.80
N ARG A 4 13.11 -0.29 6.69
CA ARG A 4 12.08 0.71 6.43
C ARG A 4 11.12 0.21 5.36
N VAL A 5 10.55 1.14 4.60
CA VAL A 5 9.60 0.78 3.55
C VAL A 5 8.35 0.14 4.15
N LYS A 6 8.46 -0.26 5.41
CA LYS A 6 7.32 -0.90 6.10
C LYS A 6 6.51 -1.72 5.12
N PRO A 7 7.06 -2.80 4.63
CA PRO A 7 6.35 -3.71 3.67
C PRO A 7 5.14 -4.37 4.30
N CYS A 8 4.28 -4.95 3.46
CA CYS A 8 3.08 -5.61 3.95
C CYS A 8 3.38 -6.37 5.23
N VAL A 9 2.33 -6.84 5.90
CA VAL A 9 2.50 -7.58 7.14
C VAL A 9 1.63 -8.83 7.14
N VAL A 10 0.56 -8.81 6.36
CA VAL A 10 -0.32 -9.96 6.26
C VAL A 10 0.35 -11.07 5.46
N CYS A 11 1.47 -10.73 4.83
CA CYS A 11 2.22 -11.69 4.04
C CYS A 11 3.72 -11.53 4.32
N LYS A 12 4.13 -10.28 4.58
CA LYS A 12 5.54 -10.00 4.87
C LYS A 12 6.44 -10.68 3.86
N VAL A 13 5.80 -11.27 2.85
CA VAL A 13 6.53 -11.95 1.80
C VAL A 13 6.49 -11.10 0.55
N ALA A 14 5.78 -9.98 0.64
CA ALA A 14 5.65 -9.06 -0.49
C ALA A 14 5.87 -7.62 -0.05
N PRO A 15 6.22 -6.76 -0.97
CA PRO A 15 6.46 -5.32 -0.69
C PRO A 15 5.15 -4.54 -0.51
N ARG A 16 4.45 -4.32 -1.61
CA ARG A 16 3.18 -3.59 -1.57
C ARG A 16 2.83 -3.06 -2.96
N ASP A 17 1.80 -3.64 -3.57
CA ASP A 17 1.39 -3.21 -4.90
C ASP A 17 1.65 -1.72 -5.07
N TRP A 18 2.05 -1.32 -6.28
CA TRP A 18 2.35 0.08 -6.53
C TRP A 18 1.86 0.52 -7.91
N ARG A 19 1.64 1.89 -8.24
CA ARG A 19 1.18 2.44 -9.50
C ARG A 19 1.89 3.76 -9.78
N VAL A 20 1.91 4.11 -10.87
CA VAL A 20 2.57 5.36 -11.25
C VAL A 20 1.52 6.42 -11.57
N LYS A 21 1.62 7.55 -10.88
CA LYS A 21 0.66 8.62 -11.08
C LYS A 21 1.35 9.99 -11.17
N ASN A 22 0.87 10.83 -12.07
CA ASN A 22 1.41 12.17 -12.27
C ASN A 22 2.85 12.29 -11.76
N ARG A 23 3.80 11.89 -12.60
CA ARG A 23 5.21 11.97 -12.25
C ARG A 23 5.47 11.43 -10.85
N HIS A 24 4.42 10.95 -10.21
CA HIS A 24 4.56 10.41 -8.86
C HIS A 24 4.31 8.91 -8.85
N LEU A 25 4.83 8.25 -7.84
CA LEU A 25 4.63 6.81 -7.69
C LEU A 25 3.70 6.56 -6.53
N ARG A 26 2.67 6.04 -6.69
CA ARG A 26 1.71 5.75 -5.64
C ARG A 26 1.87 4.33 -5.13
N ILE A 27 2.13 3.92 -3.89
CA ILE A 27 2.29 2.63 -3.26
C ILE A 27 1.08 2.32 -2.39
N TYR A 28 0.88 0.98 -1.95
CA TYR A 28 -0.25 0.56 -1.14
C TYR A 28 0.21 -0.01 0.19
N ASN A 29 -0.71 0.03 0.99
CA ASN A 29 -0.38 -0.49 2.32
C ASN A 29 -0.59 -2.00 2.38
N MET A 30 -0.84 -2.61 1.22
CA MET A 30 -1.06 -4.05 1.18
C MET A 30 -0.90 -4.57 -0.25
N CYS A 31 -0.31 -5.76 -0.37
CA CYS A 31 -0.11 -6.37 -1.68
C CYS A 31 -1.44 -6.68 -2.35
N LYS A 32 -1.36 -7.26 -3.54
CA LYS A 32 -2.56 -7.62 -4.29
C LYS A 32 -3.37 -8.69 -3.56
N THR A 33 -2.67 -9.67 -3.01
CA THR A 33 -3.33 -10.76 -2.29
C THR A 33 -4.01 -10.23 -1.03
N CYS A 34 -3.22 -9.67 -0.13
CA CYS A 34 -3.76 -9.12 1.11
C CYS A 34 -4.76 -8.01 0.80
N PHE A 35 -4.54 -7.33 -0.33
CA PHE A 35 -5.44 -6.26 -0.73
C PHE A 35 -6.84 -6.82 -0.88
N ASN A 36 -6.92 -7.97 -1.54
CA ASN A 36 -8.17 -8.65 -1.75
C ASN A 36 -8.71 -9.12 -0.41
N ASN A 37 -7.80 -9.61 0.42
CA ASN A 37 -8.16 -10.09 1.75
C ASN A 37 -8.63 -8.92 2.59
N SER A 38 -8.01 -7.78 2.40
CA SER A 38 -8.38 -6.57 3.12
C SER A 38 -9.86 -6.33 2.91
N ILE A 39 -10.33 -6.75 1.74
CA ILE A 39 -11.74 -6.62 1.43
C ILE A 39 -12.52 -7.52 2.36
N LYS A 40 -11.85 -8.59 2.78
CA LYS A 40 -12.45 -9.54 3.70
C LYS A 40 -12.37 -8.97 5.10
N SER A 41 -11.15 -8.90 5.61
CA SER A 41 -10.89 -8.38 6.94
C SER A 41 -11.19 -6.89 7.01
N GLY A 42 -10.59 -6.14 6.10
CA GLY A 42 -10.77 -4.70 6.04
C GLY A 42 -12.21 -4.34 5.69
N ASP A 43 -12.69 -4.95 4.61
CA ASP A 43 -14.06 -4.72 4.17
C ASP A 43 -14.32 -3.23 3.94
N ASP A 44 -14.27 -2.46 5.01
CA ASP A 44 -14.52 -1.03 4.91
C ASP A 44 -13.43 -0.23 5.63
N THR A 45 -12.24 -0.19 5.03
CA THR A 45 -11.14 0.55 5.63
C THR A 45 -10.43 1.37 4.56
N TYR A 46 -10.55 0.94 3.31
CA TYR A 46 -9.91 1.64 2.20
C TYR A 46 -8.43 1.85 2.49
N HIS A 47 -8.00 1.38 3.65
CA HIS A 47 -6.60 1.52 4.04
C HIS A 47 -5.99 2.78 3.43
N GLY A 48 -4.67 2.78 3.25
CA GLY A 48 -4.01 3.96 2.72
C GLY A 48 -2.97 3.60 1.66
N HIS A 49 -2.41 4.65 1.04
CA HIS A 49 -1.39 4.46 0.01
C HIS A 49 -0.30 5.52 0.16
N VAL A 50 0.85 5.25 -0.43
CA VAL A 50 1.97 6.18 -0.37
C VAL A 50 2.28 6.75 -1.75
N ASP A 51 2.41 8.07 -1.84
CA ASP A 51 2.71 8.70 -3.12
C ASP A 51 4.08 9.34 -3.08
N TRP A 52 4.91 9.00 -4.07
CA TRP A 52 6.24 9.55 -4.14
C TRP A 52 6.34 10.51 -5.31
N LEU A 53 6.99 11.65 -5.08
CA LEU A 53 7.14 12.64 -6.13
C LEU A 53 8.60 12.67 -6.59
N MET A 54 8.82 13.21 -7.77
CA MET A 54 10.17 13.29 -8.30
C MET A 54 10.95 14.35 -7.55
N TYR A 55 10.64 14.50 -6.26
CA TYR A 55 11.32 15.49 -5.44
C TYR A 55 10.93 15.35 -3.97
N THR A 56 9.68 14.94 -3.72
CA THR A 56 9.19 14.79 -2.35
C THR A 56 8.32 13.55 -2.20
N ASP A 57 8.13 13.11 -0.97
CA ASP A 57 7.31 11.94 -0.70
C ASP A 57 6.01 12.35 -0.04
N ALA A 58 4.93 11.63 -0.35
CA ALA A 58 3.62 11.95 0.21
C ALA A 58 3.00 10.71 0.86
N LYS A 59 2.08 10.94 1.79
CA LYS A 59 1.41 9.84 2.47
C LYS A 59 -0.07 10.15 2.67
N GLU A 60 -0.91 9.15 2.46
CA GLU A 60 -2.34 9.33 2.64
C GLU A 60 -2.94 8.09 3.29
N PHE A 61 -2.76 7.97 4.60
CA PHE A 61 -3.30 6.83 5.34
C PHE A 61 -4.79 6.71 5.11
N SER A 62 -5.50 7.82 5.23
CA SER A 62 -6.94 7.83 5.03
C SER A 62 -7.37 9.01 4.17
N SER A 63 -7.92 10.04 4.81
CA SER A 63 -8.37 11.23 4.10
C SER A 63 -9.68 10.96 3.36
N THR A 64 -10.80 11.20 4.05
CA THR A 64 -12.11 10.98 3.46
C THR A 64 -12.41 12.06 2.41
ZN ZN B . 0.66 -8.80 1.62
PG ATP C . -5.30 8.31 -5.29
O1G ATP C . -6.73 8.45 -4.93
O2G ATP C . -4.39 8.62 -4.01
O3G ATP C . -4.94 9.34 -6.48
PB ATP C . -6.19 6.45 -6.84
O1B ATP C . -6.59 7.65 -7.58
O2B ATP C . -5.68 5.32 -7.87
O3B ATP C . -5.03 6.81 -5.79
PA ATP C . -6.91 4.75 -5.01
O1A ATP C . -6.04 5.38 -3.99
O2A ATP C . -6.07 3.65 -5.84
O3A ATP C . -7.47 5.88 -6.03
O5' ATP C . -8.17 4.02 -4.29
C5' ATP C . -8.63 4.89 -3.25
C4' ATP C . -8.32 4.25 -1.90
O4' ATP C . -8.12 2.82 -2.05
C3' ATP C . -7.01 4.81 -1.30
O3' ATP C . -7.30 5.73 -0.24
C2' ATP C . -6.24 3.57 -0.80
O2' ATP C . -5.90 3.72 0.57
C1' ATP C . -7.18 2.38 -1.02
N9 ATP C . -6.42 1.24 -1.52
C8 ATP C . -6.47 0.72 -2.79
N7 ATP C . -5.74 -0.35 -2.88
C5 ATP C . -5.16 -0.59 -1.68
C6 ATP C . -4.32 -1.60 -1.14
N6 ATP C . -3.93 -2.67 -1.93
N1 ATP C . -3.90 -1.49 0.14
C2 ATP C . -4.29 -0.50 0.93
N3 ATP C . -4.99 0.52 0.43
C4 ATP C . -5.53 0.47 -0.81
H5'1 ATP C . -8.13 5.85 -3.32
H5'2 ATP C . -9.70 5.03 -3.35
H4' ATP C . -9.16 4.46 -1.24
H3' ATP C . -6.44 5.37 -2.02
HO3' ATP C . -6.55 5.75 0.37
H2' ATP C . -5.30 3.44 -1.32
HO2' ATP C . -4.96 3.93 0.65
H1' ATP C . -7.68 2.08 -0.11
H8 ATP C . -7.14 1.46 -3.24
HN61 ATP C . -3.71 -3.46 -1.33
HN62 ATP C . -3.11 -2.41 -2.46
H2 ATP C . -4.35 -0.03 1.91
N GLY A 1 10.30 5.17 14.06
CA GLY A 1 11.62 4.55 14.37
C GLY A 1 12.07 3.67 13.20
N SER A 2 11.46 3.92 12.03
CA SER A 2 11.80 3.16 10.84
C SER A 2 11.43 3.93 9.58
N PHE A 3 12.36 4.01 8.64
CA PHE A 3 12.11 4.72 7.39
C PHE A 3 11.00 4.04 6.60
N ARG A 4 11.28 2.82 6.14
CA ARG A 4 10.30 2.07 5.36
C ARG A 4 9.38 1.27 6.29
N VAL A 5 8.11 1.65 6.33
CA VAL A 5 7.15 0.96 7.18
C VAL A 5 7.51 -0.53 7.30
N LYS A 6 6.84 -1.37 6.52
CA LYS A 6 7.11 -2.80 6.56
C LYS A 6 6.44 -3.52 5.38
N PRO A 7 7.21 -4.16 4.53
CA PRO A 7 6.67 -4.89 3.35
C PRO A 7 5.40 -5.67 3.70
N CYS A 8 4.26 -4.99 3.65
CA CYS A 8 2.99 -5.63 3.97
C CYS A 8 3.13 -6.42 5.26
N VAL A 9 2.01 -6.93 5.77
CA VAL A 9 2.06 -7.71 7.01
C VAL A 9 1.20 -8.96 6.87
N VAL A 10 0.18 -8.89 6.04
CA VAL A 10 -0.70 -10.03 5.83
C VAL A 10 0.03 -11.11 5.01
N CYS A 11 1.21 -10.74 4.49
CA CYS A 11 1.99 -11.68 3.70
C CYS A 11 3.47 -11.53 4.06
N LYS A 12 3.89 -10.30 4.35
CA LYS A 12 5.28 -10.04 4.72
C LYS A 12 6.21 -10.71 3.74
N VAL A 13 5.63 -11.30 2.70
CA VAL A 13 6.41 -11.99 1.69
C VAL A 13 6.43 -11.15 0.43
N ALA A 14 5.75 -10.01 0.48
CA ALA A 14 5.68 -9.11 -0.67
C ALA A 14 6.06 -7.69 -0.28
N PRO A 15 6.54 -6.91 -1.21
CA PRO A 15 6.94 -5.49 -0.98
C PRO A 15 5.72 -4.62 -0.67
N ARG A 16 4.97 -4.28 -1.71
CA ARG A 16 3.78 -3.45 -1.55
C ARG A 16 3.33 -2.90 -2.90
N ASP A 17 2.25 -3.48 -3.44
CA ASP A 17 1.73 -3.05 -4.73
C ASP A 17 1.96 -1.56 -4.94
N TRP A 18 2.46 -1.20 -6.12
CA TRP A 18 2.72 0.20 -6.44
C TRP A 18 2.35 0.51 -7.88
N ARG A 19 2.12 1.78 -8.16
CA ARG A 19 1.73 2.20 -9.50
C ARG A 19 2.41 3.51 -9.88
N VAL A 20 2.44 3.80 -11.17
CA VAL A 20 3.06 5.02 -11.66
C VAL A 20 2.00 6.00 -12.14
N LYS A 21 1.88 7.13 -11.45
CA LYS A 21 0.90 8.14 -11.81
C LYS A 21 1.59 9.44 -12.19
N ASN A 22 1.57 9.76 -13.49
CA ASN A 22 2.19 10.99 -13.98
C ASN A 22 3.66 11.04 -13.58
N ARG A 23 3.99 11.94 -12.66
CA ARG A 23 5.36 12.08 -12.21
C ARG A 23 5.52 11.54 -10.79
N HIS A 24 4.42 11.06 -10.21
CA HIS A 24 4.46 10.51 -8.87
C HIS A 24 4.29 9.00 -8.88
N LEU A 25 4.77 8.36 -7.83
CA LEU A 25 4.63 6.91 -7.70
C LEU A 25 3.63 6.62 -6.59
N ARG A 26 2.70 5.70 -6.85
CA ARG A 26 1.71 5.39 -5.85
C ARG A 26 1.96 4.01 -5.25
N ILE A 27 2.10 3.98 -3.93
CA ILE A 27 2.32 2.72 -3.23
C ILE A 27 1.08 2.35 -2.44
N TYR A 28 0.90 1.07 -2.20
CA TYR A 28 -0.26 0.59 -1.45
C TYR A 28 0.18 0.01 -0.11
N ASN A 29 -0.69 0.12 0.89
CA ASN A 29 -0.38 -0.41 2.21
C ASN A 29 -0.49 -1.93 2.23
N MET A 30 -1.07 -2.48 1.18
CA MET A 30 -1.23 -3.93 1.10
C MET A 30 -1.09 -4.41 -0.34
N CYS A 31 -0.49 -5.58 -0.52
CA CYS A 31 -0.30 -6.13 -1.85
C CYS A 31 -1.64 -6.45 -2.50
N LYS A 32 -1.61 -6.81 -3.79
CA LYS A 32 -2.82 -7.14 -4.53
C LYS A 32 -3.61 -8.24 -3.82
N THR A 33 -2.91 -9.29 -3.41
CA THR A 33 -3.55 -10.41 -2.73
C THR A 33 -4.19 -9.95 -1.42
N CYS A 34 -3.34 -9.53 -0.49
CA CYS A 34 -3.82 -9.07 0.80
C CYS A 34 -4.76 -7.88 0.64
N PHE A 35 -4.57 -7.12 -0.43
CA PHE A 35 -5.42 -5.96 -0.68
C PHE A 35 -6.88 -6.40 -0.77
N ASN A 36 -7.10 -7.43 -1.57
CA ASN A 36 -8.43 -7.97 -1.75
C ASN A 36 -8.89 -8.60 -0.44
N ASN A 37 -7.98 -9.33 0.18
CA ASN A 37 -8.26 -9.99 1.45
C ASN A 37 -8.46 -8.95 2.54
N SER A 38 -7.77 -7.84 2.40
CA SER A 38 -7.89 -6.76 3.37
C SER A 38 -9.30 -6.21 3.35
N ILE A 39 -9.93 -6.29 2.19
CA ILE A 39 -11.30 -5.81 2.08
C ILE A 39 -12.15 -6.72 2.92
N LYS A 40 -11.75 -7.99 2.96
CA LYS A 40 -12.41 -9.00 3.74
C LYS A 40 -11.99 -8.87 5.20
N SER A 41 -10.72 -9.17 5.42
CA SER A 41 -10.13 -9.11 6.74
C SER A 41 -10.05 -7.69 7.25
N GLY A 42 -9.48 -6.81 6.43
CA GLY A 42 -9.33 -5.40 6.81
C GLY A 42 -10.70 -4.76 6.93
N ASP A 43 -11.49 -4.89 5.88
CA ASP A 43 -12.84 -4.31 5.86
C ASP A 43 -12.82 -2.83 6.22
N ASP A 44 -12.44 -2.55 7.47
CA ASP A 44 -12.38 -1.18 7.98
C ASP A 44 -12.73 -0.16 6.91
N THR A 45 -11.86 -0.01 5.92
CA THR A 45 -12.10 0.93 4.84
C THR A 45 -11.25 0.57 3.62
N TYR A 46 -11.27 1.44 2.62
CA TYR A 46 -10.49 1.18 1.42
C TYR A 46 -9.01 1.12 1.74
N HIS A 47 -8.65 1.57 2.95
CA HIS A 47 -7.26 1.56 3.40
C HIS A 47 -6.56 2.85 3.03
N GLY A 48 -5.25 2.77 2.77
CA GLY A 48 -4.49 3.95 2.42
C GLY A 48 -3.31 3.64 1.52
N HIS A 49 -2.84 4.67 0.82
CA HIS A 49 -1.71 4.51 -0.09
C HIS A 49 -0.70 5.65 0.11
N VAL A 50 0.52 5.42 -0.37
CA VAL A 50 1.58 6.42 -0.25
C VAL A 50 2.01 6.91 -1.63
N ASP A 51 2.20 8.22 -1.76
CA ASP A 51 2.61 8.80 -3.03
C ASP A 51 3.96 9.50 -2.88
N TRP A 52 4.78 9.44 -3.93
CA TRP A 52 6.09 10.06 -3.91
C TRP A 52 6.17 11.17 -4.96
N LEU A 53 6.77 12.24 -4.86
CA LEU A 53 6.90 13.35 -5.80
C LEU A 53 8.34 13.48 -6.30
N MET A 54 8.79 12.60 -6.99
CA MET A 54 10.11 12.58 -7.58
C MET A 54 11.10 13.27 -6.67
N TYR A 55 10.93 13.06 -5.37
CA TYR A 55 11.81 13.66 -4.37
C TYR A 55 11.10 13.79 -3.02
N THR A 56 9.89 14.09 -2.82
CA THR A 56 9.13 14.25 -1.57
C THR A 56 8.18 13.08 -1.36
N ASP A 57 7.70 12.86 -0.34
CA ASP A 57 6.79 11.79 0.00
C ASP A 57 5.44 12.33 0.47
N ALA A 58 4.38 11.62 0.13
CA ALA A 58 3.03 12.05 0.51
C ALA A 58 2.22 10.86 1.02
N LYS A 59 1.16 11.14 1.75
CA LYS A 59 0.31 10.09 2.29
C LYS A 59 -1.15 10.45 2.10
N GLU A 60 -1.98 9.45 1.83
CA GLU A 60 -3.40 9.69 1.65
C GLU A 60 -4.22 8.60 2.33
N PHE A 61 -4.35 8.72 3.65
CA PHE A 61 -5.11 7.76 4.44
C PHE A 61 -4.20 6.64 4.93
N SER A 62 -2.91 6.95 5.08
CA SER A 62 -1.95 5.97 5.55
C SER A 62 -1.68 6.16 7.04
N SER A 63 -2.06 7.31 7.56
CA SER A 63 -1.87 7.60 8.97
C SER A 63 -2.96 8.53 9.49
N THR A 64 -3.05 8.66 10.81
CA THR A 64 -4.06 9.50 11.43
C THR A 64 -3.48 10.29 12.59
ZN ZN B . 0.61 -8.65 1.33
PG ATP C . -6.99 8.81 -8.20
O1G ATP C . -7.49 9.91 -9.05
O2G ATP C . -8.12 8.44 -7.10
O3G ATP C . -5.64 9.26 -7.45
PB ATP C . -6.49 6.27 -8.11
O1B ATP C . -7.69 5.41 -8.13
O2B ATP C . -5.21 5.42 -8.58
O3B ATP C . -6.70 7.52 -9.11
PA ATP C . -6.03 5.55 -5.66
O1A ATP C . -5.44 5.98 -4.38
O2A ATP C . -5.05 4.50 -6.38
O3A ATP C . -6.25 6.84 -6.62
O5' ATP C . -7.46 4.85 -5.39
C5' ATP C . -7.22 3.79 -4.45
C4' ATP C . -7.98 4.08 -3.16
O4' ATP C . -8.34 2.85 -2.48
C3' ATP C . -7.14 4.90 -2.17
O3' ATP C . -7.96 5.80 -1.43
C2' ATP C . -6.47 3.84 -1.28
O2' ATP C . -6.47 4.27 0.08
C1' ATP C . -7.29 2.55 -1.50
N9 ATP C . -6.42 1.48 -2.00
C8 ATP C . -6.37 1.02 -3.28
N7 ATP C . -5.70 -0.10 -3.32
C5 ATP C . -5.14 -0.33 -2.11
C6 ATP C . -4.32 -1.33 -1.54
N6 ATP C . -3.99 -2.46 -2.27
N1 ATP C . -3.86 -1.18 -0.27
C2 ATP C . -4.24 -0.15 0.49
N3 ATP C . -4.96 0.85 -0.03
C4 ATP C . -5.51 0.75 -1.26
H5'1 ATP C . -7.57 2.85 -4.88
H5'2 ATP C . -6.16 3.73 -4.24
H4' ATP C . -8.88 4.64 -3.46
H3' ATP C . -6.41 5.53 -2.67
HO3' ATP C . -7.97 5.55 -0.50
H2' ATP C . -5.43 3.69 -1.54
HO2' ATP C . -5.58 4.42 0.37
H1' ATP C . -7.72 2.21 -0.55
H8 ATP C . -6.94 1.80 -3.78
HN61 ATP C . -4.23 -3.29 -1.75
HN62 ATP C . -2.99 -2.47 -2.46
H2 ATP C . -4.26 0.35 1.46
N GLY A 1 -4.27 3.50 19.64
CA GLY A 1 -3.74 4.75 19.00
C GLY A 1 -3.64 4.53 17.49
N SER A 2 -4.78 4.55 16.82
CA SER A 2 -4.82 4.35 15.38
C SER A 2 -4.21 5.56 14.66
N PHE A 3 -3.29 6.24 15.33
CA PHE A 3 -2.65 7.41 14.75
C PHE A 3 -1.53 7.01 13.81
N ARG A 4 -0.59 6.22 14.33
CA ARG A 4 0.55 5.76 13.54
C ARG A 4 0.08 4.85 12.41
N VAL A 5 -0.13 5.43 11.22
CA VAL A 5 -0.56 4.65 10.07
C VAL A 5 0.58 3.79 9.55
N LYS A 6 0.26 2.74 8.83
CA LYS A 6 1.27 1.84 8.29
C LYS A 6 0.68 0.88 7.27
N PRO A 7 1.10 0.94 6.04
CA PRO A 7 0.57 0.03 4.96
C PRO A 7 0.54 -1.43 5.41
N CYS A 8 0.43 -2.33 4.45
CA CYS A 8 0.39 -3.75 4.74
C CYS A 8 1.57 -4.14 5.62
N VAL A 9 2.74 -4.19 4.99
CA VAL A 9 3.99 -4.58 5.62
C VAL A 9 4.67 -5.58 4.70
N VAL A 10 4.28 -5.49 3.44
CA VAL A 10 4.81 -6.37 2.43
C VAL A 10 4.18 -7.75 2.55
N CYS A 11 3.65 -8.02 3.74
CA CYS A 11 3.09 -9.33 4.00
C CYS A 11 4.14 -10.34 3.62
N LYS A 12 5.32 -9.81 3.34
CA LYS A 12 6.43 -10.63 2.93
C LYS A 12 5.94 -11.56 1.85
N VAL A 13 4.77 -11.24 1.35
CA VAL A 13 4.13 -12.01 0.29
C VAL A 13 3.98 -11.13 -0.93
N ALA A 14 4.33 -9.85 -0.79
CA ALA A 14 4.19 -8.92 -1.89
C ALA A 14 4.70 -7.53 -1.52
N PRO A 15 5.11 -6.75 -2.49
CA PRO A 15 5.60 -5.36 -2.25
C PRO A 15 4.46 -4.35 -2.26
N ARG A 16 3.45 -4.57 -1.42
CA ARG A 16 2.30 -3.68 -1.36
C ARG A 16 2.05 -3.08 -2.75
N ASP A 17 1.21 -3.76 -3.52
CA ASP A 17 0.88 -3.34 -4.88
C ASP A 17 1.25 -1.88 -5.10
N TRP A 18 1.88 -1.62 -6.25
CA TRP A 18 2.30 -0.25 -6.56
C TRP A 18 2.06 0.08 -8.02
N ARG A 19 2.02 1.37 -8.31
CA ARG A 19 1.78 1.85 -9.66
C ARG A 19 2.66 3.06 -9.95
N VAL A 20 2.83 3.37 -11.23
CA VAL A 20 3.66 4.51 -11.61
C VAL A 20 2.79 5.64 -12.12
N LYS A 21 3.01 6.83 -11.58
CA LYS A 21 2.22 7.98 -11.96
C LYS A 21 3.10 9.22 -12.16
N ASN A 22 3.59 9.40 -13.39
CA ASN A 22 4.44 10.55 -13.69
C ASN A 22 5.77 10.43 -12.97
N ARG A 23 6.17 11.51 -12.29
CA ARG A 23 7.44 11.52 -11.57
C ARG A 23 7.26 10.97 -10.15
N HIS A 24 6.03 10.63 -9.79
CA HIS A 24 5.75 10.10 -8.47
C HIS A 24 5.40 8.62 -8.54
N LEU A 25 5.53 7.95 -7.41
CA LEU A 25 5.20 6.53 -7.31
C LEU A 25 3.91 6.40 -6.54
N ARG A 26 3.25 5.27 -6.66
CA ARG A 26 2.00 5.07 -5.94
C ARG A 26 1.93 3.66 -5.37
N ILE A 27 1.75 3.45 -4.12
CA ILE A 27 1.67 2.15 -3.48
C ILE A 27 0.25 1.91 -2.96
N TYR A 28 -0.03 0.78 -2.65
CA TYR A 28 -1.34 0.40 -2.14
C TYR A 28 -1.22 -0.06 -0.69
N ASN A 29 -1.91 0.62 0.21
CA ASN A 29 -1.83 0.28 1.64
C ASN A 29 -1.76 -1.23 1.84
N MET A 30 -2.09 -2.00 0.81
CA MET A 30 -2.05 -3.45 0.93
C MET A 30 -1.87 -4.13 -0.41
N CYS A 31 -1.15 -5.24 -0.40
CA CYS A 31 -0.90 -6.01 -1.62
C CYS A 31 -2.21 -6.58 -2.16
N LYS A 32 -2.18 -7.03 -3.42
CA LYS A 32 -3.36 -7.62 -4.03
C LYS A 32 -3.87 -8.77 -3.18
N THR A 33 -2.95 -9.54 -2.62
CA THR A 33 -3.31 -10.68 -1.79
C THR A 33 -4.02 -10.21 -0.53
N CYS A 34 -3.28 -9.53 0.35
CA CYS A 34 -3.85 -9.03 1.58
C CYS A 34 -4.95 -8.01 1.30
N PHE A 35 -4.84 -7.33 0.17
CA PHE A 35 -5.84 -6.34 -0.21
C PHE A 35 -7.20 -7.00 -0.25
N ASN A 36 -7.25 -8.14 -0.92
CA ASN A 36 -8.47 -8.91 -1.03
C ASN A 36 -8.87 -9.40 0.35
N ASN A 37 -7.87 -9.85 1.09
CA ASN A 37 -8.09 -10.34 2.45
C ASN A 37 -8.50 -9.18 3.35
N SER A 38 -7.97 -8.01 3.04
CA SER A 38 -8.28 -6.81 3.81
C SER A 38 -9.77 -6.54 3.71
N ILE A 39 -10.35 -6.93 2.60
CA ILE A 39 -11.79 -6.74 2.40
C ILE A 39 -12.51 -7.62 3.40
N LYS A 40 -11.86 -8.72 3.72
CA LYS A 40 -12.39 -9.65 4.69
C LYS A 40 -12.16 -9.14 6.09
N SER A 41 -10.89 -9.14 6.48
CA SER A 41 -10.47 -8.67 7.78
C SER A 41 -10.66 -7.16 7.90
N GLY A 42 -10.09 -6.44 6.94
CA GLY A 42 -10.17 -4.98 6.93
C GLY A 42 -11.61 -4.54 6.73
N ASP A 43 -12.24 -5.08 5.70
CA ASP A 43 -13.62 -4.74 5.40
C ASP A 43 -13.78 -3.24 5.18
N ASP A 44 -13.43 -2.45 6.18
CA ASP A 44 -13.53 -1.00 6.08
C ASP A 44 -12.35 -0.33 6.78
N THR A 45 -11.16 -0.54 6.23
CA THR A 45 -9.96 0.06 6.80
C THR A 45 -8.73 -0.25 5.93
N TYR A 46 -7.61 0.41 6.25
CA TYR A 46 -6.37 0.20 5.51
C TYR A 46 -6.53 0.67 4.06
N HIS A 47 -7.77 0.80 3.60
CA HIS A 47 -8.03 1.24 2.24
C HIS A 47 -7.34 2.57 1.98
N GLY A 48 -6.11 2.51 1.48
CA GLY A 48 -5.35 3.71 1.19
C GLY A 48 -4.11 3.41 0.37
N HIS A 49 -3.45 4.46 -0.10
CA HIS A 49 -2.25 4.29 -0.90
C HIS A 49 -1.21 5.35 -0.53
N VAL A 50 0.07 5.21 -0.79
CA VAL A 50 1.15 6.14 -0.48
C VAL A 50 1.85 6.59 -1.77
N ASP A 51 2.21 7.73 -1.90
CA ASP A 51 2.87 8.25 -3.08
C ASP A 51 4.19 8.93 -2.73
N TRP A 52 5.19 8.72 -3.57
CA TRP A 52 6.50 9.33 -3.35
C TRP A 52 6.73 10.41 -4.40
N LEU A 53 7.32 11.39 -4.12
CA LEU A 53 7.57 12.49 -5.04
C LEU A 53 9.05 12.61 -5.35
N MET A 54 9.37 13.41 -6.31
CA MET A 54 10.74 13.59 -6.73
C MET A 54 11.61 14.13 -5.59
N TYR A 55 10.98 14.36 -4.44
CA TYR A 55 11.72 14.88 -3.28
C TYR A 55 10.81 14.98 -2.05
N THR A 56 9.58 14.64 -2.05
CA THR A 56 8.64 14.69 -0.93
C THR A 56 7.81 13.41 -0.87
N ASP A 57 7.21 13.02 0.15
CA ASP A 57 6.37 11.83 0.33
C ASP A 57 4.91 12.24 0.51
N ALA A 58 4.01 11.39 0.03
CA ALA A 58 2.58 11.68 0.15
C ALA A 58 1.83 10.49 0.71
N LYS A 59 0.69 10.75 1.34
CA LYS A 59 -0.13 9.70 1.93
C LYS A 59 -1.60 10.01 1.70
N GLU A 60 -2.37 8.98 1.36
CA GLU A 60 -3.79 9.17 1.13
C GLU A 60 -4.58 8.00 1.70
N PHE A 61 -4.79 8.03 3.01
CA PHE A 61 -5.54 6.97 3.67
C PHE A 61 -6.99 7.39 3.87
N SER A 62 -7.19 8.44 4.66
CA SER A 62 -8.53 8.93 4.92
C SER A 62 -8.84 10.16 4.08
N SER A 63 -10.06 10.23 3.56
CA SER A 63 -10.46 11.36 2.72
C SER A 63 -10.77 12.57 3.58
N THR A 64 -11.36 13.59 2.98
CA THR A 64 -11.71 14.81 3.70
C THR A 64 -13.22 15.02 3.71
ZN ZN B . 0.47 -7.66 1.95
PG ATP C . -5.82 8.62 -8.84
O1G ATP C . -6.87 9.60 -9.19
O2G ATP C . -4.70 9.33 -7.93
O3G ATP C . -5.14 8.03 -10.17
PB ATP C . -6.63 6.17 -9.04
O1B ATP C . -7.27 6.65 -10.28
O2B ATP C . -5.18 5.56 -9.37
O3B ATP C . -6.48 7.40 -8.01
PA ATP C . -6.95 4.75 -6.90
O1A ATP C . -6.93 6.00 -6.11
O2A ATP C . -5.45 4.18 -7.05
O3A ATP C . -7.56 5.04 -8.36
O5' ATP C . -7.86 3.63 -6.16
C5' ATP C . -8.99 4.29 -5.58
C4' ATP C . -9.14 3.86 -4.12
O4' ATP C . -8.94 2.41 -4.01
C3' ATP C . -8.08 4.54 -3.22
O3' ATP C . -8.71 5.36 -2.23
C2' ATP C . -7.28 3.39 -2.60
O2' ATP C . -7.02 3.65 -1.23
C1' ATP C . -8.17 2.16 -2.81
N9 ATP C . -7.34 0.97 -3.01
C8 ATP C . -7.10 0.35 -4.20
N7 ATP C . -6.51 -0.79 -4.01
C5 ATP C . -6.12 -0.86 -2.72
C6 ATP C . -5.35 -1.76 -1.94
N6 ATP C . -4.97 -2.99 -2.45
N1 ATP C . -4.98 -1.39 -0.68
C2 ATP C . -5.60 -0.38 -0.05
N3 ATP C . -6.41 0.44 -0.72
C4 ATP C . -6.65 0.27 -2.05
H5'1 ATP C . -8.84 5.37 -5.62
H5'2 ATP C . -9.89 4.03 -6.13
H4' ATP C . -10.14 4.14 -3.80
H3' ATP C . -7.43 5.22 -3.78
HO3' ATP C . -8.32 5.18 -1.38
H2' ATP C . -6.30 3.26 -3.06
HO2' ATP C . -6.08 3.86 -1.11
H1' ATP C . -8.81 1.98 -1.94
H8 ATP C . -7.53 1.10 -4.88
HN61 ATP C . -5.68 -3.67 -2.22
HN62 ATP C . -4.08 -3.27 -2.05
H2 ATP C . -5.80 0.18 0.86
N GLY A 1 7.59 0.43 23.05
CA GLY A 1 7.92 1.69 22.32
C GLY A 1 7.51 1.54 20.86
N SER A 2 7.99 0.48 20.22
CA SER A 2 7.68 0.23 18.82
C SER A 2 6.39 -0.57 18.69
N PHE A 3 5.64 -0.33 17.62
CA PHE A 3 4.39 -1.04 17.40
C PHE A 3 4.15 -1.26 15.90
N ARG A 4 5.23 -1.33 15.14
CA ARG A 4 5.14 -1.54 13.70
C ARG A 4 4.34 -0.41 13.04
N VAL A 5 3.65 -0.74 11.96
CA VAL A 5 2.85 0.25 11.24
C VAL A 5 1.46 -0.30 10.95
N LYS A 6 0.77 0.31 9.99
CA LYS A 6 -0.58 -0.14 9.63
C LYS A 6 -0.56 -0.79 8.25
N PRO A 7 -0.05 -0.10 7.25
CA PRO A 7 0.02 -0.65 5.86
C PRO A 7 0.73 -1.99 5.82
N CYS A 8 1.03 -2.46 4.62
CA CYS A 8 1.73 -3.74 4.47
C CYS A 8 3.23 -3.52 4.46
N VAL A 9 3.95 -4.59 4.20
CA VAL A 9 5.41 -4.56 4.13
C VAL A 9 5.83 -5.67 3.21
N VAL A 10 5.04 -5.81 2.15
CA VAL A 10 5.26 -6.86 1.19
C VAL A 10 4.74 -8.15 1.77
N CYS A 11 4.54 -8.14 3.09
CA CYS A 11 4.08 -9.32 3.77
C CYS A 11 4.92 -10.47 3.29
N LYS A 12 6.02 -10.10 2.63
CA LYS A 12 6.95 -11.05 2.09
C LYS A 12 6.20 -12.17 1.43
N VAL A 13 4.92 -11.90 1.21
CA VAL A 13 4.05 -12.86 0.56
C VAL A 13 3.31 -12.16 -0.56
N ALA A 14 3.68 -10.90 -0.80
CA ALA A 14 3.03 -10.13 -1.85
C ALA A 14 3.75 -8.79 -2.07
N PRO A 15 3.66 -8.22 -3.25
CA PRO A 15 4.29 -6.91 -3.58
C PRO A 15 3.35 -5.72 -3.35
N ARG A 16 3.30 -5.24 -2.10
CA ARG A 16 2.45 -4.10 -1.76
C ARG A 16 2.03 -3.35 -3.02
N ASP A 17 1.01 -3.87 -3.68
CA ASP A 17 0.50 -3.27 -4.91
C ASP A 17 1.02 -1.84 -5.07
N TRP A 18 1.76 -1.61 -6.15
CA TRP A 18 2.29 -0.28 -6.39
C TRP A 18 2.24 0.10 -7.86
N ARG A 19 2.27 1.40 -8.13
CA ARG A 19 2.22 1.90 -9.49
C ARG A 19 3.14 3.11 -9.64
N VAL A 20 3.49 3.44 -10.87
CA VAL A 20 4.37 4.57 -11.12
C VAL A 20 3.57 5.74 -11.70
N LYS A 21 3.68 6.89 -11.03
CA LYS A 21 2.94 8.07 -11.46
C LYS A 21 3.87 9.27 -11.60
N ASN A 22 3.40 10.28 -12.33
CA ASN A 22 4.17 11.51 -12.57
C ASN A 22 5.42 11.58 -11.68
N ARG A 23 6.53 11.08 -12.19
CA ARG A 23 7.81 11.12 -11.46
C ARG A 23 7.61 10.67 -10.01
N HIS A 24 6.40 10.30 -9.66
CA HIS A 24 6.10 9.85 -8.31
C HIS A 24 5.80 8.36 -8.30
N LEU A 25 5.87 7.77 -7.12
CA LEU A 25 5.58 6.35 -6.99
C LEU A 25 4.24 6.22 -6.30
N ARG A 26 3.61 5.07 -6.43
CA ARG A 26 2.32 4.86 -5.81
C ARG A 26 2.27 3.49 -5.16
N ILE A 27 2.11 3.47 -3.84
CA ILE A 27 2.04 2.23 -3.12
C ILE A 27 0.62 2.02 -2.59
N TYR A 28 0.26 0.78 -2.34
CA TYR A 28 -1.07 0.46 -1.83
C TYR A 28 -0.96 0.02 -0.38
N ASN A 29 -1.78 0.62 0.47
CA ASN A 29 -1.75 0.31 1.90
C ASN A 29 -1.62 -1.20 2.13
N MET A 30 -1.91 -1.98 1.10
CA MET A 30 -1.82 -3.44 1.23
C MET A 30 -1.65 -4.10 -0.12
N CYS A 31 -0.96 -5.24 -0.12
CA CYS A 31 -0.74 -5.98 -1.34
C CYS A 31 -2.06 -6.53 -1.88
N LYS A 32 -2.00 -7.10 -3.08
CA LYS A 32 -3.19 -7.66 -3.71
C LYS A 32 -3.82 -8.73 -2.82
N THR A 33 -2.97 -9.61 -2.30
CA THR A 33 -3.45 -10.68 -1.43
C THR A 33 -4.03 -10.10 -0.15
N CYS A 34 -3.16 -9.51 0.66
CA CYS A 34 -3.59 -8.91 1.91
C CYS A 34 -4.74 -7.92 1.66
N PHE A 35 -4.77 -7.36 0.46
CA PHE A 35 -5.83 -6.42 0.11
C PHE A 35 -7.17 -7.14 0.17
N ASN A 36 -7.20 -8.34 -0.39
CA ASN A 36 -8.40 -9.15 -0.38
C ASN A 36 -8.74 -9.51 1.06
N ASN A 37 -7.69 -9.79 1.82
CA ASN A 37 -7.84 -10.12 3.22
C ASN A 37 -8.35 -8.91 3.98
N SER A 38 -7.96 -7.75 3.49
CA SER A 38 -8.39 -6.49 4.10
C SER A 38 -9.89 -6.36 3.96
N ILE A 39 -10.43 -6.95 2.90
CA ILE A 39 -11.87 -6.91 2.70
C ILE A 39 -12.50 -7.72 3.80
N LYS A 40 -11.75 -8.71 4.26
CA LYS A 40 -12.20 -9.55 5.35
C LYS A 40 -12.02 -8.83 6.67
N SER A 41 -10.76 -8.67 7.04
CA SER A 41 -10.39 -8.00 8.27
C SER A 41 -10.69 -6.51 8.18
N GLY A 42 -10.19 -5.89 7.13
CA GLY A 42 -10.38 -4.46 6.92
C GLY A 42 -11.85 -4.13 6.67
N ASP A 43 -12.46 -4.89 5.77
CA ASP A 43 -13.87 -4.68 5.44
C ASP A 43 -14.10 -3.26 4.95
N ASP A 44 -13.78 -2.29 5.80
CA ASP A 44 -13.95 -0.89 5.46
C ASP A 44 -13.05 -0.02 6.34
N THR A 45 -11.75 -0.30 6.32
CA THR A 45 -10.81 0.45 7.12
C THR A 45 -9.37 0.03 6.81
N TYR A 46 -8.85 0.49 5.69
CA TYR A 46 -7.50 0.15 5.27
C TYR A 46 -7.25 0.60 3.83
N HIS A 47 -8.34 0.88 3.12
CA HIS A 47 -8.25 1.31 1.74
C HIS A 47 -7.50 2.63 1.64
N GLY A 48 -6.25 2.58 1.18
CA GLY A 48 -5.45 3.78 1.05
C GLY A 48 -4.15 3.48 0.33
N HIS A 49 -3.50 4.52 -0.17
CA HIS A 49 -2.23 4.35 -0.89
C HIS A 49 -1.26 5.46 -0.53
N VAL A 50 0.02 5.21 -0.78
CA VAL A 50 1.07 6.18 -0.48
C VAL A 50 1.78 6.60 -1.77
N ASP A 51 2.14 7.88 -1.86
CA ASP A 51 2.82 8.36 -3.05
C ASP A 51 4.12 9.08 -2.68
N TRP A 52 5.17 8.76 -3.42
CA TRP A 52 6.47 9.38 -3.19
C TRP A 52 6.81 10.33 -4.33
N LEU A 53 7.33 11.37 -4.14
CA LEU A 53 7.68 12.34 -5.16
C LEU A 53 9.19 12.49 -5.27
N MET A 54 9.66 13.00 -6.29
CA MET A 54 11.09 13.16 -6.53
C MET A 54 11.75 13.85 -5.34
N TYR A 55 10.93 14.37 -4.43
CA TYR A 55 11.47 15.05 -3.25
C TYR A 55 10.37 15.34 -2.23
N THR A 56 9.20 14.86 -2.28
CA THR A 56 8.08 15.07 -1.36
C THR A 56 7.34 13.76 -1.10
N ASP A 57 6.58 13.59 -0.15
CA ASP A 57 5.80 12.40 0.19
C ASP A 57 4.37 12.79 0.52
N ALA A 58 3.41 12.11 -0.10
CA ALA A 58 2.01 12.40 0.13
C ALA A 58 1.23 11.13 0.47
N LYS A 59 0.07 11.29 1.09
CA LYS A 59 -0.76 10.15 1.47
C LYS A 59 -2.20 10.39 1.06
N GLU A 60 -2.88 9.34 0.64
CA GLU A 60 -4.27 9.44 0.25
C GLU A 60 -5.07 8.24 0.73
N PHE A 61 -5.43 8.25 2.01
CA PHE A 61 -6.20 7.16 2.59
C PHE A 61 -7.68 7.51 2.66
N SER A 62 -8.52 6.51 2.79
CA SER A 62 -9.96 6.74 2.88
C SER A 62 -10.31 7.59 4.10
N SER A 63 -10.45 8.89 3.89
CA SER A 63 -10.78 9.79 4.99
C SER A 63 -11.94 9.22 5.80
N THR A 64 -12.58 8.19 5.28
CA THR A 64 -13.70 7.56 5.97
C THR A 64 -13.21 6.41 6.85
ZN ZN B . 0.94 -7.59 2.27
PG ATP C . -5.37 8.82 -8.81
O1G ATP C . -6.37 9.54 -9.65
O2G ATP C . -4.80 9.83 -7.69
O3G ATP C . -4.17 8.29 -9.74
PB ATP C . -6.05 6.36 -9.14
O1B ATP C . -6.49 6.84 -10.48
O2B ATP C . -4.55 5.77 -9.26
O3B ATP C . -6.07 7.57 -8.08
PA ATP C . -6.48 4.67 -7.23
O1A ATP C . -6.42 5.79 -6.27
O2A ATP C . -5.01 4.05 -7.43
O3A ATP C . -7.05 5.19 -8.65
O5' ATP C . -7.46 3.52 -6.66
C5' ATP C . -8.58 4.15 -6.04
C4' ATP C . -8.66 3.73 -4.57
O4' ATP C . -8.39 2.30 -4.44
C3' ATP C . -7.59 4.46 -3.72
O3' ATP C . -8.21 5.42 -2.87
C2' ATP C . -6.88 3.36 -2.93
O2' ATP C . -6.79 3.70 -1.55
C1' ATP C . -7.73 2.09 -3.17
N9 ATP C . -6.86 0.91 -3.25
C8 ATP C . -6.49 0.27 -4.41
N7 ATP C . -5.91 -0.85 -4.13
C5 ATP C . -5.69 -0.91 -2.80
C6 ATP C . -5.03 -1.81 -1.93
N6 ATP C . -4.62 -3.06 -2.37
N1 ATP C . -4.80 -1.43 -0.64
C2 ATP C . -5.47 -0.40 -0.10
N3 ATP C . -6.20 0.41 -0.87
C4 ATP C . -6.30 0.23 -2.21
H5'1 ATP C . -8.47 5.23 -6.11
H5'2 ATP C . -9.50 3.85 -6.55
H4' ATP C . -9.66 3.97 -4.22
H3' ATP C . -6.89 5.02 -4.34
HO3' ATP C . -8.01 5.21 -1.95
H2' ATP C . -5.85 3.20 -3.26
HO2' ATP C . -5.88 3.87 -1.32
H1' ATP C . -8.44 1.92 -2.36
H8 ATP C . -6.86 1.00 -5.14
HN61 ATP C . -5.34 -3.74 -2.14
HN62 ATP C . -3.76 -3.32 -1.92
H2 ATP C . -5.76 0.17 0.78
N GLY A 1 21.21 -9.82 10.24
CA GLY A 1 21.66 -8.79 9.27
C GLY A 1 20.70 -8.75 8.09
N SER A 2 20.57 -9.87 7.39
CA SER A 2 19.69 -9.96 6.23
C SER A 2 18.52 -10.90 6.52
N PHE A 3 17.36 -10.33 6.83
CA PHE A 3 16.18 -11.13 7.12
C PHE A 3 15.49 -11.57 5.83
N ARG A 4 16.23 -11.49 4.72
CA ARG A 4 15.69 -11.88 3.43
C ARG A 4 14.37 -11.16 3.16
N VAL A 5 13.93 -11.20 1.91
CA VAL A 5 12.67 -10.56 1.54
C VAL A 5 11.51 -11.54 1.64
N LYS A 6 10.33 -11.04 2.00
CA LYS A 6 9.16 -11.88 2.13
C LYS A 6 8.11 -11.50 1.09
N PRO A 7 7.33 -12.46 0.65
CA PRO A 7 6.27 -12.23 -0.37
C PRO A 7 5.18 -11.27 0.16
N CYS A 8 5.03 -11.26 1.48
CA CYS A 8 4.03 -10.40 2.11
C CYS A 8 3.92 -10.75 3.60
N VAL A 9 3.15 -9.96 4.33
CA VAL A 9 2.97 -10.20 5.76
C VAL A 9 2.17 -9.05 6.33
N VAL A 10 0.96 -8.90 5.81
CA VAL A 10 0.11 -7.80 6.19
C VAL A 10 0.49 -6.64 5.30
N CYS A 11 1.56 -6.89 4.54
CA CYS A 11 2.07 -5.94 3.58
C CYS A 11 2.62 -4.71 4.25
N LYS A 12 3.18 -4.91 5.42
CA LYS A 12 3.78 -3.80 6.14
C LYS A 12 5.10 -3.47 5.50
N VAL A 13 5.51 -4.32 4.58
CA VAL A 13 6.76 -4.15 3.86
C VAL A 13 6.60 -4.68 2.45
N ALA A 14 5.35 -4.92 2.06
CA ALA A 14 5.07 -5.45 0.74
C ALA A 14 4.32 -4.44 -0.12
N PRO A 15 5.03 -3.54 -0.76
CA PRO A 15 4.41 -2.52 -1.63
C PRO A 15 3.93 -3.16 -2.93
N ARG A 16 3.88 -4.49 -2.92
CA ARG A 16 3.44 -5.26 -4.07
C ARG A 16 2.48 -4.47 -4.94
N ASP A 17 1.27 -4.23 -4.44
CA ASP A 17 0.28 -3.50 -5.22
C ASP A 17 0.66 -2.02 -5.30
N TRP A 18 1.14 -1.61 -6.47
CA TRP A 18 1.54 -0.22 -6.68
C TRP A 18 1.15 0.24 -8.08
N ARG A 19 1.08 1.50 -8.40
CA ARG A 19 0.71 2.06 -9.69
C ARG A 19 1.58 3.28 -9.98
N VAL A 20 1.69 3.72 -11.11
CA VAL A 20 2.51 4.85 -11.52
C VAL A 20 1.64 6.04 -11.91
N LYS A 21 1.74 7.11 -11.13
CA LYS A 21 0.96 8.31 -11.38
C LYS A 21 1.89 9.50 -11.64
N ASN A 22 1.79 10.08 -12.83
CA ASN A 22 2.63 11.22 -13.18
C ASN A 22 4.08 10.92 -12.83
N ARG A 23 4.75 11.89 -12.20
CA ARG A 23 6.14 11.71 -11.81
C ARG A 23 6.24 11.04 -10.44
N HIS A 24 5.08 10.70 -9.88
CA HIS A 24 5.02 10.06 -8.58
C HIS A 24 4.61 8.60 -8.72
N LEU A 25 4.99 7.80 -7.73
CA LEU A 25 4.63 6.39 -7.72
C LEU A 25 3.60 6.16 -6.63
N ARG A 26 2.61 5.41 -6.77
CA ARG A 26 1.59 5.14 -5.78
C ARG A 26 1.70 3.72 -5.25
N ILE A 27 1.80 3.55 -4.09
CA ILE A 27 1.89 2.24 -3.44
C ILE A 27 0.65 2.00 -2.61
N TYR A 28 0.37 0.74 -2.32
CA TYR A 28 -0.80 0.39 -1.53
C TYR A 28 -0.37 -0.26 -0.20
N ASN A 29 -1.25 -0.21 0.79
CA ASN A 29 -0.94 -0.78 2.09
C ASN A 29 -1.14 -2.29 2.11
N MET A 30 -1.53 -2.86 0.97
CA MET A 30 -1.75 -4.30 0.89
C MET A 30 -1.56 -4.82 -0.53
N CYS A 31 -0.80 -5.91 -0.66
CA CYS A 31 -0.55 -6.50 -1.96
C CYS A 31 -1.86 -6.77 -2.68
N LYS A 32 -1.80 -7.00 -3.98
CA LYS A 32 -2.99 -7.28 -4.78
C LYS A 32 -3.78 -8.43 -4.17
N THR A 33 -3.07 -9.47 -3.78
CA THR A 33 -3.70 -10.65 -3.19
C THR A 33 -4.35 -10.29 -1.86
N CYS A 34 -3.53 -9.97 -0.87
CA CYS A 34 -4.03 -9.61 0.45
C CYS A 34 -4.96 -8.40 0.36
N PHE A 35 -4.75 -7.57 -0.66
CA PHE A 35 -5.58 -6.39 -0.85
C PHE A 35 -7.03 -6.79 -1.03
N ASN A 36 -7.24 -7.76 -1.91
CA ASN A 36 -8.58 -8.27 -2.16
C ASN A 36 -9.09 -8.96 -0.91
N ASN A 37 -8.18 -9.68 -0.26
CA ASN A 37 -8.50 -10.39 0.97
C ASN A 37 -8.79 -9.37 2.07
N SER A 38 -8.15 -8.22 1.95
CA SER A 38 -8.36 -7.15 2.91
C SER A 38 -9.79 -6.67 2.83
N ILE A 39 -10.36 -6.80 1.64
CA ILE A 39 -11.74 -6.40 1.44
C ILE A 39 -12.61 -7.31 2.29
N LYS A 40 -12.10 -8.52 2.48
CA LYS A 40 -12.79 -9.49 3.29
C LYS A 40 -12.57 -9.15 4.77
N SER A 41 -11.34 -9.39 5.20
CA SER A 41 -10.95 -9.11 6.57
C SER A 41 -10.87 -7.60 6.83
N GLY A 42 -10.14 -6.91 5.97
CA GLY A 42 -9.96 -5.47 6.10
C GLY A 42 -11.27 -4.72 5.90
N ASP A 43 -12.06 -5.17 4.93
CA ASP A 43 -13.34 -4.53 4.65
C ASP A 43 -13.12 -3.08 4.24
N ASP A 44 -12.46 -2.32 5.10
CA ASP A 44 -12.19 -0.91 4.81
C ASP A 44 -11.48 -0.25 5.99
N THR A 45 -10.55 -0.98 6.59
CA THR A 45 -9.80 -0.45 7.73
C THR A 45 -8.40 -0.02 7.30
N TYR A 46 -7.55 -0.99 7.02
CA TYR A 46 -6.17 -0.70 6.61
C TYR A 46 -6.16 -0.11 5.21
N HIS A 47 -7.24 0.56 4.84
CA HIS A 47 -7.34 1.18 3.51
C HIS A 47 -6.48 2.44 3.46
N GLY A 48 -5.39 2.37 2.71
CA GLY A 48 -4.49 3.51 2.57
C GLY A 48 -3.42 3.22 1.52
N HIS A 49 -2.89 4.28 0.91
CA HIS A 49 -1.86 4.10 -0.10
C HIS A 49 -0.71 5.09 0.13
N VAL A 50 0.44 4.77 -0.45
CA VAL A 50 1.62 5.62 -0.30
C VAL A 50 2.05 6.18 -1.66
N ASP A 51 2.43 7.46 -1.69
CA ASP A 51 2.87 8.08 -2.92
C ASP A 51 4.30 8.60 -2.79
N TRP A 52 5.11 8.34 -3.80
CA TRP A 52 6.49 8.79 -3.81
C TRP A 52 6.67 9.90 -4.83
N LEU A 53 7.36 10.85 -4.62
CA LEU A 53 7.58 11.95 -5.53
C LEU A 53 9.01 11.93 -6.05
N MET A 54 9.28 12.69 -7.04
CA MET A 54 10.58 12.76 -7.65
C MET A 54 11.66 13.14 -6.63
N TYR A 55 11.24 13.38 -5.39
CA TYR A 55 12.20 13.74 -4.35
C TYR A 55 11.51 13.89 -2.99
N THR A 56 10.27 13.62 -2.79
CA THR A 56 9.53 13.72 -1.54
C THR A 56 8.62 12.51 -1.33
N ASP A 57 8.15 12.22 -0.23
CA ASP A 57 7.28 11.10 0.10
C ASP A 57 5.90 11.61 0.51
N ALA A 58 4.86 10.92 0.07
CA ALA A 58 3.49 11.32 0.41
C ALA A 58 2.69 10.13 0.90
N LYS A 59 1.69 10.41 1.74
CA LYS A 59 0.84 9.35 2.28
C LYS A 59 -0.60 9.82 2.34
N GLU A 60 -1.53 8.90 2.10
CA GLU A 60 -2.94 9.24 2.14
C GLU A 60 -3.73 8.11 2.80
N PHE A 61 -3.68 8.06 4.12
CA PHE A 61 -4.40 7.03 4.87
C PHE A 61 -5.70 7.58 5.43
N SER A 62 -6.79 6.84 5.22
CA SER A 62 -8.09 7.27 5.71
C SER A 62 -8.62 6.30 6.75
N SER A 63 -9.46 6.81 7.66
CA SER A 63 -10.04 5.96 8.70
C SER A 63 -11.52 6.27 8.89
N THR A 64 -12.01 6.07 10.11
CA THR A 64 -13.41 6.32 10.40
C THR A 64 -13.54 7.47 11.40
ZN ZN B . 0.34 -8.47 1.63
PG ATP C . -7.06 9.51 -7.29
O1G ATP C . -8.48 9.47 -7.66
O2G ATP C . -6.82 10.72 -6.25
O3G ATP C . -6.15 9.73 -8.60
PB ATP C . -6.86 6.95 -7.67
O1B ATP C . -7.40 7.52 -8.93
O2B ATP C . -5.47 6.22 -7.97
O3B ATP C . -6.65 8.12 -6.58
PA ATP C . -7.31 5.34 -5.70
O1A ATP C . -7.26 6.45 -4.71
O2A ATP C . -5.82 4.78 -5.93
O3A ATP C . -7.91 5.88 -7.09
O5' ATP C . -8.24 4.17 -5.12
C5' ATP C . -7.54 3.59 -4.01
C4' ATP C . -8.28 3.93 -2.71
O4' ATP C . -8.76 2.72 -2.06
C3' ATP C . -7.37 4.63 -1.71
O3' ATP C . -8.10 5.57 -0.93
C2' ATP C . -6.78 3.49 -0.87
O2' ATP C . -6.70 3.87 0.50
C1' ATP C . -7.75 2.30 -1.10
N9 ATP C . -7.01 1.14 -1.63
C8 ATP C . -7.03 0.69 -2.92
N7 ATP C . -6.22 -0.31 -3.06
C5 ATP C . -5.72 -0.65 -1.86
C6 ATP C . -4.91 -1.70 -1.35
N6 ATP C . -4.57 -2.78 -2.15
N1 ATP C . -4.46 -1.63 -0.07
C2 ATP C . -4.94 -0.73 0.80
N3 ATP C . -5.75 0.24 0.38
C4 ATP C . -6.17 0.31 -0.92
H5'1 ATP C . -7.50 2.50 -4.14
H5'2 ATP C . -6.53 3.99 -3.97
H4' ATP C . -9.11 4.57 -3.01
H3' ATP C . -6.58 5.22 -2.19
HO3' ATP C . -8.04 5.33 -0.01
H2' ATP C . -5.77 3.23 -1.17
HO2' ATP C . -5.78 4.04 0.72
H1' ATP C . -8.21 1.99 -0.16
H8 ATP C . -7.75 1.39 -3.34
HN61 ATP C . -4.22 -3.54 -1.58
HN62 ATP C . -3.85 -2.49 -2.81
H2 ATP C . -5.00 -0.33 1.81
N GLY A 1 15.98 -19.38 -3.98
CA GLY A 1 15.66 -19.27 -5.43
C GLY A 1 14.16 -19.08 -5.60
N SER A 2 13.41 -19.37 -4.54
CA SER A 2 11.96 -19.22 -4.59
C SER A 2 11.42 -18.87 -3.20
N PHE A 3 10.10 -18.87 -3.06
CA PHE A 3 9.47 -18.56 -1.80
C PHE A 3 10.13 -19.34 -0.66
N ARG A 4 10.81 -18.61 0.23
CA ARG A 4 11.49 -19.25 1.35
C ARG A 4 10.73 -18.98 2.65
N VAL A 5 10.26 -17.75 2.80
CA VAL A 5 9.51 -17.37 3.99
C VAL A 5 8.14 -16.80 3.62
N LYS A 6 7.15 -17.02 4.48
CA LYS A 6 5.81 -16.53 4.22
C LYS A 6 5.87 -15.15 3.56
N PRO A 7 5.35 -15.01 2.36
CA PRO A 7 5.37 -13.70 1.64
C PRO A 7 4.43 -12.69 2.27
N CYS A 8 4.62 -11.41 1.94
CA CYS A 8 3.79 -10.36 2.50
C CYS A 8 3.77 -10.47 4.03
N VAL A 9 3.18 -9.48 4.68
CA VAL A 9 3.10 -9.47 6.15
C VAL A 9 2.27 -8.29 6.56
N VAL A 10 1.02 -8.28 6.09
CA VAL A 10 0.14 -7.17 6.35
C VAL A 10 0.46 -6.13 5.30
N CYS A 11 1.49 -6.47 4.53
CA CYS A 11 1.95 -5.66 3.43
C CYS A 11 2.51 -4.35 3.89
N LYS A 12 2.70 -4.24 5.18
CA LYS A 12 3.25 -3.02 5.73
C LYS A 12 4.71 -2.93 5.35
N VAL A 13 5.15 -3.97 4.67
CA VAL A 13 6.52 -4.05 4.18
C VAL A 13 6.53 -4.72 2.83
N ALA A 14 5.33 -4.91 2.28
CA ALA A 14 5.19 -5.54 0.97
C ALA A 14 4.32 -4.71 0.04
N PRO A 15 4.74 -3.51 -0.28
CA PRO A 15 3.98 -2.61 -1.19
C PRO A 15 3.64 -3.27 -2.51
N ARG A 16 4.02 -4.55 -2.62
CA ARG A 16 3.78 -5.33 -3.82
C ARG A 16 2.82 -4.63 -4.78
N ASP A 17 1.64 -4.24 -4.29
CA ASP A 17 0.68 -3.56 -5.14
C ASP A 17 0.98 -2.07 -5.24
N TRP A 18 1.46 -1.66 -6.40
CA TRP A 18 1.79 -0.25 -6.63
C TRP A 18 1.36 0.17 -8.03
N ARG A 19 1.23 1.48 -8.23
CA ARG A 19 0.81 2.00 -9.52
C ARG A 19 1.58 3.28 -9.86
N VAL A 20 1.58 3.64 -11.13
CA VAL A 20 2.28 4.85 -11.56
C VAL A 20 1.27 5.94 -11.92
N LYS A 21 1.44 7.11 -11.33
CA LYS A 21 0.55 8.22 -11.59
C LYS A 21 1.34 9.48 -11.94
N ASN A 22 1.42 9.77 -13.24
CA ASN A 22 2.14 10.94 -13.71
C ASN A 22 3.62 10.87 -13.31
N ARG A 23 4.07 11.84 -12.52
CA ARG A 23 5.46 11.89 -12.10
C ARG A 23 5.65 11.23 -10.74
N HIS A 24 4.55 10.84 -10.11
CA HIS A 24 4.61 10.21 -8.80
C HIS A 24 4.26 8.73 -8.88
N LEU A 25 4.69 7.97 -7.88
CA LEU A 25 4.40 6.54 -7.83
C LEU A 25 3.39 6.29 -6.73
N ARG A 26 2.43 5.43 -6.98
CA ARG A 26 1.42 5.14 -5.98
C ARG A 26 1.60 3.74 -5.40
N ILE A 27 1.72 3.68 -4.09
CA ILE A 27 1.88 2.40 -3.41
C ILE A 27 0.63 2.09 -2.61
N TYR A 28 0.42 0.83 -2.30
CA TYR A 28 -0.75 0.42 -1.53
C TYR A 28 -0.34 -0.19 -0.20
N ASN A 29 -1.27 -0.22 0.75
CA ASN A 29 -0.99 -0.78 2.06
C ASN A 29 -1.28 -2.29 2.08
N MET A 30 -1.63 -2.83 0.94
CA MET A 30 -1.93 -4.26 0.85
C MET A 30 -1.61 -4.81 -0.54
N CYS A 31 -0.71 -5.78 -0.60
CA CYS A 31 -0.33 -6.38 -1.87
C CYS A 31 -1.58 -6.62 -2.72
N LYS A 32 -1.38 -6.95 -3.98
CA LYS A 32 -2.49 -7.21 -4.87
C LYS A 32 -3.34 -8.36 -4.35
N THR A 33 -2.67 -9.39 -3.84
CA THR A 33 -3.35 -10.55 -3.30
C THR A 33 -4.14 -10.16 -2.04
N CYS A 34 -3.41 -9.79 -1.00
CA CYS A 34 -4.03 -9.39 0.26
C CYS A 34 -4.96 -8.21 0.04
N PHE A 35 -4.67 -7.40 -0.96
CA PHE A 35 -5.49 -6.23 -1.25
C PHE A 35 -6.94 -6.68 -1.43
N ASN A 36 -7.11 -7.72 -2.23
CA ASN A 36 -8.43 -8.28 -2.47
C ASN A 36 -8.96 -8.88 -1.18
N ASN A 37 -8.07 -9.58 -0.49
CA ASN A 37 -8.42 -10.21 0.78
C ASN A 37 -8.69 -9.15 1.82
N SER A 38 -8.00 -8.03 1.67
CA SER A 38 -8.17 -6.91 2.59
C SER A 38 -9.62 -6.47 2.55
N ILE A 39 -10.24 -6.68 1.40
CA ILE A 39 -11.64 -6.34 1.25
C ILE A 39 -12.44 -7.23 2.16
N LYS A 40 -11.90 -8.42 2.38
CA LYS A 40 -12.53 -9.39 3.25
C LYS A 40 -12.26 -9.01 4.70
N SER A 41 -11.00 -9.20 5.07
CA SER A 41 -10.54 -8.89 6.41
C SER A 41 -10.52 -7.39 6.64
N GLY A 42 -9.85 -6.68 5.74
CA GLY A 42 -9.73 -5.23 5.86
C GLY A 42 -11.09 -4.56 5.71
N ASP A 43 -11.84 -4.99 4.71
CA ASP A 43 -13.16 -4.43 4.47
C ASP A 43 -13.06 -2.93 4.19
N ASP A 44 -12.47 -2.21 5.13
CA ASP A 44 -12.31 -0.77 4.98
C ASP A 44 -11.50 -0.21 6.16
N THR A 45 -10.45 -0.91 6.54
CA THR A 45 -9.60 -0.48 7.64
C THR A 45 -8.19 -0.17 7.15
N TYR A 46 -7.46 -1.22 6.77
CA TYR A 46 -6.10 -1.05 6.28
C TYR A 46 -6.09 -0.28 4.96
N HIS A 47 -7.21 0.33 4.63
CA HIS A 47 -7.31 1.10 3.39
C HIS A 47 -6.40 2.32 3.44
N GLY A 48 -5.33 2.28 2.67
CA GLY A 48 -4.38 3.39 2.63
C GLY A 48 -3.34 3.17 1.53
N HIS A 49 -2.82 4.27 1.00
CA HIS A 49 -1.81 4.19 -0.06
C HIS A 49 -0.74 5.24 0.15
N VAL A 50 0.42 5.02 -0.47
CA VAL A 50 1.53 5.97 -0.34
C VAL A 50 1.91 6.52 -1.71
N ASP A 51 2.34 7.78 -1.75
CA ASP A 51 2.75 8.40 -3.00
C ASP A 51 4.14 9.02 -2.87
N TRP A 52 4.98 8.81 -3.89
CA TRP A 52 6.33 9.35 -3.89
C TRP A 52 6.45 10.46 -4.93
N LEU A 53 7.16 11.52 -4.59
CA LEU A 53 7.34 12.62 -5.53
C LEU A 53 8.77 12.68 -6.05
N MET A 54 9.06 11.78 -6.99
CA MET A 54 10.37 11.69 -7.61
C MET A 54 11.50 11.94 -6.62
N TYR A 55 11.17 12.00 -5.32
CA TYR A 55 12.19 12.23 -4.31
C TYR A 55 11.58 12.37 -2.91
N THR A 56 10.29 12.68 -2.86
CA THR A 56 9.62 12.84 -1.58
C THR A 56 8.64 11.69 -1.34
N ASP A 57 8.29 11.47 -0.07
CA ASP A 57 7.36 10.40 0.29
C ASP A 57 6.23 10.94 1.17
N ALA A 58 5.01 10.52 0.86
CA ALA A 58 3.86 10.97 1.63
C ALA A 58 2.89 9.80 1.86
N LYS A 59 2.03 9.95 2.87
CA LYS A 59 1.06 8.90 3.18
C LYS A 59 -0.36 9.44 3.15
N GLU A 60 -1.29 8.61 2.69
CA GLU A 60 -2.68 9.00 2.63
C GLU A 60 -3.57 7.84 3.03
N PHE A 61 -3.65 7.61 4.35
CA PHE A 61 -4.48 6.52 4.88
C PHE A 61 -5.94 6.74 4.51
N SER A 62 -6.24 7.91 3.98
CA SER A 62 -7.61 8.23 3.59
C SER A 62 -8.53 8.24 4.81
N SER A 63 -8.85 9.44 5.30
CA SER A 63 -9.71 9.56 6.47
C SER A 63 -9.90 11.04 6.82
N THR A 64 -11.17 11.47 6.86
CA THR A 64 -11.48 12.85 7.19
C THR A 64 -12.99 13.04 7.33
ZN ZN B . 0.19 -8.37 1.84
PG ATP C . -7.95 7.20 -9.97
O1G ATP C . -9.29 6.59 -9.77
O2G ATP C . -8.08 8.39 -11.04
O3G ATP C . -6.92 6.09 -10.51
PB ATP C . -7.11 6.53 -7.62
O1B ATP C . -8.26 5.60 -7.63
O2B ATP C . -5.81 5.76 -8.17
O3B ATP C . -7.43 7.79 -8.57
PA ATP C . -6.52 5.75 -5.24
O1A ATP C . -5.93 6.16 -3.95
O2A ATP C . -5.48 4.80 -6.02
O3A ATP C . -6.84 7.04 -6.13
O5' ATP C . -7.87 4.93 -4.96
C5' ATP C . -7.55 3.90 -4.03
C4' ATP C . -8.20 4.21 -2.68
O4' ATP C . -8.66 3.00 -2.03
C3' ATP C . -7.20 4.86 -1.72
O3' ATP C . -7.85 5.83 -0.89
C2' ATP C . -6.64 3.70 -0.91
O2' ATP C . -6.52 4.05 0.48
C1' ATP C . -7.62 2.53 -1.14
N9 ATP C . -6.92 1.39 -1.73
C8 ATP C . -6.96 0.99 -3.03
N7 ATP C . -6.17 -0.03 -3.23
C5 ATP C . -5.66 -0.42 -2.04
C6 ATP C . -4.85 -1.50 -1.60
N6 ATP C . -4.49 -2.52 -2.46
N1 ATP C . -4.41 -1.51 -0.31
C2 ATP C . -4.88 -0.63 0.60
N3 ATP C . -5.68 0.36 0.23
C4 ATP C . -6.10 0.50 -1.06
H5'1 ATP C . -7.93 2.94 -4.40
H5'2 ATP C . -6.48 3.84 -3.92
H4' ATP C . -9.03 4.90 -2.89
H3' ATP C . -6.41 5.41 -2.23
HO3' ATP C . -7.71 5.61 0.03
H2' ATP C . -5.62 3.42 -1.22
HO2' ATP C . -5.60 4.23 0.69
H1' ATP C . -8.05 2.20 -0.18
H8 ATP C . -7.67 1.73 -3.42
HN61 ATP C . -3.86 -3.15 -1.99
HN62 ATP C . -4.05 -2.13 -3.28
H2 ATP C . -4.93 -0.28 1.62
N GLY A 1 -8.74 -24.34 -3.17
CA GLY A 1 -7.39 -23.73 -3.34
C GLY A 1 -7.47 -22.58 -4.33
N SER A 2 -6.78 -21.49 -4.01
CA SER A 2 -6.78 -20.32 -4.89
C SER A 2 -5.39 -20.07 -5.45
N PHE A 3 -5.32 -19.73 -6.74
CA PHE A 3 -4.04 -19.47 -7.39
C PHE A 3 -3.01 -20.49 -6.95
N ARG A 4 -1.74 -20.20 -7.24
CA ARG A 4 -0.65 -21.11 -6.86
C ARG A 4 0.67 -20.35 -6.80
N VAL A 5 0.59 -19.03 -6.62
CA VAL A 5 1.79 -18.20 -6.55
C VAL A 5 1.91 -17.56 -5.17
N LYS A 6 1.89 -18.36 -4.12
CA LYS A 6 2.00 -17.85 -2.76
C LYS A 6 1.43 -16.43 -2.69
N PRO A 7 0.19 -16.30 -2.29
CA PRO A 7 -0.49 -14.98 -2.18
C PRO A 7 0.34 -13.97 -1.38
N CYS A 8 -0.33 -13.16 -0.56
CA CYS A 8 0.36 -12.16 0.24
C CYS A 8 1.72 -12.70 0.69
N VAL A 9 2.60 -11.79 1.10
CA VAL A 9 3.93 -12.21 1.56
C VAL A 9 4.81 -11.00 1.85
N VAL A 10 4.22 -9.81 1.77
CA VAL A 10 4.97 -8.59 2.04
C VAL A 10 4.28 -7.82 3.14
N CYS A 11 3.14 -8.34 3.57
CA CYS A 11 2.36 -7.70 4.63
C CYS A 11 3.26 -7.23 5.73
N LYS A 12 4.18 -8.08 6.10
CA LYS A 12 5.12 -7.74 7.13
C LYS A 12 5.80 -6.43 6.74
N VAL A 13 5.50 -6.04 5.52
CA VAL A 13 6.02 -4.82 4.94
C VAL A 13 5.07 -4.38 3.85
N ALA A 14 3.84 -4.90 3.94
CA ALA A 14 2.79 -4.61 2.97
C ALA A 14 3.31 -3.92 1.72
N PRO A 15 3.67 -2.66 1.77
CA PRO A 15 4.17 -1.91 0.61
C PRO A 15 4.68 -2.83 -0.51
N ARG A 16 3.72 -3.44 -1.22
CA ARG A 16 4.04 -4.34 -2.32
C ARG A 16 3.45 -3.79 -3.62
N ASP A 17 2.16 -4.01 -3.81
CA ASP A 17 1.50 -3.53 -5.02
C ASP A 17 1.71 -2.03 -5.18
N TRP A 18 2.20 -1.61 -6.34
CA TRP A 18 2.44 -0.20 -6.59
C TRP A 18 2.05 0.15 -8.02
N ARG A 19 1.85 1.29 -8.55
CA ARG A 19 1.45 1.76 -9.86
C ARG A 19 2.15 3.08 -10.19
N VAL A 20 2.18 3.58 -11.17
CA VAL A 20 2.83 4.81 -11.58
C VAL A 20 1.80 5.85 -12.00
N LYS A 21 1.99 7.07 -11.51
CA LYS A 21 1.07 8.15 -11.82
C LYS A 21 1.83 9.43 -12.10
N ASN A 22 1.76 9.92 -13.34
CA ASN A 22 2.45 11.15 -13.72
C ASN A 22 3.90 11.12 -13.24
N ARG A 23 4.30 12.18 -12.53
CA ARG A 23 5.66 12.28 -12.03
C ARG A 23 5.78 11.63 -10.65
N HIS A 24 4.69 11.06 -10.17
CA HIS A 24 4.69 10.42 -8.87
C HIS A 24 4.42 8.92 -8.99
N LEU A 25 4.86 8.18 -7.98
CA LEU A 25 4.65 6.74 -7.96
C LEU A 25 3.63 6.43 -6.87
N ARG A 26 2.70 5.59 -7.13
CA ARG A 26 1.68 5.26 -6.15
C ARG A 26 1.90 3.87 -5.56
N ILE A 27 2.13 3.77 -4.29
CA ILE A 27 2.35 2.50 -3.60
C ILE A 27 1.13 2.18 -2.73
N TYR A 28 0.94 0.81 -2.46
CA TYR A 28 -0.20 0.40 -1.64
C TYR A 28 0.26 -0.13 -0.30
N ASN A 29 -0.64 -0.08 0.69
CA ASN A 29 -0.31 -0.57 2.02
C ASN A 29 -0.78 -2.01 2.21
N MET A 30 -0.41 -2.88 1.28
CA MET A 30 -0.82 -4.28 1.34
C MET A 30 -0.78 -4.91 -0.03
N CYS A 31 -0.33 -6.16 -0.05
CA CYS A 31 -0.22 -6.91 -1.29
C CYS A 31 -1.59 -7.16 -1.90
N LYS A 32 -1.60 -7.41 -3.19
CA LYS A 32 -2.84 -7.67 -3.93
C LYS A 32 -3.74 -8.63 -3.17
N THR A 33 -3.14 -9.61 -2.51
CA THR A 33 -3.90 -10.60 -1.76
C THR A 33 -4.62 -9.95 -0.59
N CYS A 34 -3.84 -9.53 0.41
CA CYS A 34 -4.41 -8.89 1.58
C CYS A 34 -5.44 -7.85 1.17
N PHE A 35 -5.25 -7.27 0.00
CA PHE A 35 -6.16 -6.25 -0.49
C PHE A 35 -7.55 -6.84 -0.68
N ASN A 36 -7.59 -8.01 -1.30
CA ASN A 36 -8.83 -8.72 -1.53
C ASN A 36 -9.41 -9.16 -0.19
N ASN A 37 -8.53 -9.64 0.67
CA ASN A 37 -8.92 -10.11 1.99
C ASN A 37 -9.39 -8.92 2.82
N SER A 38 -8.77 -7.78 2.59
CA SER A 38 -9.14 -6.57 3.30
C SER A 38 -10.61 -6.29 3.05
N ILE A 39 -11.06 -6.69 1.88
CA ILE A 39 -12.46 -6.49 1.54
C ILE A 39 -13.30 -7.34 2.45
N LYS A 40 -12.71 -8.47 2.85
CA LYS A 40 -13.38 -9.38 3.76
C LYS A 40 -13.28 -8.84 5.17
N SER A 41 -12.06 -8.90 5.70
CA SER A 41 -11.78 -8.43 7.04
C SER A 41 -11.88 -6.91 7.11
N GLY A 42 -11.17 -6.24 6.21
CA GLY A 42 -11.15 -4.79 6.17
C GLY A 42 -12.52 -4.23 5.82
N ASP A 43 -13.15 -4.83 4.81
CA ASP A 43 -14.47 -4.37 4.39
C ASP A 43 -14.38 -2.93 3.91
N ASP A 44 -13.81 -2.07 4.74
CA ASP A 44 -13.65 -0.66 4.41
C ASP A 44 -12.63 -0.01 5.34
N THR A 45 -11.43 -0.59 5.38
CA THR A 45 -10.36 -0.06 6.24
C THR A 45 -9.01 -0.53 5.75
N TYR A 46 -7.95 -0.08 6.42
CA TYR A 46 -6.59 -0.47 6.05
C TYR A 46 -6.27 0.01 4.64
N HIS A 47 -7.28 0.45 3.91
CA HIS A 47 -7.08 0.92 2.55
C HIS A 47 -6.27 2.22 2.55
N GLY A 48 -4.99 2.12 2.23
CA GLY A 48 -4.12 3.29 2.18
C GLY A 48 -3.03 3.12 1.14
N HIS A 49 -2.49 4.23 0.65
CA HIS A 49 -1.43 4.16 -0.35
C HIS A 49 -0.35 5.21 -0.10
N VAL A 50 0.81 4.99 -0.69
CA VAL A 50 1.93 5.91 -0.53
C VAL A 50 2.28 6.53 -1.88
N ASP A 51 2.58 7.83 -1.88
CA ASP A 51 2.92 8.52 -3.12
C ASP A 51 4.30 9.16 -3.03
N TRP A 52 5.10 8.98 -4.07
CA TRP A 52 6.43 9.55 -4.10
C TRP A 52 6.47 10.68 -5.12
N LEU A 53 7.12 11.79 -4.77
CA LEU A 53 7.20 12.92 -5.67
C LEU A 53 8.61 13.07 -6.23
N MET A 54 8.73 13.80 -7.33
CA MET A 54 10.02 14.01 -7.97
C MET A 54 10.89 14.87 -7.08
N TYR A 55 10.63 14.85 -5.78
CA TYR A 55 11.41 15.66 -4.85
C TYR A 55 11.07 15.32 -3.40
N THR A 56 9.82 14.96 -3.14
CA THR A 56 9.39 14.62 -1.78
C THR A 56 8.44 13.43 -1.80
N ASP A 57 8.30 12.79 -0.64
CA ASP A 57 7.42 11.63 -0.53
C ASP A 57 6.19 11.97 0.31
N ALA A 58 5.07 11.31 0.01
CA ALA A 58 3.84 11.55 0.74
C ALA A 58 3.16 10.23 1.09
N LYS A 59 2.34 10.24 2.14
CA LYS A 59 1.65 9.04 2.56
C LYS A 59 0.23 9.34 3.01
N GLU A 60 -0.69 8.43 2.72
CA GLU A 60 -2.06 8.60 3.14
C GLU A 60 -2.62 7.27 3.63
N PHE A 61 -2.20 6.89 4.83
CA PHE A 61 -2.66 5.64 5.41
C PHE A 61 -4.18 5.51 5.31
N SER A 62 -4.88 6.03 6.32
CA SER A 62 -6.33 5.97 6.33
C SER A 62 -6.91 7.35 6.61
N SER A 63 -6.99 7.70 7.89
CA SER A 63 -7.53 9.00 8.28
C SER A 63 -6.41 9.91 8.79
N THR A 64 -5.75 9.47 9.86
CA THR A 64 -4.66 10.25 10.45
C THR A 64 -3.70 10.72 9.36
ZN ZN B . -0.04 -8.63 2.62
PG ATP C . -7.07 6.26 -11.03
O1G ATP C . -8.24 5.77 -11.80
O2G ATP C . -7.08 7.87 -11.00
O3G ATP C . -5.71 5.73 -11.72
PB ATP C . -6.33 4.33 -9.48
O1B ATP C . -6.54 3.58 -10.74
O2B ATP C . -4.75 4.64 -9.31
O3B ATP C . -7.15 5.70 -9.52
PA ATP C . -6.66 4.32 -6.91
O1A ATP C . -7.25 5.66 -7.13
O2A ATP C . -5.09 4.49 -6.57
O3A ATP C . -6.83 3.42 -8.25
O5' ATP C . -7.40 3.59 -5.69
C5' ATP C . -7.56 4.56 -4.65
C4' ATP C . -7.60 3.86 -3.29
O4' ATP C . -7.39 2.43 -3.44
C3' ATP C . -6.48 4.37 -2.35
O3' ATP C . -7.01 5.26 -1.37
C2' ATP C . -5.89 3.10 -1.72
O2' ATP C . -5.83 3.23 -0.31
C1' ATP C . -6.83 1.97 -2.18
N9 ATP C . -6.08 0.73 -2.39
C8 ATP C . -5.94 0.07 -3.58
N7 ATP C . -5.38 -1.08 -3.38
C5 ATP C . -4.91 -1.14 -2.12
C6 ATP C . -4.09 -2.03 -1.38
N6 ATP C . -3.59 -3.17 -1.97
N1 ATP C . -3.79 -1.73 -0.09
C2 ATP C . -4.34 -0.68 0.54
N3 ATP C . -5.14 0.16 -0.12
C4 ATP C . -5.40 0.01 -1.45
H5'1 ATP C . -6.73 5.26 -4.67
H5'2 ATP C . -8.50 5.10 -4.80
H4' ATP C . -8.58 4.08 -2.87
H3' ATP C . -5.72 4.94 -2.88
HO3' ATP C . -6.57 5.12 -0.53
H2' ATP C . -4.87 2.91 -2.04
HO2' ATP C . -4.92 3.31 -0.03
H1' ATP C . -7.60 1.76 -1.43
H8 ATP C . -6.37 0.82 -4.25
HN61 ATP C . -3.94 -3.98 -1.47
HN62 ATP C . -2.59 -3.16 -1.93
H2 ATP C . -4.46 -0.07 1.44
N GLY A 1 18.62 -24.71 -4.93
CA GLY A 1 17.38 -25.51 -4.79
C GLY A 1 16.18 -24.56 -4.72
N SER A 2 15.06 -24.99 -5.30
CA SER A 2 13.85 -24.18 -5.31
C SER A 2 13.76 -23.36 -4.02
N PHE A 3 13.19 -22.17 -4.14
CA PHE A 3 13.05 -21.29 -2.99
C PHE A 3 11.84 -20.37 -3.16
N ARG A 4 10.65 -20.98 -3.22
CA ARG A 4 9.43 -20.20 -3.40
C ARG A 4 8.95 -19.65 -2.06
N VAL A 5 9.33 -18.41 -1.76
CA VAL A 5 8.94 -17.78 -0.52
C VAL A 5 8.78 -16.27 -0.73
N LYS A 6 7.62 -15.87 -1.24
CA LYS A 6 7.35 -14.45 -1.48
C LYS A 6 6.00 -14.03 -0.92
N PRO A 7 5.54 -14.66 0.13
CA PRO A 7 4.24 -14.33 0.77
C PRO A 7 4.24 -12.92 1.35
N CYS A 8 3.09 -12.25 1.29
CA CYS A 8 2.99 -10.89 1.81
C CYS A 8 2.44 -10.87 3.23
N VAL A 9 1.64 -9.84 3.54
CA VAL A 9 1.05 -9.70 4.87
C VAL A 9 0.60 -8.27 5.01
N VAL A 10 -0.16 -7.83 4.01
CA VAL A 10 -0.64 -6.47 3.94
C VAL A 10 0.48 -5.59 3.40
N CYS A 11 1.60 -6.25 3.09
CA CYS A 11 2.77 -5.59 2.53
C CYS A 11 3.12 -4.37 3.34
N LYS A 12 2.95 -4.49 4.64
CA LYS A 12 3.27 -3.40 5.52
C LYS A 12 4.74 -3.11 5.37
N VAL A 13 5.39 -3.96 4.59
CA VAL A 13 6.81 -3.84 4.33
C VAL A 13 7.15 -4.55 3.03
N ALA A 14 6.12 -4.85 2.24
CA ALA A 14 6.32 -5.55 0.98
C ALA A 14 5.66 -4.83 -0.19
N PRO A 15 5.74 -3.52 -0.23
CA PRO A 15 5.13 -2.74 -1.33
C PRO A 15 5.17 -3.51 -2.65
N ARG A 16 4.20 -4.42 -2.81
CA ARG A 16 4.15 -5.25 -4.02
C ARG A 16 3.27 -4.62 -5.10
N ASP A 17 2.06 -4.18 -4.76
CA ASP A 17 1.21 -3.57 -5.77
C ASP A 17 1.43 -2.06 -5.82
N TRP A 18 2.08 -1.60 -6.88
CA TRP A 18 2.38 -0.17 -7.04
C TRP A 18 2.19 0.26 -8.49
N ARG A 19 2.05 1.57 -8.67
CA ARG A 19 1.86 2.14 -9.99
C ARG A 19 2.66 3.44 -10.13
N VAL A 20 2.90 3.84 -11.37
CA VAL A 20 3.67 5.06 -11.63
C VAL A 20 2.75 6.17 -12.17
N LYS A 21 2.69 7.27 -11.43
CA LYS A 21 1.86 8.40 -11.84
C LYS A 21 2.70 9.66 -11.99
N ASN A 22 2.56 10.32 -13.14
CA ASN A 22 3.32 11.54 -13.41
C ASN A 22 4.74 11.43 -12.86
N ARG A 23 5.09 12.35 -11.97
CA ARG A 23 6.43 12.36 -11.38
C ARG A 23 6.43 11.64 -10.03
N HIS A 24 5.28 11.08 -9.65
CA HIS A 24 5.16 10.36 -8.39
C HIS A 24 4.83 8.90 -8.62
N LEU A 25 5.16 8.07 -7.64
CA LEU A 25 4.87 6.64 -7.70
C LEU A 25 3.79 6.33 -6.70
N ARG A 26 2.81 5.53 -7.09
CA ARG A 26 1.72 5.20 -6.18
C ARG A 26 1.81 3.76 -5.72
N ILE A 27 1.84 3.47 -4.53
CA ILE A 27 1.91 2.14 -3.94
C ILE A 27 0.59 1.81 -3.26
N TYR A 28 0.30 0.64 -3.08
CA TYR A 28 -0.94 0.21 -2.43
C TYR A 28 -0.61 -0.51 -1.14
N ASN A 29 -1.24 -0.06 -0.05
CA ASN A 29 -0.99 -0.66 1.25
C ASN A 29 -1.37 -2.13 1.30
N MET A 30 -1.94 -2.62 0.20
CA MET A 30 -2.35 -4.02 0.14
C MET A 30 -2.37 -4.55 -1.28
N CYS A 31 -1.56 -5.57 -1.55
CA CYS A 31 -1.52 -6.15 -2.88
C CYS A 31 -2.83 -6.85 -3.21
N LYS A 32 -3.03 -7.17 -4.47
CA LYS A 32 -4.24 -7.86 -4.90
C LYS A 32 -4.67 -8.88 -3.86
N THR A 33 -3.72 -9.69 -3.42
CA THR A 33 -3.99 -10.71 -2.42
C THR A 33 -4.35 -10.08 -1.09
N CYS A 34 -3.40 -9.36 -0.50
CA CYS A 34 -3.63 -8.70 0.77
C CYS A 34 -4.80 -7.73 0.70
N PHE A 35 -5.04 -7.18 -0.48
CA PHE A 35 -6.14 -6.24 -0.67
C PHE A 35 -7.46 -6.96 -0.45
N ASN A 36 -7.58 -8.13 -1.04
CA ASN A 36 -8.78 -8.94 -0.88
C ASN A 36 -8.89 -9.40 0.56
N ASN A 37 -7.73 -9.74 1.12
CA ASN A 37 -7.66 -10.17 2.50
C ASN A 37 -8.03 -9.04 3.43
N SER A 38 -7.70 -7.83 2.99
CA SER A 38 -8.01 -6.64 3.76
C SER A 38 -9.52 -6.50 3.88
N ILE A 39 -10.22 -7.02 2.87
CA ILE A 39 -11.66 -6.97 2.91
C ILE A 39 -12.12 -7.83 4.06
N LYS A 40 -11.32 -8.85 4.30
CA LYS A 40 -11.57 -9.77 5.41
C LYS A 40 -11.10 -9.14 6.71
N SER A 41 -9.79 -9.01 6.82
CA SER A 41 -9.17 -8.43 8.01
C SER A 41 -9.49 -6.95 8.10
N GLY A 42 -9.26 -6.22 7.02
CA GLY A 42 -9.51 -4.79 6.99
C GLY A 42 -11.00 -4.51 7.14
N ASP A 43 -11.80 -5.21 6.35
CA ASP A 43 -13.24 -5.05 6.38
C ASP A 43 -13.63 -3.59 6.19
N ASP A 44 -13.30 -2.76 7.16
CA ASP A 44 -13.62 -1.33 7.08
C ASP A 44 -12.35 -0.49 7.16
N THR A 45 -11.37 -0.82 6.32
CA THR A 45 -10.11 -0.09 6.30
C THR A 45 -9.24 -0.64 5.18
N TYR A 46 -9.83 -1.46 4.33
CA TYR A 46 -9.12 -2.07 3.22
C TYR A 46 -8.63 -1.00 2.25
N HIS A 47 -8.54 0.24 2.72
CA HIS A 47 -8.09 1.34 1.87
C HIS A 47 -6.84 2.00 2.45
N GLY A 48 -6.11 2.70 1.59
CA GLY A 48 -4.89 3.40 2.01
C GLY A 48 -3.72 3.11 1.05
N HIS A 49 -3.17 4.16 0.45
CA HIS A 49 -2.06 4.00 -0.49
C HIS A 49 -0.93 4.96 -0.16
N VAL A 50 0.30 4.76 -0.54
CA VAL A 50 1.46 5.60 -0.31
C VAL A 50 1.97 6.16 -1.63
N ASP A 51 2.23 7.36 -1.78
CA ASP A 51 2.73 7.99 -2.99
C ASP A 51 4.14 8.55 -2.76
N TRP A 52 5.02 8.33 -3.73
CA TRP A 52 6.39 8.82 -3.63
C TRP A 52 6.62 9.95 -4.62
N LEU A 53 7.33 10.85 -4.40
CA LEU A 53 7.60 11.98 -5.26
C LEU A 53 9.04 11.93 -5.75
N MET A 54 9.38 12.76 -6.65
CA MET A 54 10.72 12.80 -7.23
C MET A 54 11.77 13.09 -6.17
N TYR A 55 11.34 13.29 -4.93
CA TYR A 55 12.28 13.57 -3.85
C TYR A 55 11.57 13.61 -2.50
N THR A 56 10.35 13.40 -2.30
CA THR A 56 9.58 13.41 -1.06
C THR A 56 8.63 12.24 -0.99
N ASP A 57 8.09 11.82 0.02
CA ASP A 57 7.16 10.71 0.21
C ASP A 57 5.79 11.24 0.64
N ALA A 58 4.75 10.47 0.36
CA ALA A 58 3.40 10.87 0.72
C ALA A 58 2.60 9.69 1.27
N LYS A 59 1.60 9.98 2.09
CA LYS A 59 0.77 8.94 2.68
C LYS A 59 -0.68 9.38 2.72
N GLU A 60 -1.57 8.49 2.31
CA GLU A 60 -2.99 8.81 2.33
C GLU A 60 -3.78 7.59 2.77
N PHE A 61 -3.80 7.34 4.08
CA PHE A 61 -4.53 6.20 4.62
C PHE A 61 -6.03 6.42 4.46
N SER A 62 -6.82 5.62 5.13
CA SER A 62 -8.27 5.74 5.05
C SER A 62 -8.89 5.82 6.44
N SER A 63 -9.61 6.92 6.69
CA SER A 63 -10.25 7.12 7.99
C SER A 63 -11.77 7.01 7.85
N THR A 64 -12.43 8.15 7.62
CA THR A 64 -13.87 8.17 7.46
C THR A 64 -14.27 7.59 6.11
ZN ZN B . 0.95 -7.38 0.03
PG ATP C . -5.25 9.09 -7.53
O1G ATP C . -6.67 8.78 -7.25
O2G ATP C . -4.48 9.44 -6.15
O3G ATP C . -5.15 10.35 -8.54
PB ATP C . -5.65 7.17 -9.21
O1B ATP C . -6.17 8.21 -10.13
O2B ATP C . -4.99 5.99 -10.08
O3B ATP C . -4.56 7.81 -8.22
PA ATP C . -6.20 5.73 -7.13
O1A ATP C . -5.74 6.66 -6.08
O2A ATP C . -4.96 4.88 -7.68
O3A ATP C . -6.87 6.57 -8.34
O5' ATP C . -7.30 4.73 -6.50
C5' ATP C . -6.74 4.19 -5.31
C4' ATP C . -7.55 4.67 -4.10
O4' ATP C . -8.32 3.58 -3.51
C3' ATP C . -6.64 5.21 -3.00
O3' ATP C . -7.20 6.38 -2.41
C2' ATP C . -6.51 4.06 -1.98
O2' ATP C . -6.77 4.53 -0.66
C1' ATP C . -7.54 3.00 -2.43
N9 ATP C . -6.87 1.78 -2.89
C8 ATP C . -6.85 1.29 -4.18
N7 ATP C . -6.31 0.11 -4.20
C5 ATP C . -5.87 -0.20 -2.96
C6 ATP C . -5.22 -1.32 -2.38
N6 ATP C . -5.17 -2.53 -3.04
N1 ATP C . -4.69 -1.18 -1.14
C2 ATP C . -5.01 -0.16 -0.35
N3 ATP C . -5.69 0.90 -0.84
C4 ATP C . -6.14 0.90 -2.13
H5'1 ATP C . -6.76 3.10 -5.37
H5'2 ATP C . -5.71 4.53 -5.21
H4' ATP C . -8.21 5.45 -4.48
H3' ATP C . -5.65 5.50 -3.37
HO3' ATP C . -7.54 6.17 -1.54
H2' ATP C . -5.51 3.63 -1.96
HO2' ATP C . -5.95 4.56 -0.16
H1' ATP C . -8.19 2.72 -1.60
H8 ATP C . -7.33 2.14 -4.68
HN61 ATP C . -5.85 -2.53 -3.80
HN62 ATP C . -5.37 -3.27 -2.40
H2 ATP C . -4.98 0.33 0.63
N GLY A 1 11.86 -15.90 -9.43
CA GLY A 1 12.73 -14.79 -8.94
C GLY A 1 12.92 -14.92 -7.44
N SER A 2 12.22 -14.07 -6.68
CA SER A 2 12.33 -14.10 -5.23
C SER A 2 11.54 -15.27 -4.66
N PHE A 3 12.23 -16.16 -3.97
CA PHE A 3 11.58 -17.33 -3.38
C PHE A 3 11.85 -17.39 -1.88
N ARG A 4 12.12 -16.22 -1.29
CA ARG A 4 12.39 -16.14 0.14
C ARG A 4 11.10 -15.89 0.92
N VAL A 5 10.76 -16.83 1.78
CA VAL A 5 9.55 -16.71 2.58
C VAL A 5 9.40 -15.29 3.12
N LYS A 6 8.18 -14.92 3.50
CA LYS A 6 7.90 -13.59 4.03
C LYS A 6 7.54 -12.61 2.92
N PRO A 7 6.90 -13.09 1.89
CA PRO A 7 6.47 -12.24 0.74
C PRO A 7 5.47 -11.16 1.16
N CYS A 8 4.64 -11.50 2.15
CA CYS A 8 3.64 -10.56 2.64
C CYS A 8 3.38 -10.78 4.14
N VAL A 9 2.54 -9.93 4.72
CA VAL A 9 2.20 -10.03 6.15
C VAL A 9 1.43 -8.78 6.52
N VAL A 10 0.26 -8.64 5.90
CA VAL A 10 -0.55 -7.46 6.08
C VAL A 10 0.02 -6.41 5.18
N CYS A 11 1.16 -6.77 4.57
CA CYS A 11 1.84 -5.92 3.62
C CYS A 11 2.31 -4.63 4.24
N LYS A 12 2.71 -4.70 5.48
CA LYS A 12 3.21 -3.52 6.15
C LYS A 12 4.65 -3.31 5.74
N VAL A 13 5.17 -4.28 5.01
CA VAL A 13 6.53 -4.24 4.52
C VAL A 13 6.60 -4.95 3.19
N ALA A 14 5.44 -5.17 2.60
CA ALA A 14 5.36 -5.87 1.33
C ALA A 14 4.84 -4.95 0.23
N PRO A 15 5.53 -3.87 -0.04
CA PRO A 15 5.13 -2.90 -1.10
C PRO A 15 5.04 -3.61 -2.44
N ARG A 16 4.13 -4.57 -2.52
CA ARG A 16 3.95 -5.35 -3.74
C ARG A 16 2.97 -4.68 -4.70
N ASP A 17 1.80 -4.30 -4.19
CA ASP A 17 0.81 -3.65 -5.05
C ASP A 17 1.11 -2.15 -5.16
N TRP A 18 1.61 -1.74 -6.33
CA TRP A 18 1.93 -0.34 -6.57
C TRP A 18 1.54 0.06 -7.98
N ARG A 19 1.35 1.13 -8.49
CA ARG A 19 0.97 1.63 -9.78
C ARG A 19 1.76 2.88 -10.14
N VAL A 20 1.86 3.45 -11.15
CA VAL A 20 2.59 4.63 -11.59
C VAL A 20 1.63 5.71 -12.04
N LYS A 21 1.69 6.85 -11.37
CA LYS A 21 0.82 7.97 -11.69
C LYS A 21 1.64 9.20 -12.06
N ASN A 22 1.37 9.76 -13.23
CA ASN A 22 2.12 10.93 -13.69
C ASN A 22 3.60 10.78 -13.36
N ARG A 23 4.13 11.72 -12.58
CA ARG A 23 5.55 11.66 -12.21
C ARG A 23 5.71 11.09 -10.82
N HIS A 24 4.60 10.67 -10.22
CA HIS A 24 4.63 10.09 -8.88
C HIS A 24 4.36 8.59 -8.94
N LEU A 25 4.80 7.89 -7.90
CA LEU A 25 4.58 6.46 -7.82
C LEU A 25 3.57 6.19 -6.73
N ARG A 26 2.58 5.28 -6.96
CA ARG A 26 1.55 4.99 -5.97
C ARG A 26 1.71 3.58 -5.42
N ILE A 27 1.87 3.50 -4.11
CA ILE A 27 2.01 2.22 -3.44
C ILE A 27 0.74 1.94 -2.64
N TYR A 28 0.55 0.75 -2.35
CA TYR A 28 -0.63 0.37 -1.60
C TYR A 28 -0.24 -0.27 -0.27
N ASN A 29 -1.17 -0.26 0.69
CA ASN A 29 -0.89 -0.84 1.99
C ASN A 29 -1.14 -2.35 1.98
N MET A 30 -1.59 -2.86 0.84
CA MET A 30 -1.87 -4.30 0.74
C MET A 30 -1.58 -4.82 -0.66
N CYS A 31 -0.85 -5.93 -0.74
CA CYS A 31 -0.53 -6.54 -2.03
C CYS A 31 -1.82 -6.85 -2.78
N LYS A 32 -1.71 -7.07 -4.09
CA LYS A 32 -2.88 -7.39 -4.90
C LYS A 32 -3.75 -8.45 -4.24
N THR A 33 -3.12 -9.56 -3.86
CA THR A 33 -3.83 -10.66 -3.22
C THR A 33 -4.45 -10.20 -1.91
N CYS A 34 -3.60 -9.90 -0.96
CA CYS A 34 -4.05 -9.45 0.35
C CYS A 34 -4.94 -8.21 0.20
N PHE A 35 -4.70 -7.45 -0.87
CA PHE A 35 -5.49 -6.25 -1.13
C PHE A 35 -6.94 -6.64 -1.34
N ASN A 36 -7.14 -7.67 -2.14
CA ASN A 36 -8.47 -8.17 -2.41
C ASN A 36 -9.06 -8.73 -1.13
N ASN A 37 -8.21 -9.44 -0.40
CA ASN A 37 -8.61 -10.04 0.87
C ASN A 37 -8.90 -8.95 1.88
N SER A 38 -8.14 -7.87 1.78
CA SER A 38 -8.31 -6.75 2.69
C SER A 38 -9.72 -6.22 2.55
N ILE A 39 -10.26 -6.33 1.34
CA ILE A 39 -11.62 -5.89 1.12
C ILE A 39 -12.52 -6.79 1.93
N LYS A 40 -12.08 -8.03 2.07
CA LYS A 40 -12.79 -9.02 2.85
C LYS A 40 -12.51 -8.77 4.32
N SER A 41 -11.28 -9.07 4.70
CA SER A 41 -10.83 -8.90 6.07
C SER A 41 -10.75 -7.42 6.45
N GLY A 42 -10.05 -6.66 5.62
CA GLY A 42 -9.89 -5.22 5.87
C GLY A 42 -11.21 -4.50 5.77
N ASP A 43 -12.01 -4.87 4.79
CA ASP A 43 -13.32 -4.25 4.60
C ASP A 43 -13.17 -2.76 4.33
N ASP A 44 -12.57 -2.04 5.27
CA ASP A 44 -12.37 -0.61 5.11
C ASP A 44 -11.63 -0.05 6.31
N THR A 45 -10.60 -0.76 6.75
CA THR A 45 -9.81 -0.32 7.89
C THR A 45 -8.35 -0.14 7.52
N TYR A 46 -7.84 -1.04 6.67
CA TYR A 46 -6.44 -0.97 6.25
C TYR A 46 -6.34 -0.48 4.80
N HIS A 47 -7.31 0.32 4.38
CA HIS A 47 -7.30 0.86 3.03
C HIS A 47 -6.49 2.15 2.97
N GLY A 48 -5.23 2.03 2.61
CA GLY A 48 -4.35 3.19 2.53
C GLY A 48 -3.31 3.01 1.42
N HIS A 49 -2.75 4.12 0.94
CA HIS A 49 -1.77 4.04 -0.13
C HIS A 49 -0.63 5.03 0.09
N VAL A 50 0.53 5.04 -0.33
CA VAL A 50 1.68 5.91 -0.19
C VAL A 50 2.10 6.47 -1.54
N ASP A 51 2.22 7.55 -1.90
CA ASP A 51 2.62 8.17 -3.15
C ASP A 51 4.01 8.79 -3.02
N TRP A 52 4.83 8.59 -4.05
CA TRP A 52 6.18 9.14 -4.04
C TRP A 52 6.29 10.26 -5.05
N LEU A 53 6.99 11.33 -4.68
CA LEU A 53 7.16 12.46 -5.58
C LEU A 53 8.60 12.50 -6.09
N MET A 54 8.80 13.17 -7.22
CA MET A 54 10.13 13.26 -7.79
C MET A 54 11.00 14.16 -6.93
N TYR A 55 10.66 14.24 -5.65
CA TYR A 55 11.40 15.06 -4.72
C TYR A 55 11.12 14.66 -3.27
N THR A 56 9.84 14.39 -2.98
CA THR A 56 9.46 14.00 -1.62
C THR A 56 8.39 12.90 -1.67
N ASP A 57 8.24 12.19 -0.56
CA ASP A 57 7.25 11.12 -0.49
C ASP A 57 6.16 11.47 0.51
N ALA A 58 4.99 10.84 0.37
CA ALA A 58 3.87 11.10 1.26
C ALA A 58 3.14 9.80 1.60
N LYS A 59 2.46 9.79 2.75
CA LYS A 59 1.73 8.61 3.18
C LYS A 59 0.34 9.00 3.66
N GLU A 60 -0.65 8.20 3.28
CA GLU A 60 -2.02 8.45 3.71
C GLU A 60 -2.72 7.15 4.05
N PHE A 61 -2.41 6.61 5.21
CA PHE A 61 -3.01 5.35 5.66
C PHE A 61 -4.53 5.49 5.75
N SER A 62 -4.98 6.68 6.17
CA SER A 62 -6.40 6.94 6.30
C SER A 62 -6.74 8.33 5.75
N SER A 63 -7.94 8.80 6.04
CA SER A 63 -8.36 10.12 5.56
C SER A 63 -9.14 10.86 6.64
N THR A 64 -8.71 10.72 7.89
CA THR A 64 -9.37 11.38 9.00
C THR A 64 -8.86 12.80 9.17
ZN ZN B . 0.31 -8.45 1.56
PG ATP C . -6.97 8.43 -9.60
O1G ATP C . -6.12 7.79 -10.62
O2G ATP C . -8.40 8.82 -10.24
O3G ATP C . -6.24 9.77 -9.06
PB ATP C . -6.87 5.94 -8.92
O1B ATP C . -7.40 5.79 -10.29
O2B ATP C . -5.27 5.71 -8.95
O3B ATP C . -7.20 7.41 -8.37
PA ATP C . -6.96 5.05 -6.47
O1A ATP C . -7.24 6.43 -6.01
O2A ATP C . -5.36 4.81 -6.49
O3A ATP C . -7.56 4.85 -7.96
O5' ATP C . -7.65 4.00 -5.47
C5' ATP C . -6.83 3.95 -4.30
C4' ATP C . -7.66 4.28 -3.07
O4' ATP C . -8.32 3.11 -2.54
C3' ATP C . -6.79 4.84 -1.93
O3' ATP C . -7.49 5.85 -1.20
C2' ATP C . -6.44 3.62 -1.09
O2' ATP C . -6.53 3.93 0.31
C1' ATP C . -7.45 2.53 -1.51
N9 ATP C . -6.75 1.36 -2.04
C8 ATP C . -6.70 0.96 -3.34
N7 ATP C . -6.08 -0.18 -3.45
C5 ATP C . -5.57 -0.52 -2.25
C6 ATP C . -4.76 -1.56 -1.75
N6 ATP C . -4.39 -2.62 -2.57
N1 ATP C . -4.34 -1.51 -0.46
C2 ATP C . -4.82 -0.61 0.41
N3 ATP C . -5.66 0.34 -0.01
C4 ATP C . -6.01 0.46 -1.31
H5'1 ATP C . -6.42 2.94 -4.20
H5'2 ATP C . -6.01 4.66 -4.41
H4' ATP C . -8.39 5.03 -3.40
H3' ATP C . -5.89 5.35 -2.30
HO3' ATP C . -7.51 5.61 -0.27
H2' ATP C . -5.42 3.28 -1.25
HO2' ATP C . -5.64 4.01 0.68
H1' ATP C . -8.04 2.20 -0.65
H8 ATP C . -7.23 1.81 -3.80
HN61 ATP C . -3.98 -3.35 -2.00
HN62 ATP C . -3.71 -2.29 -3.24
H2 ATP C . -4.86 -0.19 1.41
N GLY A 1 8.28 -28.28 -7.20
CA GLY A 1 7.21 -29.29 -7.41
C GLY A 1 5.88 -28.59 -7.69
N SER A 2 5.71 -27.40 -7.11
CA SER A 2 4.48 -26.64 -7.30
C SER A 2 4.46 -25.41 -6.39
N PHE A 3 5.05 -24.32 -6.86
CA PHE A 3 5.09 -23.09 -6.09
C PHE A 3 4.00 -22.13 -6.55
N ARG A 4 3.24 -21.60 -5.59
CA ARG A 4 2.15 -20.68 -5.91
C ARG A 4 2.54 -19.25 -5.54
N VAL A 5 2.16 -18.30 -6.38
CA VAL A 5 2.47 -16.90 -6.14
C VAL A 5 1.21 -16.13 -5.74
N LYS A 6 0.07 -16.81 -5.78
CA LYS A 6 -1.20 -16.19 -5.43
C LYS A 6 -1.09 -15.48 -4.08
N PRO A 7 -0.89 -16.22 -3.03
CA PRO A 7 -0.76 -15.66 -1.65
C PRO A 7 0.40 -14.68 -1.53
N CYS A 8 0.14 -13.53 -0.92
CA CYS A 8 1.18 -12.51 -0.76
C CYS A 8 2.30 -13.02 0.15
N VAL A 9 3.01 -12.09 0.77
CA VAL A 9 4.10 -12.46 1.66
C VAL A 9 4.84 -11.21 2.12
N VAL A 10 4.17 -10.07 1.98
CA VAL A 10 4.75 -8.82 2.38
C VAL A 10 3.81 -8.11 3.32
N CYS A 11 2.62 -8.67 3.49
CA CYS A 11 1.63 -8.08 4.39
C CYS A 11 2.27 -7.73 5.70
N LYS A 12 3.24 -8.54 6.08
CA LYS A 12 3.97 -8.30 7.30
C LYS A 12 4.71 -6.99 7.15
N VAL A 13 4.61 -6.47 5.94
CA VAL A 13 5.24 -5.21 5.56
C VAL A 13 4.54 -4.71 4.31
N ALA A 14 3.29 -5.17 4.16
CA ALA A 14 2.44 -4.83 3.03
C ALA A 14 3.20 -4.22 1.85
N PRO A 15 3.64 -2.99 1.95
CA PRO A 15 4.36 -2.31 0.84
C PRO A 15 4.91 -3.28 -0.20
N ARG A 16 3.99 -3.81 -1.03
CA ARG A 16 4.35 -4.75 -2.07
C ARG A 16 3.88 -4.23 -3.43
N ASP A 17 2.57 -4.27 -3.65
CA ASP A 17 2.00 -3.79 -4.90
C ASP A 17 2.21 -2.30 -5.05
N TRP A 18 2.73 -1.88 -6.20
CA TRP A 18 2.97 -0.47 -6.46
C TRP A 18 2.61 -0.13 -7.90
N ARG A 19 2.40 1.14 -8.17
CA ARG A 19 2.04 1.58 -9.51
C ARG A 19 2.74 2.89 -9.84
N VAL A 20 2.83 3.19 -11.14
CA VAL A 20 3.47 4.43 -11.58
C VAL A 20 2.43 5.41 -12.10
N LYS A 21 2.28 6.50 -11.38
CA LYS A 21 1.31 7.53 -11.75
C LYS A 21 2.01 8.84 -12.06
N ASN A 22 1.95 9.27 -13.32
CA ASN A 22 2.59 10.52 -13.72
C ASN A 22 4.03 10.56 -13.24
N ARG A 23 4.40 11.67 -12.61
CA ARG A 23 5.76 11.83 -12.10
C ARG A 23 5.86 11.28 -10.69
N HIS A 24 4.76 10.74 -10.18
CA HIS A 24 4.72 10.18 -8.83
C HIS A 24 4.57 8.66 -8.88
N LEU A 25 4.92 8.03 -7.77
CA LEU A 25 4.80 6.58 -7.66
C LEU A 25 3.64 6.29 -6.71
N ARG A 26 3.11 5.08 -6.77
CA ARG A 26 2.00 4.74 -5.89
C ARG A 26 2.22 3.38 -5.23
N ILE A 27 2.31 3.28 -4.01
CA ILE A 27 2.50 2.04 -3.25
C ILE A 27 1.24 1.74 -2.46
N TYR A 28 1.01 0.59 -2.14
CA TYR A 28 -0.17 0.19 -1.40
C TYR A 28 0.20 -0.44 -0.07
N ASN A 29 -0.71 -0.37 0.90
CA ASN A 29 -0.45 -0.94 2.22
C ASN A 29 -0.90 -2.39 2.25
N MET A 30 -0.57 -3.13 1.19
CA MET A 30 -0.94 -4.54 1.07
C MET A 30 -0.88 -4.97 -0.38
N CYS A 31 -0.38 -6.17 -0.58
CA CYS A 31 -0.26 -6.72 -1.92
C CYS A 31 -1.62 -6.83 -2.58
N LYS A 32 -1.62 -7.17 -3.87
CA LYS A 32 -2.85 -7.30 -4.64
C LYS A 32 -3.76 -8.36 -4.02
N THR A 33 -3.15 -9.41 -3.51
CA THR A 33 -3.92 -10.50 -2.91
C THR A 33 -4.64 -10.03 -1.66
N CYS A 34 -3.89 -9.67 -0.62
CA CYS A 34 -4.48 -9.20 0.61
C CYS A 34 -5.40 -8.01 0.35
N PHE A 35 -5.13 -7.28 -0.73
CA PHE A 35 -5.94 -6.13 -1.07
C PHE A 35 -7.40 -6.54 -1.20
N ASN A 36 -7.63 -7.62 -1.94
CA ASN A 36 -8.97 -8.14 -2.12
C ASN A 36 -9.48 -8.64 -0.78
N ASN A 37 -8.60 -9.31 -0.06
CA ASN A 37 -8.92 -9.84 1.25
C ASN A 37 -9.13 -8.69 2.22
N SER A 38 -8.41 -7.60 1.99
CA SER A 38 -8.51 -6.43 2.84
C SER A 38 -9.93 -5.91 2.76
N ILE A 39 -10.58 -6.14 1.63
CA ILE A 39 -11.96 -5.71 1.48
C ILE A 39 -12.79 -6.50 2.46
N LYS A 40 -12.31 -7.70 2.73
CA LYS A 40 -12.96 -8.57 3.70
C LYS A 40 -12.60 -8.14 5.11
N SER A 41 -11.33 -8.39 5.44
CA SER A 41 -10.79 -8.03 6.75
C SER A 41 -10.72 -6.52 6.92
N GLY A 42 -10.11 -5.87 5.93
CA GLY A 42 -9.95 -4.41 5.98
C GLY A 42 -11.31 -3.74 5.91
N ASP A 43 -12.13 -4.19 4.96
CA ASP A 43 -13.46 -3.63 4.79
C ASP A 43 -13.40 -2.13 4.54
N ASP A 44 -12.81 -1.40 5.47
CA ASP A 44 -12.69 0.04 5.34
C ASP A 44 -11.96 0.63 6.54
N THR A 45 -10.90 -0.05 6.99
CA THR A 45 -10.14 0.43 8.13
C THR A 45 -8.65 0.18 7.95
N TYR A 46 -8.29 -0.41 6.81
CA TYR A 46 -6.88 -0.70 6.51
C TYR A 46 -6.55 -0.28 5.09
N HIS A 47 -7.30 0.68 4.57
CA HIS A 47 -7.09 1.16 3.22
C HIS A 47 -6.22 2.41 3.22
N GLY A 48 -5.24 2.44 2.33
CA GLY A 48 -4.34 3.59 2.24
C GLY A 48 -3.17 3.27 1.31
N HIS A 49 -2.58 4.29 0.72
CA HIS A 49 -1.46 4.10 -0.19
C HIS A 49 -0.40 5.17 0.02
N VAL A 50 0.84 5.02 -0.36
CA VAL A 50 1.94 5.94 -0.23
C VAL A 50 2.40 6.40 -1.62
N ASP A 51 2.52 7.58 -1.89
CA ASP A 51 2.95 8.11 -3.17
C ASP A 51 4.16 9.01 -3.00
N TRP A 52 5.08 8.95 -3.95
CA TRP A 52 6.28 9.77 -3.90
C TRP A 52 6.22 10.84 -4.99
N LEU A 53 6.73 11.87 -4.83
CA LEU A 53 6.73 12.96 -5.79
C LEU A 53 8.14 13.20 -6.31
N MET A 54 8.28 13.98 -7.32
CA MET A 54 9.57 14.24 -7.93
C MET A 54 10.47 15.03 -6.97
N TYR A 55 9.99 15.24 -5.75
CA TYR A 55 10.77 15.98 -4.76
C TYR A 55 10.10 15.96 -3.39
N THR A 56 8.98 15.45 -3.17
CA THR A 56 8.24 15.37 -1.92
C THR A 56 7.63 13.99 -1.72
N ASP A 57 7.26 13.52 -0.62
CA ASP A 57 6.64 12.22 -0.32
C ASP A 57 5.20 12.42 0.12
N ALA A 58 4.34 11.48 -0.24
CA ALA A 58 2.93 11.57 0.13
C ALA A 58 2.48 10.32 0.87
N LYS A 59 1.46 10.47 1.71
CA LYS A 59 0.93 9.35 2.47
C LYS A 59 -0.58 9.43 2.53
N GLU A 60 -1.23 8.28 2.46
CA GLU A 60 -2.69 8.25 2.52
C GLU A 60 -3.16 7.06 3.35
N PHE A 61 -3.10 7.23 4.67
CA PHE A 61 -3.52 6.17 5.59
C PHE A 61 -5.01 6.31 5.89
N SER A 62 -5.50 7.55 5.95
CA SER A 62 -6.91 7.80 6.23
C SER A 62 -7.19 7.65 7.71
N SER A 63 -8.35 8.16 8.14
CA SER A 63 -8.74 8.09 9.54
C SER A 63 -10.25 8.26 9.69
N THR A 64 -10.76 7.85 10.85
CA THR A 64 -12.20 7.97 11.12
C THR A 64 -12.43 8.44 12.54
ZN ZN B . -0.17 -9.00 1.67
PG ATP C . -6.12 7.81 -7.88
O1G ATP C . -7.35 8.56 -7.55
O2G ATP C . -4.83 8.68 -7.44
O3G ATP C . -6.06 7.52 -9.47
PB ATP C . -6.85 5.34 -8.01
O1B ATP C . -7.84 6.02 -8.89
O2B ATP C . -5.77 4.57 -8.92
O3B ATP C . -6.12 6.42 -7.07
PA ATP C . -6.80 4.18 -5.70
O1A ATP C . -6.86 5.48 -5.01
O2A ATP C . -5.25 3.82 -6.01
O3A ATP C . -7.62 4.26 -7.09
O5' ATP C . -7.44 3.04 -4.77
C5' ATP C . -8.69 3.55 -4.27
C4' ATP C . -8.75 3.32 -2.76
O4' ATP C . -8.39 1.95 -2.42
C3' ATP C . -7.77 4.27 -2.02
O3' ATP C . -8.43 4.94 -0.94
C2' ATP C . -6.65 3.35 -1.53
O2' ATP C . -6.16 3.79 -0.27
C1' ATP C . -7.29 1.96 -1.47
N9 ATP C . -6.30 0.94 -1.86
C8 ATP C . -5.95 0.60 -3.13
N7 ATP C . -5.29 -0.52 -3.11
C5 ATP C . -4.98 -0.83 -1.83
C6 ATP C . -4.24 -1.86 -1.19
N6 ATP C . -3.81 -2.96 -1.91
N1 ATP C . -3.96 -1.73 0.13
C2 ATP C . -4.55 -0.80 0.89
N3 ATP C . -5.32 0.14 0.33
C4 ATP C . -5.56 0.15 -1.01
H5'1 ATP C . -8.76 4.60 -4.49
H5'2 ATP C . -9.51 3.02 -4.75
H4' ATP C . -9.77 3.54 -2.45
H3' ATP C . -7.39 5.06 -2.66
HO3' ATP C . -7.96 4.77 -0.13
H2' ATP C . -5.79 3.36 -2.20
HO2' ATP C . -5.28 4.16 -0.38
H1' ATP C . -7.63 1.73 -0.47
H8 ATP C . -6.39 1.43 -3.67
HN61 ATP C . -3.90 -3.78 -1.33
HN62 ATP C . -2.84 -2.84 -2.17
H2 ATP C . -4.73 -0.36 1.87
N GLY A 1 -0.67 -29.76 6.26
CA GLY A 1 -1.66 -29.32 5.23
C GLY A 1 -0.93 -28.72 4.04
N SER A 2 -1.46 -27.62 3.52
CA SER A 2 -0.85 -26.96 2.37
C SER A 2 -0.07 -25.73 2.83
N PHE A 3 1.20 -25.93 3.17
CA PHE A 3 2.04 -24.83 3.62
C PHE A 3 3.43 -24.92 3.00
N ARG A 4 3.88 -23.81 2.42
CA ARG A 4 5.20 -23.76 1.79
C ARG A 4 5.87 -22.42 2.05
N VAL A 5 5.23 -21.35 1.60
CA VAL A 5 5.78 -20.01 1.80
C VAL A 5 4.68 -18.96 1.69
N LYS A 6 4.93 -17.79 2.26
CA LYS A 6 3.94 -16.71 2.22
C LYS A 6 4.62 -15.36 2.43
N PRO A 7 5.24 -14.84 1.41
CA PRO A 7 5.94 -13.52 1.47
C PRO A 7 5.07 -12.45 2.13
N CYS A 8 3.95 -12.13 1.50
CA CYS A 8 3.04 -11.12 2.04
C CYS A 8 2.92 -11.27 3.56
N VAL A 9 2.25 -10.31 4.19
CA VAL A 9 2.07 -10.33 5.64
C VAL A 9 1.67 -8.94 6.07
N VAL A 10 0.53 -8.50 5.53
CA VAL A 10 0.06 -7.16 5.77
C VAL A 10 0.76 -6.27 4.76
N CYS A 11 1.71 -6.92 4.07
CA CYS A 11 2.47 -6.29 3.00
C CYS A 11 3.23 -5.08 3.49
N LYS A 12 3.41 -5.02 4.78
CA LYS A 12 4.15 -3.91 5.35
C LYS A 12 5.62 -4.21 5.22
N VAL A 13 5.90 -5.37 4.65
CA VAL A 13 7.26 -5.82 4.43
C VAL A 13 7.30 -6.67 3.19
N ALA A 14 6.21 -6.61 2.42
CA ALA A 14 6.10 -7.39 1.20
C ALA A 14 5.79 -6.51 0.01
N PRO A 15 6.70 -6.35 -0.92
CA PRO A 15 6.48 -5.52 -2.13
C PRO A 15 5.09 -5.76 -2.70
N ARG A 16 4.08 -5.16 -2.08
CA ARG A 16 2.72 -5.32 -2.51
C ARG A 16 2.56 -4.76 -3.92
N ASP A 17 1.37 -4.27 -4.22
CA ASP A 17 1.09 -3.71 -5.54
C ASP A 17 1.47 -2.23 -5.59
N TRP A 18 2.04 -1.82 -6.72
CA TRP A 18 2.44 -0.43 -6.90
C TRP A 18 2.13 0.01 -8.33
N ARG A 19 2.00 1.31 -8.52
CA ARG A 19 1.70 1.85 -9.84
C ARG A 19 2.46 3.14 -10.09
N VAL A 20 2.58 3.53 -11.35
CA VAL A 20 3.30 4.75 -11.70
C VAL A 20 2.33 5.85 -12.14
N LYS A 21 2.30 6.92 -11.36
CA LYS A 21 1.41 8.05 -11.66
C LYS A 21 2.23 9.31 -11.90
N ASN A 22 2.26 9.77 -13.15
CA ASN A 22 3.00 10.98 -13.50
C ASN A 22 4.45 10.86 -13.04
N ARG A 23 4.93 11.90 -12.36
CA ARG A 23 6.30 11.90 -11.87
C ARG A 23 6.38 11.27 -10.48
N HIS A 24 5.23 10.82 -9.97
CA HIS A 24 5.17 10.20 -8.67
C HIS A 24 4.91 8.70 -8.77
N LEU A 25 5.25 7.98 -7.72
CA LEU A 25 5.04 6.53 -7.69
C LEU A 25 3.91 6.22 -6.73
N ARG A 26 3.03 5.30 -7.11
CA ARG A 26 1.92 4.97 -6.25
C ARG A 26 2.08 3.57 -5.66
N ILE A 27 2.19 3.53 -4.34
CA ILE A 27 2.32 2.28 -3.62
C ILE A 27 1.04 2.01 -2.85
N TYR A 28 0.75 0.75 -2.61
CA TYR A 28 -0.45 0.38 -1.88
C TYR A 28 -0.09 -0.17 -0.50
N ASN A 29 -0.98 0.02 0.46
CA ASN A 29 -0.73 -0.45 1.81
C ASN A 29 -0.78 -1.98 1.87
N MET A 30 -1.36 -2.59 0.85
CA MET A 30 -1.45 -4.04 0.81
C MET A 30 -1.34 -4.56 -0.63
N CYS A 31 -0.92 -5.81 -0.79
CA CYS A 31 -0.80 -6.38 -2.14
C CYS A 31 -2.17 -6.47 -2.79
N LYS A 32 -2.21 -6.83 -4.06
CA LYS A 32 -3.48 -6.95 -4.77
C LYS A 32 -4.38 -8.00 -4.12
N THR A 33 -3.79 -9.13 -3.76
CA THR A 33 -4.55 -10.20 -3.13
C THR A 33 -5.03 -9.76 -1.76
N CYS A 34 -4.09 -9.59 -0.83
CA CYS A 34 -4.42 -9.16 0.51
C CYS A 34 -5.36 -7.96 0.48
N PHE A 35 -5.27 -7.18 -0.58
CA PHE A 35 -6.14 -6.01 -0.72
C PHE A 35 -7.58 -6.46 -0.81
N ASN A 36 -7.80 -7.48 -1.63
CA ASN A 36 -9.12 -8.04 -1.79
C ASN A 36 -9.54 -8.67 -0.47
N ASN A 37 -8.56 -9.31 0.16
CA ASN A 37 -8.77 -9.96 1.44
C ASN A 37 -9.06 -8.92 2.49
N SER A 38 -8.48 -7.75 2.30
CA SER A 38 -8.70 -6.65 3.23
C SER A 38 -10.17 -6.32 3.24
N ILE A 39 -10.82 -6.56 2.10
CA ILE A 39 -12.24 -6.33 1.99
C ILE A 39 -12.93 -7.31 2.91
N LYS A 40 -12.30 -8.47 3.06
CA LYS A 40 -12.80 -9.50 3.94
C LYS A 40 -12.47 -9.15 5.37
N SER A 41 -11.18 -9.26 5.67
CA SER A 41 -10.67 -8.95 6.99
C SER A 41 -10.76 -7.47 7.30
N GLY A 42 -10.24 -6.65 6.38
CA GLY A 42 -10.25 -5.21 6.55
C GLY A 42 -11.66 -4.67 6.54
N ASP A 43 -12.45 -5.14 5.58
CA ASP A 43 -13.84 -4.70 5.46
C ASP A 43 -13.90 -3.19 5.24
N ASP A 44 -13.29 -2.44 6.16
CA ASP A 44 -13.27 -0.99 6.06
C ASP A 44 -12.07 -0.41 6.80
N THR A 45 -10.88 -0.85 6.40
CA THR A 45 -9.66 -0.37 7.05
C THR A 45 -8.44 -0.71 6.19
N TYR A 46 -7.27 -0.24 6.63
CA TYR A 46 -6.03 -0.49 5.90
C TYR A 46 -6.08 0.12 4.51
N HIS A 47 -7.27 0.46 4.05
CA HIS A 47 -7.42 1.06 2.72
C HIS A 47 -6.66 2.38 2.64
N GLY A 48 -5.49 2.33 2.03
CA GLY A 48 -4.66 3.52 1.89
C GLY A 48 -3.48 3.27 0.96
N HIS A 49 -2.90 4.33 0.42
CA HIS A 49 -1.77 4.19 -0.48
C HIS A 49 -0.71 5.25 -0.21
N VAL A 50 0.50 4.99 -0.67
CA VAL A 50 1.60 5.92 -0.47
C VAL A 50 2.07 6.46 -1.81
N ASP A 51 2.33 7.77 -1.87
CA ASP A 51 2.79 8.39 -3.11
C ASP A 51 4.14 9.07 -2.89
N TRP A 52 5.07 8.81 -3.80
CA TRP A 52 6.40 9.41 -3.69
C TRP A 52 6.58 10.44 -4.80
N LEU A 53 7.16 11.47 -4.56
CA LEU A 53 7.37 12.52 -5.54
C LEU A 53 8.85 12.63 -5.88
N MET A 54 9.16 13.14 -6.99
CA MET A 54 10.54 13.29 -7.44
C MET A 54 11.40 13.95 -6.37
N TYR A 55 10.76 14.48 -5.33
CA TYR A 55 11.48 15.14 -4.26
C TYR A 55 10.59 15.35 -3.04
N THR A 56 9.41 14.86 -2.93
CA THR A 56 8.50 14.99 -1.80
C THR A 56 7.86 13.66 -1.47
N ASP A 57 7.37 13.41 -0.35
CA ASP A 57 6.72 12.18 0.08
C ASP A 57 5.29 12.46 0.54
N ALA A 58 4.37 11.56 0.19
CA ALA A 58 2.98 11.72 0.57
C ALA A 58 2.43 10.42 1.14
N LYS A 59 1.40 10.53 1.97
CA LYS A 59 0.78 9.37 2.58
C LYS A 59 -0.73 9.52 2.62
N GLU A 60 -1.43 8.42 2.37
CA GLU A 60 -2.88 8.45 2.39
C GLU A 60 -3.42 7.19 3.04
N PHE A 61 -3.38 7.17 4.37
CA PHE A 61 -3.85 6.01 5.13
C PHE A 61 -5.35 6.10 5.37
N SER A 62 -5.89 7.32 5.29
CA SER A 62 -7.32 7.53 5.50
C SER A 62 -7.67 7.32 6.98
N SER A 63 -8.92 7.00 7.24
CA SER A 63 -9.37 6.76 8.61
C SER A 63 -9.13 7.99 9.47
N THR A 64 -7.94 8.07 10.06
CA THR A 64 -7.59 9.21 10.92
C THR A 64 -6.10 9.49 10.84
ZN ZN B . 0.24 -8.46 1.21
PG ATP C . -7.11 8.37 -9.06
O1G ATP C . -7.75 9.29 -10.02
O2G ATP C . -8.18 7.88 -7.97
O3G ATP C . -5.89 9.11 -8.33
PB ATP C . -6.24 5.94 -8.76
O1B ATP C . -7.26 4.87 -8.86
O2B ATP C . -4.78 5.31 -9.03
O3B ATP C . -6.54 7.08 -9.86
PA ATP C . -5.94 5.42 -6.24
O1A ATP C . -5.62 6.00 -4.92
O2A ATP C . -4.67 4.58 -6.76
O3A ATP C . -6.28 6.59 -7.29
O5' ATP C . -7.21 4.44 -6.10
C5' ATP C . -6.93 3.54 -5.01
C4' ATP C . -7.81 3.92 -3.81
O4' ATP C . -8.33 2.74 -3.15
C3' ATP C . -7.00 4.67 -2.74
O3' ATP C . -7.82 5.65 -2.07
C2' ATP C . -6.50 3.58 -1.80
O2' ATP C . -6.57 4.01 -0.44
C1' ATP C . -7.42 2.36 -2.07
N9 ATP C . -6.61 1.20 -2.47
C8 ATP C . -6.47 0.72 -3.73
N7 ATP C . -5.77 -0.37 -3.73
C5 ATP C . -5.34 -0.61 -2.46
C6 ATP C . -4.53 -1.59 -1.84
N6 ATP C . -4.11 -2.71 -2.56
N1 ATP C . -4.16 -1.42 -0.54
C2 ATP C . -4.71 -0.47 0.22
N3 ATP C . -5.58 0.40 -0.30
C4 ATP C . -5.87 0.40 -1.64
H5'1 ATP C . -7.15 2.53 -5.32
H5'2 ATP C . -5.88 3.63 -4.74
H4' ATP C . -8.60 4.55 -4.20
H3' ATP C . -6.17 5.25 -3.15
HO3' ATP C . -7.93 5.39 -1.15
H2' ATP C . -5.46 3.33 -1.96
HO2' ATP C . -5.68 4.14 -0.09
H1' ATP C . -7.97 2.10 -1.18
H8 ATP C . -7.02 1.49 -4.28
HN61 ATP C . -4.25 -3.53 -1.99
HN62 ATP C . -3.13 -2.61 -2.78
H2 ATP C . -4.82 0.02 1.19
N GLY A 1 0.01 -11.70 -20.50
CA GLY A 1 0.63 -13.00 -20.83
C GLY A 1 0.71 -13.87 -19.58
N SER A 2 1.91 -13.96 -19.01
CA SER A 2 2.10 -14.76 -17.81
C SER A 2 2.57 -13.88 -16.65
N PHE A 3 1.90 -14.00 -15.51
CA PHE A 3 2.27 -13.22 -14.34
C PHE A 3 1.70 -13.84 -13.07
N ARG A 4 2.53 -14.63 -12.40
CA ARG A 4 2.11 -15.29 -11.16
C ARG A 4 1.47 -14.29 -10.21
N VAL A 5 1.09 -14.77 -9.02
CA VAL A 5 0.48 -13.90 -8.03
C VAL A 5 1.34 -13.83 -6.77
N LYS A 6 2.40 -14.62 -6.76
CA LYS A 6 3.32 -14.64 -5.61
C LYS A 6 2.56 -14.36 -4.31
N PRO A 7 1.94 -15.36 -3.75
CA PRO A 7 1.19 -15.23 -2.48
C PRO A 7 1.98 -14.48 -1.41
N CYS A 8 1.42 -13.38 -0.92
CA CYS A 8 2.09 -12.58 0.10
C CYS A 8 1.72 -13.04 1.50
N VAL A 9 1.07 -12.15 2.26
CA VAL A 9 0.66 -12.45 3.63
C VAL A 9 1.74 -11.92 4.57
N VAL A 10 2.26 -10.75 4.22
CA VAL A 10 3.31 -10.11 4.99
C VAL A 10 3.29 -8.62 4.73
N CYS A 11 2.53 -8.24 3.71
CA CYS A 11 2.42 -6.84 3.33
C CYS A 11 2.24 -5.99 4.57
N LYS A 12 1.76 -6.62 5.61
CA LYS A 12 1.59 -5.92 6.86
C LYS A 12 2.87 -5.17 7.12
N VAL A 13 3.88 -5.54 6.34
CA VAL A 13 5.19 -4.93 6.42
C VAL A 13 5.77 -4.79 5.02
N ALA A 14 4.92 -5.03 4.01
CA ALA A 14 5.37 -4.95 2.61
C ALA A 14 4.33 -4.27 1.73
N PRO A 15 4.75 -3.62 0.65
CA PRO A 15 3.84 -2.97 -0.32
C PRO A 15 3.51 -3.91 -1.48
N ARG A 16 4.57 -4.36 -2.15
CA ARG A 16 4.44 -5.28 -3.28
C ARG A 16 3.81 -4.58 -4.50
N ASP A 17 2.53 -4.26 -4.38
CA ASP A 17 1.82 -3.61 -5.49
C ASP A 17 2.01 -2.10 -5.47
N TRP A 18 2.48 -1.56 -6.60
CA TRP A 18 2.68 -0.12 -6.73
C TRP A 18 2.29 0.34 -8.13
N ARG A 19 2.07 1.64 -8.27
CA ARG A 19 1.67 2.18 -9.56
C ARG A 19 2.35 3.50 -9.84
N VAL A 20 2.39 3.90 -11.10
CA VAL A 20 3.02 5.16 -11.49
C VAL A 20 1.97 6.16 -11.92
N LYS A 21 1.79 7.20 -11.10
CA LYS A 21 0.80 8.24 -11.40
C LYS A 21 1.49 9.54 -11.77
N ASN A 22 1.27 9.98 -13.01
CA ASN A 22 1.87 11.23 -13.48
C ASN A 22 3.35 11.27 -13.12
N ARG A 23 3.76 12.34 -12.43
CA ARG A 23 5.15 12.48 -12.03
C ARG A 23 5.37 11.86 -10.64
N HIS A 24 4.31 11.32 -10.07
CA HIS A 24 4.38 10.69 -8.76
C HIS A 24 4.20 9.18 -8.87
N LEU A 25 4.69 8.47 -7.88
CA LEU A 25 4.54 7.02 -7.85
C LEU A 25 3.58 6.65 -6.75
N ARG A 26 2.71 5.70 -7.01
CA ARG A 26 1.75 5.31 -5.99
C ARG A 26 2.08 3.93 -5.45
N ILE A 27 2.23 3.86 -4.13
CA ILE A 27 2.53 2.59 -3.49
C ILE A 27 1.33 2.14 -2.66
N TYR A 28 1.20 0.84 -2.50
CA TYR A 28 0.10 0.27 -1.73
C TYR A 28 0.65 -0.49 -0.52
N ASN A 29 -0.21 -0.72 0.47
CA ASN A 29 0.22 -1.43 1.67
C ASN A 29 -0.01 -2.93 1.55
N MET A 30 -0.87 -3.32 0.61
CA MET A 30 -1.18 -4.75 0.42
C MET A 30 -1.17 -5.13 -1.07
N CYS A 31 -0.56 -6.26 -1.40
CA CYS A 31 -0.52 -6.71 -2.79
C CYS A 31 -1.95 -6.92 -3.27
N LYS A 32 -2.10 -7.26 -4.55
CA LYS A 32 -3.43 -7.51 -5.09
C LYS A 32 -4.11 -8.61 -4.28
N THR A 33 -3.29 -9.57 -3.83
CA THR A 33 -3.80 -10.68 -3.03
C THR A 33 -4.30 -10.17 -1.67
N CYS A 34 -3.37 -9.75 -0.82
CA CYS A 34 -3.74 -9.26 0.50
C CYS A 34 -4.64 -8.03 0.38
N PHE A 35 -4.50 -7.29 -0.71
CA PHE A 35 -5.31 -6.10 -0.94
C PHE A 35 -6.78 -6.46 -0.81
N ASN A 36 -7.16 -7.52 -1.51
CA ASN A 36 -8.53 -8.00 -1.47
C ASN A 36 -8.84 -8.53 -0.09
N ASN A 37 -7.85 -9.19 0.49
CA ASN A 37 -7.99 -9.75 1.83
C ASN A 37 -8.14 -8.63 2.84
N SER A 38 -7.43 -7.54 2.60
CA SER A 38 -7.51 -6.38 3.48
C SER A 38 -8.96 -5.94 3.57
N ILE A 39 -9.69 -6.19 2.49
CA ILE A 39 -11.10 -5.87 2.47
C ILE A 39 -11.78 -6.75 3.49
N LYS A 40 -11.18 -7.93 3.68
CA LYS A 40 -11.67 -8.89 4.65
C LYS A 40 -11.20 -8.49 6.04
N SER A 41 -9.89 -8.52 6.21
CA SER A 41 -9.26 -8.16 7.47
C SER A 41 -9.45 -6.69 7.78
N GLY A 42 -9.08 -5.85 6.81
CA GLY A 42 -9.21 -4.41 6.98
C GLY A 42 -10.67 -4.02 7.11
N ASP A 43 -11.48 -4.52 6.18
CA ASP A 43 -12.92 -4.24 6.19
C ASP A 43 -13.18 -2.74 6.16
N ASP A 44 -12.71 -2.05 7.20
CA ASP A 44 -12.91 -0.60 7.31
C ASP A 44 -13.25 0.01 5.95
N THR A 45 -12.25 0.09 5.08
CA THR A 45 -12.45 0.67 3.76
C THR A 45 -11.66 -0.14 2.73
N TYR A 46 -10.38 0.17 2.62
CA TYR A 46 -9.51 -0.52 1.67
C TYR A 46 -8.09 -0.55 2.20
N HIS A 47 -7.74 0.50 2.96
CA HIS A 47 -6.42 0.67 3.58
C HIS A 47 -5.82 2.03 3.22
N GLY A 48 -4.52 2.05 2.91
CA GLY A 48 -3.87 3.31 2.58
C GLY A 48 -2.75 3.10 1.55
N HIS A 49 -2.36 4.18 0.90
CA HIS A 49 -1.30 4.10 -0.10
C HIS A 49 -0.32 5.25 0.07
N VAL A 50 0.88 5.07 -0.47
CA VAL A 50 1.93 6.08 -0.37
C VAL A 50 2.22 6.69 -1.75
N ASP A 51 2.44 8.00 -1.78
CA ASP A 51 2.74 8.68 -3.03
C ASP A 51 4.08 9.41 -2.94
N TRP A 52 4.90 9.26 -3.98
CA TRP A 52 6.21 9.90 -4.01
C TRP A 52 6.22 11.02 -5.06
N LEU A 53 6.84 12.15 -4.73
CA LEU A 53 6.88 13.26 -5.67
C LEU A 53 8.30 13.45 -6.22
N MET A 54 8.67 12.58 -7.15
CA MET A 54 9.98 12.64 -7.79
C MET A 54 11.09 13.01 -6.81
N TYR A 55 10.77 13.10 -5.53
CA TYR A 55 11.77 13.45 -4.54
C TYR A 55 11.17 13.54 -3.13
N THR A 56 9.86 13.73 -3.06
CA THR A 56 9.18 13.82 -1.78
C THR A 56 8.28 12.62 -1.54
N ASP A 57 7.93 12.38 -0.28
CA ASP A 57 7.07 11.26 0.07
C ASP A 57 5.94 11.72 0.99
N ALA A 58 4.74 11.23 0.73
CA ALA A 58 3.59 11.58 1.54
C ALA A 58 2.69 10.36 1.77
N LYS A 59 1.85 10.42 2.80
CA LYS A 59 0.96 9.31 3.09
C LYS A 59 -0.50 9.73 2.95
N GLU A 60 -1.31 8.84 2.40
CA GLU A 60 -2.72 9.13 2.21
C GLU A 60 -3.55 7.88 2.52
N PHE A 61 -3.76 7.63 3.80
CA PHE A 61 -4.52 6.47 4.23
C PHE A 61 -5.86 6.89 4.83
N SER A 62 -6.45 6.00 5.62
CA SER A 62 -7.73 6.29 6.25
C SER A 62 -7.67 6.02 7.75
N SER A 63 -7.64 4.75 8.12
CA SER A 63 -7.58 4.37 9.52
C SER A 63 -6.33 3.53 9.81
N THR A 64 -5.91 2.76 8.81
CA THR A 64 -4.73 1.91 8.98
C THR A 64 -3.49 2.76 9.25
ZN ZN B . 1.11 -8.52 0.63
PG ATP C . -7.19 6.86 -10.27
O1G ATP C . -7.59 5.44 -10.28
O2G ATP C . -8.15 7.69 -11.27
O3G ATP C . -5.67 7.01 -10.76
PB ATP C . -6.90 6.27 -7.78
O1B ATP C . -7.98 5.27 -7.68
O2B ATP C . -5.56 5.57 -8.32
O3B ATP C . -7.34 7.46 -8.79
PA ATP C . -6.11 5.70 -5.38
O1A ATP C . -5.60 6.25 -4.10
O2A ATP C . -4.95 4.88 -6.13
O3A ATP C . -6.62 6.91 -6.32
O5' ATP C . -7.34 4.70 -5.07
C5' ATP C . -6.87 3.75 -4.11
C4' ATP C . -7.59 3.98 -2.77
O4' ATP C . -7.99 2.71 -2.18
C3' ATP C . -6.68 4.67 -1.75
O3' ATP C . -7.42 5.58 -0.94
C2' ATP C . -6.07 3.52 -0.94
O2' ATP C . -6.06 3.83 0.46
C1' ATP C . -6.94 2.29 -1.26
N9 ATP C . -6.13 1.24 -1.87
C8 ATP C . -6.16 0.85 -3.19
N7 ATP C . -5.49 -0.25 -3.35
C5 ATP C . -4.87 -0.56 -2.19
C6 ATP C . -4.03 -1.62 -1.73
N6 ATP C . -3.83 -2.72 -2.53
N1 ATP C . -3.43 -1.50 -0.52
C2 ATP C . -3.74 -0.52 0.33
N3 ATP C . -4.56 0.46 -0.04
C4 ATP C . -5.19 0.45 -1.24
H5'1 ATP C . -7.08 2.75 -4.47
H5'2 ATP C . -5.81 3.89 -3.97
H4' ATP C . -8.46 4.59 -3.00
H3' ATP C . -5.90 5.28 -2.22
HO3' ATP C . -7.33 5.34 -0.01
H2' ATP C . -5.03 3.34 -1.20
HO2' ATP C . -5.16 3.95 0.75
H1' ATP C . -7.38 1.87 -0.34
H8 ATP C . -6.77 1.66 -3.59
HN61 ATP C . -3.19 -3.35 -2.07
HN62 ATP C . -3.45 -2.43 -3.42
H2 ATP C . -3.64 -0.05 1.31
#